data_2EAO
#
_entry.id   2EAO
#
_cell.length_a   1.000
_cell.length_b   1.000
_cell.length_c   1.000
_cell.angle_alpha   90.00
_cell.angle_beta   90.00
_cell.angle_gamma   90.00
#
_symmetry.space_group_name_H-M   'P 1'
#
_entity_poly.entity_id   1
_entity_poly.type   'polypeptide(L)'
_entity_poly.pdbx_seq_one_letter_code
;GSSGSSGSQPLLDRSIPDFTAFTTVDDWLSAIKMVQYRDSFLTAGFTSLQLVTQMTSEDLLRIGITLAGHQKKILNSIHS
MRVQISQSPTAMASGPSSG
;
_entity_poly.pdbx_strand_id   A
#
# COMPACT_ATOMS: atom_id res chain seq x y z
N GLY A 1 18.37 -25.55 27.31
CA GLY A 1 17.22 -26.30 27.79
C GLY A 1 16.48 -27.00 26.67
N SER A 2 15.25 -27.42 26.96
CA SER A 2 14.44 -28.12 25.97
C SER A 2 13.16 -27.35 25.67
N SER A 3 13.30 -26.25 24.94
CA SER A 3 12.15 -25.42 24.58
C SER A 3 12.33 -24.81 23.20
N GLY A 4 11.22 -24.45 22.56
CA GLY A 4 11.27 -23.86 21.24
C GLY A 4 11.20 -24.90 20.15
N SER A 5 10.12 -25.68 20.14
CA SER A 5 9.94 -26.72 19.13
C SER A 5 8.75 -26.41 18.24
N SER A 6 8.98 -26.43 16.93
CA SER A 6 7.92 -26.15 15.97
C SER A 6 7.74 -27.30 14.99
N GLY A 7 6.53 -27.85 14.93
CA GLY A 7 6.26 -28.95 14.03
C GLY A 7 5.53 -28.52 12.78
N SER A 8 5.99 -27.43 12.18
CA SER A 8 5.36 -26.91 10.97
C SER A 8 6.22 -25.82 10.34
N GLN A 9 6.33 -25.83 9.02
CA GLN A 9 7.11 -24.84 8.30
C GLN A 9 6.37 -23.51 8.21
N PRO A 10 7.11 -22.43 7.94
CA PRO A 10 6.54 -21.09 7.82
C PRO A 10 5.69 -20.93 6.55
N LEU A 11 4.39 -21.13 6.70
CA LEU A 11 3.47 -21.00 5.57
C LEU A 11 3.34 -19.55 5.14
N LEU A 12 2.61 -19.33 4.04
CA LEU A 12 2.40 -17.98 3.51
C LEU A 12 1.05 -17.44 3.94
N ASP A 13 0.82 -16.16 3.67
CA ASP A 13 -0.45 -15.51 4.02
C ASP A 13 -1.52 -15.81 2.97
N ARG A 14 -2.52 -16.58 3.38
CA ARG A 14 -3.61 -16.95 2.47
C ARG A 14 -4.67 -15.85 2.44
N SER A 15 -4.81 -15.13 3.56
CA SER A 15 -5.79 -14.07 3.66
C SER A 15 -5.20 -12.73 3.18
N ILE A 16 -5.84 -12.13 2.18
CA ILE A 16 -5.37 -10.86 1.64
C ILE A 16 -6.27 -9.71 2.10
N PRO A 17 -5.63 -8.62 2.55
CA PRO A 17 -6.34 -7.43 3.04
C PRO A 17 -7.03 -6.68 1.90
N ASP A 18 -7.72 -5.60 2.25
CA ASP A 18 -8.43 -4.79 1.27
C ASP A 18 -7.56 -3.61 0.82
N PHE A 19 -6.96 -3.73 -0.36
CA PHE A 19 -6.11 -2.68 -0.90
C PHE A 19 -6.94 -1.46 -1.29
N THR A 20 -8.20 -1.70 -1.62
CA THR A 20 -9.10 -0.62 -2.02
C THR A 20 -9.88 -0.09 -0.83
N ALA A 21 -9.20 0.09 0.30
CA ALA A 21 -9.83 0.60 1.51
C ALA A 21 -8.95 1.66 2.17
N PHE A 22 -8.15 2.35 1.36
CA PHE A 22 -7.26 3.38 1.88
C PHE A 22 -7.65 4.76 1.32
N THR A 23 -6.80 5.75 1.56
CA THR A 23 -7.06 7.10 1.08
C THR A 23 -5.88 8.02 1.37
N THR A 24 -5.31 7.86 2.56
CA THR A 24 -4.17 8.69 2.97
C THR A 24 -3.05 7.82 3.55
N VAL A 25 -1.83 8.37 3.56
CA VAL A 25 -0.69 7.64 4.09
C VAL A 25 -0.89 7.29 5.56
N ASP A 26 -1.30 8.28 6.34
CA ASP A 26 -1.54 8.07 7.77
C ASP A 26 -2.49 6.91 8.00
N ASP A 27 -3.50 6.79 7.14
CA ASP A 27 -4.47 5.71 7.25
C ASP A 27 -3.89 4.39 6.76
N TRP A 28 -3.32 4.41 5.56
CA TRP A 28 -2.72 3.22 4.98
C TRP A 28 -1.72 2.59 5.94
N LEU A 29 -0.74 3.38 6.36
CA LEU A 29 0.29 2.90 7.28
C LEU A 29 -0.33 2.33 8.55
N SER A 30 -1.41 2.95 9.00
CA SER A 30 -2.11 2.50 10.20
C SER A 30 -2.81 1.17 9.96
N ALA A 31 -3.01 0.84 8.69
CA ALA A 31 -3.68 -0.41 8.33
C ALA A 31 -2.67 -1.54 8.17
N ILE A 32 -1.39 -1.20 8.25
CA ILE A 32 -0.33 -2.19 8.13
C ILE A 32 0.59 -2.18 9.35
N LYS A 33 0.16 -1.48 10.39
CA LYS A 33 0.94 -1.38 11.62
C LYS A 33 2.23 -0.61 11.40
N MET A 34 2.31 0.07 10.25
CA MET A 34 3.50 0.86 9.92
C MET A 34 3.22 2.34 10.08
N VAL A 35 2.23 2.67 10.89
CA VAL A 35 1.86 4.07 11.12
C VAL A 35 3.03 4.86 11.68
N GLN A 36 3.99 4.15 12.27
CA GLN A 36 5.18 4.78 12.84
C GLN A 36 5.89 5.64 11.79
N TYR A 37 5.71 5.30 10.52
CA TYR A 37 6.34 6.03 9.43
C TYR A 37 5.34 6.99 8.79
N ARG A 38 4.37 7.44 9.56
CA ARG A 38 3.36 8.37 9.07
C ARG A 38 3.95 9.76 8.86
N ASP A 39 5.01 10.06 9.61
CA ASP A 39 5.67 11.35 9.51
C ASP A 39 6.78 11.32 8.47
N SER A 40 7.35 10.14 8.26
CA SER A 40 8.43 9.97 7.29
C SER A 40 7.94 10.30 5.88
N PHE A 41 6.75 9.82 5.54
CA PHE A 41 6.18 10.05 4.23
C PHE A 41 5.62 11.47 4.12
N LEU A 42 4.94 11.92 5.18
CA LEU A 42 4.36 13.25 5.21
C LEU A 42 5.42 14.32 4.92
N THR A 43 6.43 14.37 5.77
CA THR A 43 7.51 15.35 5.62
C THR A 43 8.24 15.13 4.30
N ALA A 44 8.30 13.88 3.85
CA ALA A 44 8.97 13.55 2.60
C ALA A 44 8.25 14.16 1.41
N GLY A 45 6.97 14.49 1.60
CA GLY A 45 6.19 15.08 0.53
C GLY A 45 5.06 14.17 0.08
N PHE A 46 5.15 12.89 0.43
CA PHE A 46 4.13 11.92 0.06
C PHE A 46 2.95 11.96 1.02
N THR A 47 1.99 12.83 0.73
CA THR A 47 0.81 12.96 1.58
C THR A 47 -0.35 12.12 1.06
N SER A 48 -0.33 11.83 -0.24
CA SER A 48 -1.38 11.04 -0.87
C SER A 48 -0.82 9.71 -1.37
N LEU A 49 -1.58 8.64 -1.14
CA LEU A 49 -1.16 7.31 -1.57
C LEU A 49 -0.92 7.26 -3.08
N GLN A 50 -1.63 8.12 -3.81
CA GLN A 50 -1.50 8.18 -5.26
C GLN A 50 -0.04 8.40 -5.66
N LEU A 51 0.72 9.05 -4.78
CA LEU A 51 2.13 9.32 -5.05
C LEU A 51 3.01 8.17 -4.54
N VAL A 52 2.53 7.49 -3.51
CA VAL A 52 3.27 6.36 -2.94
C VAL A 52 3.15 5.12 -3.81
N THR A 53 2.05 5.04 -4.57
CA THR A 53 1.81 3.91 -5.44
C THR A 53 2.87 3.81 -6.53
N GLN A 54 3.47 4.95 -6.86
CA GLN A 54 4.51 5.00 -7.90
C GLN A 54 5.89 5.09 -7.26
N MET A 55 6.02 4.57 -6.04
CA MET A 55 7.29 4.59 -5.34
C MET A 55 7.96 3.21 -5.38
N THR A 56 9.10 3.09 -4.70
CA THR A 56 9.82 1.82 -4.66
C THR A 56 10.60 1.68 -3.35
N SER A 57 11.20 0.51 -3.15
CA SER A 57 11.96 0.24 -1.94
C SER A 57 13.00 1.34 -1.70
N GLU A 58 13.52 1.91 -2.79
CA GLU A 58 14.52 2.96 -2.70
C GLU A 58 13.96 4.18 -1.97
N ASP A 59 12.74 4.57 -2.34
CA ASP A 59 12.09 5.72 -1.72
C ASP A 59 12.01 5.55 -0.20
N LEU A 60 11.85 4.31 0.23
CA LEU A 60 11.76 4.01 1.66
C LEU A 60 13.07 4.36 2.37
N LEU A 61 14.19 4.02 1.75
CA LEU A 61 15.50 4.29 2.33
C LEU A 61 15.84 5.77 2.21
N ARG A 62 15.15 6.46 1.32
CA ARG A 62 15.38 7.89 1.11
C ARG A 62 14.77 8.71 2.24
N ILE A 63 13.59 8.29 2.69
CA ILE A 63 12.90 8.99 3.77
C ILE A 63 13.46 8.59 5.12
N GLY A 64 14.01 7.39 5.20
CA GLY A 64 14.57 6.91 6.46
C GLY A 64 14.38 5.41 6.64
N ILE A 65 13.24 4.91 6.21
CA ILE A 65 12.95 3.48 6.33
C ILE A 65 14.07 2.63 5.76
N THR A 66 14.88 2.06 6.65
CA THR A 66 16.00 1.23 6.23
C THR A 66 15.92 -0.16 6.87
N LEU A 67 14.71 -0.57 7.21
CA LEU A 67 14.49 -1.88 7.84
C LEU A 67 14.00 -2.88 6.81
N ALA A 68 14.87 -3.82 6.44
CA ALA A 68 14.52 -4.85 5.47
C ALA A 68 13.26 -5.60 5.90
N GLY A 69 13.09 -5.77 7.20
CA GLY A 69 11.92 -6.47 7.70
C GLY A 69 10.67 -5.63 7.64
N HIS A 70 10.84 -4.31 7.53
CA HIS A 70 9.71 -3.39 7.47
C HIS A 70 9.33 -3.10 6.02
N GLN A 71 10.36 -2.90 5.18
CA GLN A 71 10.12 -2.61 3.77
C GLN A 71 9.40 -3.76 3.08
N LYS A 72 9.57 -4.97 3.61
CA LYS A 72 8.93 -6.15 3.06
C LYS A 72 7.41 -6.02 3.11
N LYS A 73 6.92 -5.26 4.08
CA LYS A 73 5.49 -5.05 4.25
C LYS A 73 5.00 -3.90 3.37
N ILE A 74 5.71 -2.79 3.41
CA ILE A 74 5.36 -1.62 2.61
C ILE A 74 5.27 -1.97 1.14
N LEU A 75 6.38 -2.42 0.57
CA LEU A 75 6.43 -2.79 -0.84
C LEU A 75 5.33 -3.78 -1.18
N ASN A 76 5.09 -4.73 -0.27
CA ASN A 76 4.05 -5.74 -0.48
C ASN A 76 2.69 -5.10 -0.64
N SER A 77 2.51 -3.93 -0.02
CA SER A 77 1.25 -3.21 -0.09
C SER A 77 1.21 -2.28 -1.30
N ILE A 78 2.26 -1.47 -1.45
CA ILE A 78 2.35 -0.54 -2.57
C ILE A 78 2.13 -1.25 -3.90
N HIS A 79 2.82 -2.38 -4.07
CA HIS A 79 2.70 -3.15 -5.30
C HIS A 79 1.24 -3.50 -5.59
N SER A 80 0.52 -3.93 -4.56
CA SER A 80 -0.88 -4.30 -4.71
C SER A 80 -1.75 -3.06 -4.88
N MET A 81 -1.27 -1.94 -4.34
CA MET A 81 -2.01 -0.68 -4.43
C MET A 81 -2.04 -0.18 -5.87
N ARG A 82 -0.86 0.02 -6.45
CA ARG A 82 -0.75 0.51 -7.82
C ARG A 82 -1.58 -0.34 -8.76
N VAL A 83 -1.61 -1.65 -8.50
CA VAL A 83 -2.38 -2.58 -9.33
C VAL A 83 -3.87 -2.32 -9.21
N GLN A 84 -4.35 -2.23 -7.97
CA GLN A 84 -5.77 -2.00 -7.72
C GLN A 84 -6.15 -0.56 -8.07
N ILE A 85 -5.74 0.38 -7.23
CA ILE A 85 -6.04 1.79 -7.45
C ILE A 85 -5.05 2.41 -8.43
N SER A 86 -5.32 3.64 -8.84
CA SER A 86 -4.46 4.35 -9.78
C SER A 86 -4.31 3.57 -11.08
N GLN A 87 -5.14 3.92 -12.06
CA GLN A 87 -5.11 3.24 -13.36
C GLN A 87 -3.95 3.76 -14.20
N SER A 88 -2.81 3.07 -14.11
CA SER A 88 -1.63 3.47 -14.87
C SER A 88 -1.16 2.33 -15.77
N PRO A 89 -1.91 2.08 -16.85
CA PRO A 89 -1.58 1.02 -17.81
C PRO A 89 -0.34 1.33 -18.63
N THR A 90 -0.02 0.45 -19.57
CA THR A 90 1.16 0.64 -20.41
C THR A 90 1.05 1.92 -21.23
N ALA A 91 2.18 2.58 -21.42
CA ALA A 91 2.21 3.83 -22.18
C ALA A 91 2.99 3.65 -23.48
N MET A 92 4.25 3.21 -23.37
CA MET A 92 5.09 2.99 -24.54
C MET A 92 4.63 1.77 -25.32
N ALA A 93 3.75 1.98 -26.29
CA ALA A 93 3.24 0.90 -27.11
C ALA A 93 2.66 1.43 -28.42
N SER A 94 2.05 0.53 -29.19
CA SER A 94 1.45 0.91 -30.47
C SER A 94 2.52 1.46 -31.42
N GLY A 95 2.09 1.82 -32.63
CA GLY A 95 3.01 2.36 -33.61
C GLY A 95 3.47 3.76 -33.26
N PRO A 96 4.50 4.24 -33.97
CA PRO A 96 5.07 5.57 -33.75
C PRO A 96 4.12 6.68 -34.20
N SER A 97 3.21 6.35 -35.10
CA SER A 97 2.24 7.31 -35.61
C SER A 97 0.89 6.65 -35.87
N SER A 98 -0.14 7.12 -35.16
CA SER A 98 -1.48 6.57 -35.31
C SER A 98 -2.52 7.68 -35.21
N GLY A 99 -2.46 8.47 -34.15
CA GLY A 99 -3.40 9.55 -33.95
C GLY A 99 -3.00 10.49 -32.83
N GLY A 1 -31.70 -2.67 7.73
CA GLY A 1 -30.92 -2.46 8.95
C GLY A 1 -30.16 -3.69 9.38
N SER A 2 -30.11 -3.95 10.68
CA SER A 2 -29.40 -5.10 11.21
C SER A 2 -30.24 -6.36 11.06
N SER A 3 -29.80 -7.28 10.20
CA SER A 3 -30.51 -8.52 9.97
C SER A 3 -29.67 -9.47 9.13
N GLY A 4 -30.04 -10.76 9.14
CA GLY A 4 -29.31 -11.75 8.37
C GLY A 4 -29.93 -12.00 7.02
N SER A 5 -29.83 -11.02 6.12
CA SER A 5 -30.39 -11.14 4.79
C SER A 5 -29.89 -12.40 4.10
N SER A 6 -30.68 -12.92 3.16
CA SER A 6 -30.32 -14.13 2.43
C SER A 6 -29.02 -13.93 1.67
N GLY A 7 -27.97 -14.64 2.10
CA GLY A 7 -26.68 -14.52 1.43
C GLY A 7 -25.78 -15.70 1.72
N SER A 8 -25.03 -16.13 0.71
CA SER A 8 -24.12 -17.26 0.86
C SER A 8 -23.04 -16.96 1.89
N GLN A 9 -22.69 -17.96 2.68
CA GLN A 9 -21.67 -17.80 3.71
C GLN A 9 -20.61 -18.90 3.59
N PRO A 10 -19.78 -18.81 2.54
CA PRO A 10 -18.71 -19.77 2.29
C PRO A 10 -17.58 -19.67 3.32
N LEU A 11 -16.62 -20.58 3.22
CA LEU A 11 -15.48 -20.59 4.14
C LEU A 11 -14.62 -19.35 3.95
N LEU A 12 -13.87 -19.00 4.98
CA LEU A 12 -12.99 -17.83 4.93
C LEU A 12 -11.57 -18.19 5.37
N ASP A 13 -10.68 -18.31 4.40
CA ASP A 13 -9.29 -18.65 4.67
C ASP A 13 -8.38 -17.43 4.47
N ARG A 14 -8.61 -16.70 3.39
CA ARG A 14 -7.81 -15.52 3.08
C ARG A 14 -8.41 -14.28 3.74
N SER A 15 -7.56 -13.31 4.06
CA SER A 15 -7.99 -12.07 4.70
C SER A 15 -7.24 -10.87 4.14
N ILE A 16 -7.46 -10.59 2.86
CA ILE A 16 -6.80 -9.47 2.20
C ILE A 16 -7.57 -8.17 2.43
N PRO A 17 -6.84 -7.10 2.79
CA PRO A 17 -7.43 -5.79 3.05
C PRO A 17 -7.94 -5.13 1.77
N ASP A 18 -8.41 -3.89 1.90
CA ASP A 18 -8.92 -3.15 0.75
C ASP A 18 -7.88 -2.15 0.26
N PHE A 19 -7.29 -2.43 -0.90
CA PHE A 19 -6.29 -1.55 -1.47
C PHE A 19 -6.93 -0.29 -2.06
N THR A 20 -8.15 -0.42 -2.54
CA THR A 20 -8.87 0.70 -3.12
C THR A 20 -9.73 1.40 -2.07
N ALA A 21 -9.16 1.62 -0.90
CA ALA A 21 -9.88 2.27 0.19
C ALA A 21 -8.94 3.16 1.01
N PHE A 22 -7.87 3.63 0.38
CA PHE A 22 -6.89 4.47 1.05
C PHE A 22 -6.94 5.90 0.50
N THR A 23 -6.87 6.88 1.40
CA THR A 23 -6.91 8.28 1.01
C THR A 23 -5.70 9.03 1.54
N THR A 24 -5.25 8.67 2.74
CA THR A 24 -4.10 9.30 3.37
C THR A 24 -3.10 8.27 3.86
N VAL A 25 -1.82 8.52 3.60
CA VAL A 25 -0.76 7.60 4.03
C VAL A 25 -0.88 7.28 5.51
N ASP A 26 -1.34 8.26 6.29
CA ASP A 26 -1.50 8.08 7.73
C ASP A 26 -2.46 6.92 8.03
N ASP A 27 -3.46 6.75 7.18
CA ASP A 27 -4.43 5.68 7.35
C ASP A 27 -3.88 4.35 6.85
N TRP A 28 -3.30 4.37 5.66
CA TRP A 28 -2.74 3.15 5.07
C TRP A 28 -1.73 2.51 6.01
N LEU A 29 -0.72 3.28 6.42
CA LEU A 29 0.31 2.78 7.33
C LEU A 29 -0.32 2.25 8.62
N SER A 30 -1.39 2.90 9.06
CA SER A 30 -2.08 2.49 10.28
C SER A 30 -2.80 1.16 10.08
N ALA A 31 -3.01 0.80 8.81
CA ALA A 31 -3.69 -0.45 8.49
C ALA A 31 -2.69 -1.60 8.37
N ILE A 32 -1.41 -1.27 8.43
CA ILE A 32 -0.36 -2.27 8.33
C ILE A 32 0.55 -2.25 9.56
N LYS A 33 0.14 -1.50 10.58
CA LYS A 33 0.90 -1.39 11.81
C LYS A 33 2.21 -0.64 11.56
N MET A 34 2.31 0.00 10.40
CA MET A 34 3.51 0.75 10.04
C MET A 34 3.25 2.26 10.15
N VAL A 35 2.27 2.63 10.95
CA VAL A 35 1.92 4.03 11.15
C VAL A 35 3.11 4.82 11.68
N GLN A 36 4.07 4.11 12.28
CA GLN A 36 5.25 4.76 12.83
C GLN A 36 5.97 5.58 11.76
N TYR A 37 5.78 5.20 10.50
CA TYR A 37 6.41 5.91 9.39
C TYR A 37 5.43 6.86 8.72
N ARG A 38 4.45 7.34 9.49
CA ARG A 38 3.44 8.26 8.97
C ARG A 38 4.04 9.65 8.75
N ASP A 39 5.09 9.96 9.49
CA ASP A 39 5.75 11.25 9.38
C ASP A 39 6.83 11.22 8.30
N SER A 40 7.43 10.05 8.11
CA SER A 40 8.48 9.88 7.11
C SER A 40 7.98 10.24 5.72
N PHE A 41 6.78 9.76 5.39
CA PHE A 41 6.19 10.04 4.09
C PHE A 41 5.71 11.48 4.01
N LEU A 42 5.02 11.93 5.05
CA LEU A 42 4.50 13.28 5.11
C LEU A 42 5.59 14.30 4.81
N THR A 43 6.59 14.35 5.69
CA THR A 43 7.70 15.29 5.53
C THR A 43 8.38 15.10 4.17
N ALA A 44 8.41 13.86 3.69
CA ALA A 44 9.02 13.55 2.41
C ALA A 44 8.22 14.16 1.26
N GLY A 45 6.96 14.49 1.53
CA GLY A 45 6.12 15.07 0.50
C GLY A 45 4.99 14.15 0.08
N PHE A 46 5.13 12.86 0.41
CA PHE A 46 4.10 11.88 0.06
C PHE A 46 2.96 11.90 1.06
N THR A 47 1.99 12.78 0.83
CA THR A 47 0.84 12.92 1.71
C THR A 47 -0.28 11.96 1.30
N SER A 48 -0.41 11.74 -0.01
CA SER A 48 -1.44 10.86 -0.54
C SER A 48 -0.83 9.53 -0.99
N LEU A 49 -1.69 8.52 -1.13
CA LEU A 49 -1.24 7.20 -1.55
C LEU A 49 -0.95 7.18 -3.06
N GLN A 50 -1.68 7.99 -3.81
CA GLN A 50 -1.50 8.07 -5.25
C GLN A 50 -0.05 8.36 -5.60
N LEU A 51 0.66 9.03 -4.70
CA LEU A 51 2.06 9.37 -4.92
C LEU A 51 2.97 8.25 -4.41
N VAL A 52 2.48 7.47 -3.45
CA VAL A 52 3.24 6.37 -2.89
C VAL A 52 3.17 5.15 -3.79
N THR A 53 2.06 4.99 -4.49
CA THR A 53 1.86 3.86 -5.39
C THR A 53 2.93 3.83 -6.48
N GLN A 54 3.50 4.99 -6.77
CA GLN A 54 4.53 5.10 -7.80
C GLN A 54 5.92 5.17 -7.16
N MET A 55 6.05 4.61 -5.96
CA MET A 55 7.32 4.61 -5.25
C MET A 55 7.95 3.22 -5.26
N THR A 56 9.08 3.08 -4.56
CA THR A 56 9.78 1.81 -4.50
C THR A 56 10.56 1.68 -3.20
N SER A 57 11.14 0.51 -2.98
CA SER A 57 11.91 0.25 -1.77
C SER A 57 12.97 1.34 -1.56
N GLU A 58 13.51 1.84 -2.65
CA GLU A 58 14.53 2.88 -2.59
C GLU A 58 13.99 4.13 -1.90
N ASP A 59 12.80 4.56 -2.31
CA ASP A 59 12.17 5.74 -1.73
C ASP A 59 12.05 5.61 -0.21
N LEU A 60 11.82 4.38 0.25
CA LEU A 60 11.68 4.12 1.68
C LEU A 60 12.96 4.48 2.42
N LEU A 61 14.10 4.15 1.81
CA LEU A 61 15.39 4.44 2.42
C LEU A 61 15.73 5.92 2.31
N ARG A 62 15.06 6.61 1.39
CA ARG A 62 15.28 8.03 1.19
C ARG A 62 14.63 8.85 2.30
N ILE A 63 13.44 8.43 2.73
CA ILE A 63 12.72 9.13 3.78
C ILE A 63 13.25 8.74 5.16
N GLY A 64 13.80 7.53 5.26
CA GLY A 64 14.34 7.07 6.52
C GLY A 64 14.17 5.57 6.71
N ILE A 65 13.03 5.04 6.26
CA ILE A 65 12.75 3.62 6.38
C ILE A 65 13.90 2.79 5.83
N THR A 66 14.71 2.23 6.74
CA THR A 66 15.85 1.40 6.36
C THR A 66 15.78 0.03 7.03
N LEU A 67 14.59 -0.51 7.14
CA LEU A 67 14.39 -1.82 7.77
C LEU A 67 13.91 -2.85 6.75
N ALA A 68 14.80 -3.76 6.37
CA ALA A 68 14.46 -4.79 5.40
C ALA A 68 13.21 -5.57 5.85
N GLY A 69 13.06 -5.74 7.15
CA GLY A 69 11.91 -6.46 7.68
C GLY A 69 10.64 -5.65 7.60
N HIS A 70 10.78 -4.33 7.50
CA HIS A 70 9.63 -3.44 7.43
C HIS A 70 9.25 -3.17 5.98
N GLN A 71 10.23 -2.80 5.17
CA GLN A 71 9.99 -2.51 3.76
C GLN A 71 9.27 -3.66 3.08
N LYS A 72 9.52 -4.87 3.57
CA LYS A 72 8.89 -6.07 3.01
C LYS A 72 7.38 -5.97 3.09
N LYS A 73 6.88 -5.32 4.13
CA LYS A 73 5.44 -5.15 4.33
C LYS A 73 4.92 -3.97 3.52
N ILE A 74 5.69 -2.88 3.50
CA ILE A 74 5.30 -1.68 2.77
C ILE A 74 5.18 -1.97 1.28
N LEU A 75 6.30 -2.39 0.68
CA LEU A 75 6.32 -2.70 -0.75
C LEU A 75 5.21 -3.68 -1.12
N ASN A 76 5.03 -4.70 -0.27
CA ASN A 76 4.00 -5.70 -0.50
C ASN A 76 2.62 -5.06 -0.65
N SER A 77 2.46 -3.88 -0.05
CA SER A 77 1.19 -3.16 -0.12
C SER A 77 1.19 -2.16 -1.28
N ILE A 78 2.30 -1.45 -1.43
CA ILE A 78 2.43 -0.47 -2.50
C ILE A 78 2.25 -1.12 -3.87
N HIS A 79 2.81 -2.31 -4.04
CA HIS A 79 2.70 -3.04 -5.30
C HIS A 79 1.26 -3.43 -5.58
N SER A 80 0.59 -3.94 -4.56
CA SER A 80 -0.81 -4.36 -4.70
C SER A 80 -1.72 -3.15 -4.86
N MET A 81 -1.29 -2.01 -4.31
CA MET A 81 -2.08 -0.78 -4.39
C MET A 81 -2.14 -0.27 -5.83
N ARG A 82 -0.96 0.01 -6.40
CA ARG A 82 -0.88 0.51 -7.76
C ARG A 82 -1.67 -0.38 -8.72
N VAL A 83 -1.47 -1.69 -8.61
CA VAL A 83 -2.15 -2.65 -9.46
C VAL A 83 -3.66 -2.48 -9.38
N GLN A 84 -4.13 -1.94 -8.26
CA GLN A 84 -5.56 -1.72 -8.05
C GLN A 84 -5.94 -0.29 -8.43
N ILE A 85 -5.57 0.66 -7.57
CA ILE A 85 -5.88 2.07 -7.82
C ILE A 85 -4.83 2.71 -8.71
N SER A 86 -5.21 3.77 -9.41
CA SER A 86 -4.30 4.48 -10.31
C SER A 86 -4.93 5.77 -10.81
N GLN A 87 -4.25 6.89 -10.59
CA GLN A 87 -4.74 8.19 -11.03
C GLN A 87 -4.60 8.35 -12.53
N SER A 88 -5.55 9.04 -13.15
CA SER A 88 -5.53 9.27 -14.59
C SER A 88 -5.45 7.93 -15.34
N PRO A 89 -6.55 7.17 -15.31
CA PRO A 89 -6.63 5.87 -15.98
C PRO A 89 -6.65 6.00 -17.49
N THR A 90 -6.52 4.88 -18.19
CA THR A 90 -6.53 4.87 -19.64
C THR A 90 -7.95 4.72 -20.19
N ALA A 91 -8.11 4.99 -21.48
CA ALA A 91 -9.42 4.88 -22.12
C ALA A 91 -9.32 4.10 -23.43
N MET A 92 -10.47 3.88 -24.06
CA MET A 92 -10.52 3.15 -25.33
C MET A 92 -10.43 4.10 -26.51
N ALA A 93 -10.34 3.54 -27.71
CA ALA A 93 -10.24 4.34 -28.92
C ALA A 93 -11.43 5.29 -29.04
N SER A 94 -11.14 6.59 -29.04
CA SER A 94 -12.18 7.60 -29.14
C SER A 94 -12.02 8.42 -30.42
N GLY A 95 -12.97 9.31 -30.67
CA GLY A 95 -12.92 10.14 -31.86
C GLY A 95 -11.98 11.32 -31.70
N PRO A 96 -11.73 12.03 -32.82
CA PRO A 96 -10.83 13.18 -32.83
C PRO A 96 -11.41 14.38 -32.08
N SER A 97 -10.63 15.45 -31.98
CA SER A 97 -11.07 16.66 -31.28
C SER A 97 -12.09 17.43 -32.12
N SER A 98 -13.37 17.18 -31.86
CA SER A 98 -14.44 17.84 -32.59
C SER A 98 -14.74 19.21 -32.00
N GLY A 99 -15.34 20.09 -32.79
CA GLY A 99 -15.68 21.42 -32.31
C GLY A 99 -14.48 22.34 -32.28
N GLY A 1 -28.65 6.88 -16.72
CA GLY A 1 -28.73 6.46 -15.33
C GLY A 1 -27.51 5.67 -14.88
N SER A 2 -27.73 4.73 -13.98
CA SER A 2 -26.64 3.90 -13.47
C SER A 2 -27.17 2.55 -13.00
N SER A 3 -28.14 2.00 -13.73
CA SER A 3 -28.72 0.72 -13.39
C SER A 3 -27.75 -0.42 -13.68
N GLY A 4 -27.64 -1.35 -12.74
CA GLY A 4 -26.75 -2.48 -12.92
C GLY A 4 -27.27 -3.75 -12.26
N SER A 5 -26.67 -4.88 -12.62
CA SER A 5 -27.09 -6.16 -12.07
C SER A 5 -25.94 -6.83 -11.33
N SER A 6 -26.19 -8.04 -10.81
CA SER A 6 -25.17 -8.78 -10.08
C SER A 6 -24.00 -9.13 -10.98
N GLY A 7 -24.31 -9.65 -12.17
CA GLY A 7 -23.27 -10.03 -13.10
C GLY A 7 -22.70 -11.41 -12.83
N SER A 8 -21.47 -11.45 -12.33
CA SER A 8 -20.82 -12.72 -12.03
C SER A 8 -20.25 -12.72 -10.61
N GLN A 9 -19.82 -13.88 -10.15
CA GLN A 9 -19.26 -14.00 -8.81
C GLN A 9 -17.87 -14.66 -8.86
N PRO A 10 -16.89 -13.92 -9.37
CA PRO A 10 -15.51 -14.40 -9.48
C PRO A 10 -14.83 -14.56 -8.12
N LEU A 11 -14.95 -15.74 -7.53
CA LEU A 11 -14.36 -16.01 -6.23
C LEU A 11 -12.90 -16.46 -6.38
N LEU A 12 -12.13 -16.33 -5.31
CA LEU A 12 -10.73 -16.73 -5.32
C LEU A 12 -10.36 -17.47 -4.03
N ASP A 13 -9.39 -18.37 -4.13
CA ASP A 13 -8.94 -19.14 -2.98
C ASP A 13 -7.69 -18.53 -2.37
N ARG A 14 -7.87 -17.50 -1.54
CA ARG A 14 -6.76 -16.83 -0.89
C ARG A 14 -7.25 -15.98 0.28
N SER A 15 -6.34 -15.66 1.19
CA SER A 15 -6.67 -14.86 2.36
C SER A 15 -6.03 -13.48 2.27
N ILE A 16 -6.36 -12.73 1.22
CA ILE A 16 -5.83 -11.40 1.02
C ILE A 16 -6.90 -10.34 1.22
N PRO A 17 -6.57 -9.28 1.99
CA PRO A 17 -7.49 -8.18 2.26
C PRO A 17 -7.75 -7.33 1.03
N ASP A 18 -8.54 -6.27 1.20
CA ASP A 18 -8.87 -5.37 0.11
C ASP A 18 -7.94 -4.15 0.11
N PHE A 19 -7.35 -3.87 -1.05
CA PHE A 19 -6.43 -2.74 -1.17
C PHE A 19 -7.16 -1.51 -1.71
N THR A 20 -8.48 -1.48 -1.52
CA THR A 20 -9.30 -0.37 -1.98
C THR A 20 -10.05 0.29 -0.83
N ALA A 21 -9.45 0.23 0.36
CA ALA A 21 -10.07 0.82 1.54
C ALA A 21 -9.16 1.87 2.17
N PHE A 22 -8.29 2.46 1.36
CA PHE A 22 -7.36 3.49 1.83
C PHE A 22 -7.75 4.86 1.30
N THR A 23 -7.00 5.88 1.70
CA THR A 23 -7.27 7.24 1.27
C THR A 23 -6.08 8.15 1.59
N THR A 24 -5.50 7.98 2.76
CA THR A 24 -4.36 8.78 3.18
C THR A 24 -3.23 7.91 3.73
N VAL A 25 -2.01 8.43 3.71
CA VAL A 25 -0.86 7.70 4.21
C VAL A 25 -1.06 7.29 5.67
N ASP A 26 -1.44 8.25 6.50
CA ASP A 26 -1.67 7.98 7.92
C ASP A 26 -2.62 6.81 8.11
N ASP A 27 -3.59 6.69 7.20
CA ASP A 27 -4.56 5.62 7.26
C ASP A 27 -3.96 4.30 6.78
N TRP A 28 -3.34 4.34 5.61
CA TRP A 28 -2.72 3.15 5.03
C TRP A 28 -1.72 2.54 5.99
N LEU A 29 -0.74 3.33 6.42
CA LEU A 29 0.29 2.87 7.34
C LEU A 29 -0.34 2.31 8.62
N SER A 30 -1.42 2.95 9.06
CA SER A 30 -2.12 2.51 10.27
C SER A 30 -2.82 1.18 10.04
N ALA A 31 -3.02 0.83 8.77
CA ALA A 31 -3.68 -0.42 8.42
C ALA A 31 -2.67 -1.56 8.29
N ILE A 32 -1.39 -1.22 8.38
CA ILE A 32 -0.33 -2.21 8.26
C ILE A 32 0.58 -2.18 9.49
N LYS A 33 0.15 -1.46 10.52
CA LYS A 33 0.92 -1.35 11.75
C LYS A 33 2.22 -0.57 11.51
N MET A 34 2.31 0.08 10.36
CA MET A 34 3.49 0.86 10.01
C MET A 34 3.21 2.36 10.15
N VAL A 35 2.21 2.70 10.95
CA VAL A 35 1.84 4.09 11.18
C VAL A 35 3.02 4.90 11.71
N GLN A 36 3.97 4.19 12.32
CA GLN A 36 5.15 4.84 12.88
C GLN A 36 5.87 5.68 11.82
N TYR A 37 5.69 5.32 10.56
CA TYR A 37 6.32 6.03 9.46
C TYR A 37 5.34 6.99 8.80
N ARG A 38 4.36 7.45 9.57
CA ARG A 38 3.36 8.37 9.06
C ARG A 38 3.96 9.76 8.83
N ASP A 39 5.02 10.07 9.57
CA ASP A 39 5.68 11.36 9.44
C ASP A 39 6.80 11.30 8.41
N SER A 40 7.37 10.10 8.23
CA SER A 40 8.45 9.91 7.28
C SER A 40 7.99 10.22 5.86
N PHE A 41 6.79 9.76 5.51
CA PHE A 41 6.24 9.99 4.19
C PHE A 41 5.71 11.41 4.06
N LEU A 42 5.03 11.88 5.10
CA LEU A 42 4.47 13.22 5.11
C LEU A 42 5.53 14.26 4.82
N THR A 43 6.56 14.31 5.66
CA THR A 43 7.65 15.26 5.48
C THR A 43 8.37 15.05 4.16
N ALA A 44 8.43 13.80 3.72
CA ALA A 44 9.08 13.46 2.46
C ALA A 44 8.34 14.08 1.28
N GLY A 45 7.07 14.41 1.49
CA GLY A 45 6.28 15.01 0.43
C GLY A 45 5.24 14.05 -0.13
N PHE A 46 4.98 12.98 0.61
CA PHE A 46 4.00 11.98 0.18
C PHE A 46 2.79 11.97 1.10
N THR A 47 1.81 12.82 0.81
CA THR A 47 0.60 12.91 1.61
C THR A 47 -0.53 12.10 1.00
N SER A 48 -0.46 11.90 -0.32
CA SER A 48 -1.49 11.14 -1.03
C SER A 48 -0.94 9.78 -1.45
N LEU A 49 -1.78 8.75 -1.31
CA LEU A 49 -1.38 7.39 -1.68
C LEU A 49 -1.03 7.31 -3.16
N GLN A 50 -1.69 8.14 -3.96
CA GLN A 50 -1.43 8.17 -5.40
C GLN A 50 0.04 8.34 -5.69
N LEU A 51 0.75 9.03 -4.80
CA LEU A 51 2.18 9.25 -4.97
C LEU A 51 2.99 8.11 -4.37
N VAL A 52 2.41 7.42 -3.39
CA VAL A 52 3.07 6.31 -2.75
C VAL A 52 3.00 5.05 -3.60
N THR A 53 2.01 5.01 -4.49
CA THR A 53 1.83 3.86 -5.38
C THR A 53 2.97 3.75 -6.37
N GLN A 54 3.67 4.85 -6.59
CA GLN A 54 4.80 4.87 -7.52
C GLN A 54 6.12 4.92 -6.78
N MET A 55 6.12 4.41 -5.55
CA MET A 55 7.32 4.39 -4.72
C MET A 55 8.03 3.04 -4.83
N THR A 56 9.29 3.01 -4.43
CA THR A 56 10.08 1.78 -4.47
C THR A 56 10.90 1.60 -3.20
N SER A 57 11.55 0.45 -3.08
CA SER A 57 12.37 0.15 -1.91
C SER A 57 13.37 1.27 -1.64
N GLU A 58 13.89 1.85 -2.72
CA GLU A 58 14.87 2.94 -2.61
C GLU A 58 14.22 4.19 -2.04
N ASP A 59 12.93 4.38 -2.35
CA ASP A 59 12.20 5.54 -1.87
C ASP A 59 11.99 5.47 -0.36
N LEU A 60 11.99 4.25 0.18
CA LEU A 60 11.80 4.04 1.61
C LEU A 60 13.07 4.42 2.38
N LEU A 61 14.22 4.12 1.80
CA LEU A 61 15.50 4.42 2.43
C LEU A 61 15.82 5.91 2.33
N ARG A 62 15.15 6.59 1.40
CA ARG A 62 15.35 8.01 1.20
C ARG A 62 14.68 8.82 2.30
N ILE A 63 13.50 8.37 2.71
CA ILE A 63 12.74 9.05 3.76
C ILE A 63 13.25 8.67 5.15
N GLY A 64 13.85 7.48 5.24
CA GLY A 64 14.37 7.01 6.51
C GLY A 64 14.21 5.51 6.70
N ILE A 65 13.08 4.98 6.22
CA ILE A 65 12.81 3.56 6.33
C ILE A 65 13.99 2.73 5.81
N THR A 66 14.77 2.18 6.73
CA THR A 66 15.92 1.36 6.36
C THR A 66 15.84 -0.02 7.01
N LEU A 67 14.62 -0.54 7.15
CA LEU A 67 14.42 -1.84 7.76
C LEU A 67 13.93 -2.85 6.72
N ALA A 68 14.81 -3.75 6.32
CA ALA A 68 14.47 -4.78 5.33
C ALA A 68 13.25 -5.57 5.77
N GLY A 69 13.12 -5.77 7.08
CA GLY A 69 11.99 -6.51 7.61
C GLY A 69 10.70 -5.73 7.58
N HIS A 70 10.82 -4.41 7.49
CA HIS A 70 9.66 -3.53 7.45
C HIS A 70 9.25 -3.23 6.01
N GLN A 71 10.23 -2.84 5.20
CA GLN A 71 9.96 -2.52 3.80
C GLN A 71 9.22 -3.65 3.11
N LYS A 72 9.46 -4.88 3.57
CA LYS A 72 8.80 -6.05 2.99
C LYS A 72 7.29 -5.91 3.06
N LYS A 73 6.80 -5.29 4.12
CA LYS A 73 5.37 -5.09 4.30
C LYS A 73 4.88 -3.88 3.50
N ILE A 74 5.69 -2.84 3.46
CA ILE A 74 5.34 -1.63 2.73
C ILE A 74 5.25 -1.90 1.23
N LEU A 75 6.36 -2.30 0.63
CA LEU A 75 6.40 -2.60 -0.79
C LEU A 75 5.31 -3.60 -1.17
N ASN A 76 5.11 -4.60 -0.32
CA ASN A 76 4.10 -5.62 -0.57
C ASN A 76 2.71 -4.98 -0.73
N SER A 77 2.52 -3.84 -0.09
CA SER A 77 1.25 -3.13 -0.15
C SER A 77 1.23 -2.16 -1.32
N ILE A 78 2.35 -1.48 -1.54
CA ILE A 78 2.46 -0.52 -2.64
C ILE A 78 2.25 -1.20 -3.99
N HIS A 79 2.90 -2.34 -4.18
CA HIS A 79 2.78 -3.09 -5.43
C HIS A 79 1.34 -3.51 -5.68
N SER A 80 0.64 -3.84 -4.59
CA SER A 80 -0.75 -4.27 -4.69
C SER A 80 -1.69 -3.07 -4.85
N MET A 81 -1.25 -1.93 -4.34
CA MET A 81 -2.04 -0.70 -4.43
C MET A 81 -2.10 -0.18 -5.86
N ARG A 82 -0.93 0.02 -6.45
CA ARG A 82 -0.85 0.52 -7.83
C ARG A 82 -1.70 -0.34 -8.76
N VAL A 83 -1.68 -1.64 -8.53
CA VAL A 83 -2.44 -2.58 -9.35
C VAL A 83 -3.95 -2.34 -9.20
N GLN A 84 -4.41 -2.28 -7.96
CA GLN A 84 -5.82 -2.06 -7.68
C GLN A 84 -6.24 -0.65 -8.05
N ILE A 85 -5.82 0.32 -7.24
CA ILE A 85 -6.14 1.72 -7.48
C ILE A 85 -5.16 2.35 -8.46
N SER A 86 -5.62 3.38 -9.16
CA SER A 86 -4.77 4.08 -10.13
C SER A 86 -5.46 5.33 -10.65
N GLN A 87 -4.85 6.48 -10.41
CA GLN A 87 -5.41 7.76 -10.87
C GLN A 87 -6.79 7.99 -10.25
N SER A 88 -7.01 7.40 -9.08
CA SER A 88 -8.30 7.53 -8.40
C SER A 88 -8.61 9.00 -8.13
N PRO A 89 -9.90 9.30 -7.88
CA PRO A 89 -10.35 10.67 -7.61
C PRO A 89 -9.88 11.18 -6.25
N THR A 90 -8.76 11.90 -6.26
CA THR A 90 -8.20 12.45 -5.03
C THR A 90 -7.60 13.82 -5.27
N ALA A 91 -7.37 14.57 -4.19
CA ALA A 91 -6.79 15.90 -4.28
C ALA A 91 -6.45 16.44 -2.90
N MET A 92 -5.55 17.43 -2.87
CA MET A 92 -5.13 18.04 -1.60
C MET A 92 -5.39 19.53 -1.62
N ALA A 93 -5.32 20.15 -0.44
CA ALA A 93 -5.54 21.59 -0.32
C ALA A 93 -5.12 22.09 1.06
N SER A 94 -3.83 22.42 1.20
CA SER A 94 -3.30 22.91 2.46
C SER A 94 -3.80 24.33 2.75
N GLY A 95 -3.39 24.86 3.89
CA GLY A 95 -3.80 26.21 4.27
C GLY A 95 -3.08 26.71 5.50
N PRO A 96 -1.79 27.05 5.35
CA PRO A 96 -0.97 27.56 6.46
C PRO A 96 -1.39 28.95 6.90
N SER A 97 -2.38 29.00 7.78
CA SER A 97 -2.87 30.28 8.29
C SER A 97 -3.83 30.07 9.46
N SER A 98 -3.27 29.86 10.65
CA SER A 98 -4.06 29.63 11.85
C SER A 98 -4.37 30.96 12.55
N GLY A 99 -3.43 31.89 12.50
CA GLY A 99 -3.62 33.17 13.13
C GLY A 99 -3.49 33.11 14.63
N GLY A 1 -18.92 -39.89 4.31
CA GLY A 1 -19.60 -40.51 5.42
C GLY A 1 -18.72 -40.62 6.66
N SER A 2 -18.04 -39.52 6.99
CA SER A 2 -17.15 -39.50 8.14
C SER A 2 -17.35 -38.21 8.94
N SER A 3 -17.46 -37.09 8.23
CA SER A 3 -17.64 -35.79 8.88
C SER A 3 -18.86 -35.08 8.31
N GLY A 4 -19.98 -35.80 8.22
CA GLY A 4 -21.20 -35.21 7.68
C GLY A 4 -21.42 -35.55 6.22
N SER A 5 -22.65 -35.95 5.90
CA SER A 5 -22.99 -36.32 4.53
C SER A 5 -22.67 -35.19 3.56
N SER A 6 -22.73 -33.95 4.07
CA SER A 6 -22.45 -32.77 3.25
C SER A 6 -21.09 -32.17 3.62
N GLY A 7 -20.68 -31.16 2.86
CA GLY A 7 -19.41 -30.52 3.12
C GLY A 7 -19.58 -29.13 3.72
N SER A 8 -18.54 -28.67 4.42
CA SER A 8 -18.58 -27.35 5.05
C SER A 8 -17.66 -26.37 4.33
N GLN A 9 -16.44 -26.82 4.03
CA GLN A 9 -15.46 -25.99 3.35
C GLN A 9 -15.27 -24.66 4.08
N PRO A 10 -14.67 -24.72 5.27
CA PRO A 10 -14.42 -23.54 6.10
C PRO A 10 -13.35 -22.64 5.49
N LEU A 11 -12.94 -21.61 6.24
CA LEU A 11 -11.92 -20.68 5.79
C LEU A 11 -10.65 -20.81 6.61
N LEU A 12 -9.67 -19.95 6.32
CA LEU A 12 -8.41 -19.97 7.04
C LEU A 12 -7.80 -18.58 7.10
N ASP A 13 -7.53 -18.11 8.32
CA ASP A 13 -6.93 -16.79 8.51
C ASP A 13 -7.84 -15.70 7.96
N ARG A 14 -7.35 -14.47 7.95
CA ARG A 14 -8.12 -13.34 7.45
C ARG A 14 -8.08 -13.28 5.93
N SER A 15 -8.63 -12.20 5.37
CA SER A 15 -8.66 -12.04 3.91
C SER A 15 -7.89 -10.78 3.50
N ILE A 16 -7.69 -10.63 2.20
CA ILE A 16 -6.97 -9.47 1.67
C ILE A 16 -7.76 -8.19 1.90
N PRO A 17 -7.08 -7.14 2.39
CA PRO A 17 -7.70 -5.85 2.66
C PRO A 17 -8.08 -5.10 1.38
N ASP A 18 -8.62 -3.90 1.54
CA ASP A 18 -9.01 -3.09 0.39
C ASP A 18 -7.93 -2.08 0.03
N PHE A 19 -7.34 -2.26 -1.15
CA PHE A 19 -6.28 -1.36 -1.62
C PHE A 19 -6.87 -0.06 -2.15
N THR A 20 -8.09 -0.15 -2.69
CA THR A 20 -8.76 1.02 -3.24
C THR A 20 -9.64 1.70 -2.20
N ALA A 21 -9.10 1.86 -0.99
CA ALA A 21 -9.83 2.50 0.10
C ALA A 21 -8.91 3.35 0.96
N PHE A 22 -7.82 3.82 0.35
CA PHE A 22 -6.86 4.66 1.06
C PHE A 22 -6.87 6.09 0.52
N THR A 23 -6.81 7.06 1.43
CA THR A 23 -6.82 8.46 1.04
C THR A 23 -5.61 9.19 1.61
N THR A 24 -5.21 8.82 2.83
CA THR A 24 -4.08 9.44 3.48
C THR A 24 -3.07 8.39 3.96
N VAL A 25 -1.80 8.65 3.69
CA VAL A 25 -0.73 7.72 4.08
C VAL A 25 -0.84 7.36 5.56
N ASP A 26 -1.33 8.31 6.36
CA ASP A 26 -1.48 8.09 7.79
C ASP A 26 -2.43 6.94 8.07
N ASP A 27 -3.47 6.81 7.23
CA ASP A 27 -4.45 5.75 7.38
C ASP A 27 -3.89 4.41 6.89
N TRP A 28 -3.34 4.40 5.69
CA TRP A 28 -2.77 3.20 5.11
C TRP A 28 -1.77 2.57 6.06
N LEU A 29 -0.76 3.34 6.45
CA LEU A 29 0.27 2.86 7.36
C LEU A 29 -0.35 2.31 8.65
N SER A 30 -1.41 2.97 9.11
CA SER A 30 -2.09 2.55 10.33
C SER A 30 -2.82 1.23 10.12
N ALA A 31 -3.05 0.88 8.86
CA ALA A 31 -3.73 -0.37 8.53
C ALA A 31 -2.75 -1.51 8.37
N ILE A 32 -1.45 -1.20 8.45
CA ILE A 32 -0.41 -2.21 8.32
C ILE A 32 0.52 -2.19 9.52
N LYS A 33 0.11 -1.46 10.56
CA LYS A 33 0.91 -1.36 11.79
C LYS A 33 2.21 -0.61 11.52
N MET A 34 2.29 0.04 10.36
CA MET A 34 3.49 0.80 9.99
C MET A 34 3.23 2.30 10.13
N VAL A 35 2.25 2.66 10.95
CA VAL A 35 1.91 4.07 11.17
C VAL A 35 3.11 4.84 11.69
N GLN A 36 4.07 4.13 12.27
CA GLN A 36 5.27 4.77 12.81
C GLN A 36 5.98 5.58 11.74
N TYR A 37 5.77 5.21 10.48
CA TYR A 37 6.39 5.91 9.35
C TYR A 37 5.41 6.88 8.70
N ARG A 38 4.45 7.36 9.49
CA ARG A 38 3.46 8.29 8.98
C ARG A 38 4.06 9.67 8.74
N ASP A 39 5.13 9.97 9.47
CA ASP A 39 5.81 11.26 9.32
C ASP A 39 6.87 11.19 8.24
N SER A 40 7.45 10.01 8.05
CA SER A 40 8.49 9.82 7.04
C SER A 40 7.97 10.16 5.66
N PHE A 41 6.78 9.68 5.35
CA PHE A 41 6.16 9.94 4.05
C PHE A 41 5.59 11.36 3.99
N LEU A 42 4.94 11.77 5.06
CA LEU A 42 4.34 13.10 5.14
C LEU A 42 5.39 14.18 4.83
N THR A 43 6.40 14.26 5.69
CA THR A 43 7.47 15.24 5.51
C THR A 43 8.14 15.09 4.15
N ALA A 44 8.17 13.86 3.65
CA ALA A 44 8.78 13.59 2.35
C ALA A 44 7.96 14.20 1.22
N GLY A 45 6.70 14.49 1.50
CA GLY A 45 5.83 15.08 0.49
C GLY A 45 4.74 14.13 0.05
N PHE A 46 4.92 12.85 0.34
CA PHE A 46 3.94 11.83 -0.04
C PHE A 46 2.75 11.84 0.92
N THR A 47 1.87 12.80 0.76
CA THR A 47 0.69 12.92 1.61
C THR A 47 -0.44 12.03 1.11
N SER A 48 -0.51 11.85 -0.20
CA SER A 48 -1.55 11.02 -0.81
C SER A 48 -0.97 9.71 -1.32
N LEU A 49 -1.67 8.62 -1.04
CA LEU A 49 -1.22 7.29 -1.46
C LEU A 49 -0.96 7.27 -2.97
N GLN A 50 -1.67 8.11 -3.71
CA GLN A 50 -1.51 8.18 -5.15
C GLN A 50 -0.04 8.41 -5.52
N LEU A 51 0.69 9.07 -4.63
CA LEU A 51 2.11 9.35 -4.87
C LEU A 51 2.97 8.21 -4.34
N VAL A 52 2.47 7.48 -3.36
CA VAL A 52 3.20 6.36 -2.78
C VAL A 52 3.13 5.13 -3.68
N THR A 53 2.03 5.01 -4.41
CA THR A 53 1.83 3.88 -5.32
C THR A 53 2.91 3.83 -6.38
N GLN A 54 3.50 4.99 -6.67
CA GLN A 54 4.56 5.09 -7.68
C GLN A 54 5.94 5.13 -7.02
N MET A 55 6.03 4.58 -5.81
CA MET A 55 7.29 4.56 -5.08
C MET A 55 7.92 3.17 -5.11
N THR A 56 9.05 3.02 -4.43
CA THR A 56 9.75 1.74 -4.38
C THR A 56 10.57 1.62 -3.09
N SER A 57 11.15 0.44 -2.88
CA SER A 57 11.95 0.19 -1.69
C SER A 57 13.01 1.27 -1.51
N GLU A 58 13.57 1.73 -2.63
CA GLU A 58 14.59 2.76 -2.60
C GLU A 58 14.05 4.06 -1.99
N ASP A 59 12.83 4.42 -2.36
CA ASP A 59 12.20 5.63 -1.84
C ASP A 59 12.03 5.55 -0.33
N LEU A 60 11.89 4.33 0.19
CA LEU A 60 11.72 4.12 1.62
C LEU A 60 13.00 4.48 2.37
N LEU A 61 14.14 4.19 1.78
CA LEU A 61 15.43 4.48 2.39
C LEU A 61 15.75 5.96 2.29
N ARG A 62 15.07 6.65 1.36
CA ARG A 62 15.30 8.08 1.17
C ARG A 62 14.62 8.89 2.27
N ILE A 63 13.44 8.44 2.68
CA ILE A 63 12.68 9.13 3.73
C ILE A 63 13.22 8.77 5.11
N GLY A 64 13.78 7.57 5.22
CA GLY A 64 14.32 7.11 6.50
C GLY A 64 14.16 5.62 6.69
N ILE A 65 13.05 5.07 6.22
CA ILE A 65 12.79 3.64 6.35
C ILE A 65 13.95 2.82 5.80
N THR A 66 14.77 2.29 6.70
CA THR A 66 15.92 1.49 6.31
C THR A 66 15.87 0.11 6.96
N LEU A 67 14.67 -0.46 7.03
CA LEU A 67 14.48 -1.78 7.63
C LEU A 67 14.00 -2.78 6.58
N ALA A 68 14.86 -3.73 6.24
CA ALA A 68 14.52 -4.76 5.26
C ALA A 68 13.31 -5.57 5.71
N GLY A 69 13.15 -5.71 7.02
CA GLY A 69 12.03 -6.46 7.56
C GLY A 69 10.74 -5.66 7.56
N HIS A 70 10.87 -4.34 7.51
CA HIS A 70 9.71 -3.47 7.51
C HIS A 70 9.29 -3.12 6.09
N GLN A 71 10.27 -2.92 5.21
CA GLN A 71 9.99 -2.58 3.82
C GLN A 71 9.20 -3.69 3.14
N LYS A 72 9.45 -4.92 3.55
CA LYS A 72 8.77 -6.07 2.98
C LYS A 72 7.25 -5.90 3.05
N LYS A 73 6.78 -5.32 4.15
CA LYS A 73 5.35 -5.08 4.34
C LYS A 73 4.88 -3.92 3.48
N ILE A 74 5.63 -2.83 3.50
CA ILE A 74 5.28 -1.65 2.72
C ILE A 74 5.16 -1.97 1.24
N LEU A 75 6.27 -2.42 0.65
CA LEU A 75 6.29 -2.77 -0.77
C LEU A 75 5.19 -3.78 -1.10
N ASN A 76 4.97 -4.73 -0.19
CA ASN A 76 3.95 -5.75 -0.39
C ASN A 76 2.57 -5.12 -0.54
N SER A 77 2.40 -3.92 0.03
CA SER A 77 1.14 -3.21 -0.05
C SER A 77 1.13 -2.25 -1.24
N ILE A 78 2.25 -1.57 -1.46
CA ILE A 78 2.37 -0.63 -2.56
C ILE A 78 2.23 -1.33 -3.90
N HIS A 79 2.90 -2.46 -4.05
CA HIS A 79 2.86 -3.23 -5.28
C HIS A 79 1.42 -3.60 -5.64
N SER A 80 0.64 -3.93 -4.62
CA SER A 80 -0.76 -4.31 -4.82
C SER A 80 -1.64 -3.09 -4.96
N MET A 81 -1.21 -1.98 -4.34
CA MET A 81 -1.95 -0.73 -4.39
C MET A 81 -1.95 -0.15 -5.80
N ARG A 82 -0.77 -0.09 -6.40
CA ARG A 82 -0.62 0.46 -7.75
C ARG A 82 -1.43 -0.37 -8.76
N VAL A 83 -1.39 -1.69 -8.59
CA VAL A 83 -2.12 -2.59 -9.49
C VAL A 83 -3.62 -2.34 -9.41
N GLN A 84 -4.07 -1.80 -8.28
CA GLN A 84 -5.49 -1.51 -8.09
C GLN A 84 -5.81 -0.07 -8.45
N ILE A 85 -5.36 0.85 -7.61
CA ILE A 85 -5.59 2.28 -7.84
C ILE A 85 -4.49 2.89 -8.70
N SER A 86 -4.72 4.11 -9.16
CA SER A 86 -3.75 4.80 -10.00
C SER A 86 -3.54 4.05 -11.32
N GLN A 87 -4.20 4.53 -12.38
CA GLN A 87 -4.08 3.91 -13.68
C GLN A 87 -3.29 4.79 -14.64
N SER A 88 -2.89 4.23 -15.78
CA SER A 88 -2.13 4.97 -16.77
C SER A 88 -2.96 5.21 -18.03
N PRO A 89 -2.55 6.20 -18.83
CA PRO A 89 -3.24 6.55 -20.08
C PRO A 89 -3.09 5.47 -21.15
N THR A 90 -4.21 4.87 -21.54
CA THR A 90 -4.20 3.82 -22.55
C THR A 90 -4.38 4.42 -23.95
N ALA A 91 -4.08 3.61 -24.97
CA ALA A 91 -4.23 4.06 -26.35
C ALA A 91 -4.72 2.92 -27.24
N MET A 92 -5.41 3.29 -28.32
CA MET A 92 -5.96 2.30 -29.25
C MET A 92 -6.87 1.32 -28.53
N ALA A 93 -8.06 1.79 -28.14
CA ALA A 93 -9.02 0.95 -27.46
C ALA A 93 -10.11 0.46 -28.41
N SER A 94 -9.70 0.10 -29.62
CA SER A 94 -10.63 -0.38 -30.63
C SER A 94 -10.41 -1.86 -30.92
N GLY A 95 -11.06 -2.72 -30.15
CA GLY A 95 -10.92 -4.15 -30.32
C GLY A 95 -9.98 -4.77 -29.31
N PRO A 96 -9.92 -6.11 -29.30
CA PRO A 96 -9.06 -6.86 -28.38
C PRO A 96 -7.58 -6.70 -28.72
N SER A 97 -6.74 -7.48 -28.04
CA SER A 97 -5.30 -7.42 -28.26
C SER A 97 -4.70 -8.82 -28.26
N SER A 98 -3.42 -8.91 -28.61
CA SER A 98 -2.72 -10.20 -28.65
C SER A 98 -1.32 -10.08 -28.03
N GLY A 99 -0.81 -11.20 -27.53
CA GLY A 99 0.50 -11.19 -26.93
C GLY A 99 0.57 -10.34 -25.67
N GLY A 1 -5.17 -40.53 16.93
CA GLY A 1 -5.57 -40.46 15.53
C GLY A 1 -4.73 -39.48 14.74
N SER A 2 -5.13 -39.20 13.51
CA SER A 2 -4.41 -38.28 12.65
C SER A 2 -5.20 -36.97 12.47
N SER A 3 -4.57 -35.99 11.83
CA SER A 3 -5.22 -34.70 11.59
C SER A 3 -6.26 -34.82 10.50
N GLY A 4 -6.89 -33.68 10.17
CA GLY A 4 -7.91 -33.67 9.13
C GLY A 4 -9.30 -33.86 9.69
N SER A 5 -10.16 -34.53 8.93
CA SER A 5 -11.54 -34.77 9.35
C SER A 5 -12.05 -36.09 8.79
N SER A 6 -12.24 -36.11 7.47
CA SER A 6 -12.75 -37.31 6.80
C SER A 6 -11.80 -37.72 5.66
N GLY A 7 -11.45 -36.77 4.81
CA GLY A 7 -10.57 -37.05 3.71
C GLY A 7 -10.40 -35.86 2.77
N SER A 8 -9.15 -35.55 2.43
CA SER A 8 -8.87 -34.42 1.55
C SER A 8 -9.41 -33.12 2.13
N GLN A 9 -8.68 -32.53 3.06
CA GLN A 9 -9.10 -31.29 3.69
C GLN A 9 -7.98 -30.26 3.68
N PRO A 10 -7.69 -29.72 2.48
CA PRO A 10 -6.64 -28.71 2.30
C PRO A 10 -7.00 -27.37 2.93
N LEU A 11 -6.36 -27.07 4.06
CA LEU A 11 -6.62 -25.81 4.76
C LEU A 11 -6.03 -24.63 4.01
N LEU A 12 -6.58 -23.45 4.23
CA LEU A 12 -6.10 -22.24 3.57
C LEU A 12 -6.61 -21.00 4.29
N ASP A 13 -5.88 -19.90 4.15
CA ASP A 13 -6.25 -18.64 4.78
C ASP A 13 -6.93 -17.72 3.78
N ARG A 14 -6.15 -17.14 2.88
CA ARG A 14 -6.67 -16.23 1.87
C ARG A 14 -7.39 -15.05 2.51
N SER A 15 -6.62 -14.13 3.06
CA SER A 15 -7.17 -12.95 3.72
C SER A 15 -6.43 -11.69 3.30
N ILE A 16 -6.83 -11.12 2.17
CA ILE A 16 -6.19 -9.91 1.66
C ILE A 16 -7.04 -8.68 1.96
N PRO A 17 -6.40 -7.62 2.46
CA PRO A 17 -7.08 -6.36 2.80
C PRO A 17 -7.54 -5.60 1.57
N ASP A 18 -8.01 -4.39 1.76
CA ASP A 18 -8.49 -3.56 0.67
C ASP A 18 -7.50 -2.43 0.38
N PHE A 19 -7.04 -2.35 -0.86
CA PHE A 19 -6.09 -1.32 -1.27
C PHE A 19 -6.82 -0.12 -1.89
N THR A 20 -8.01 -0.38 -2.43
CA THR A 20 -8.81 0.67 -3.05
C THR A 20 -9.77 1.28 -2.05
N ALA A 21 -9.28 1.56 -0.85
CA ALA A 21 -10.10 2.15 0.20
C ALA A 21 -9.28 3.08 1.10
N PHE A 22 -8.19 3.61 0.54
CA PHE A 22 -7.31 4.51 1.29
C PHE A 22 -7.53 5.95 0.83
N THR A 23 -6.71 6.85 1.38
CA THR A 23 -6.79 8.27 1.04
C THR A 23 -5.60 9.04 1.58
N THR A 24 -5.15 8.68 2.78
CA THR A 24 -4.02 9.33 3.41
C THR A 24 -3.01 8.31 3.92
N VAL A 25 -1.73 8.58 3.68
CA VAL A 25 -0.67 7.69 4.12
C VAL A 25 -0.80 7.37 5.60
N ASP A 26 -1.34 8.31 6.37
CA ASP A 26 -1.53 8.12 7.80
C ASP A 26 -2.48 6.96 8.08
N ASP A 27 -3.49 6.81 7.23
CA ASP A 27 -4.46 5.74 7.40
C ASP A 27 -3.90 4.41 6.90
N TRP A 28 -3.34 4.43 5.69
CA TRP A 28 -2.77 3.23 5.10
C TRP A 28 -1.77 2.58 6.05
N LEU A 29 -0.77 3.35 6.46
CA LEU A 29 0.26 2.84 7.37
C LEU A 29 -0.37 2.30 8.65
N SER A 30 -1.43 2.96 9.11
CA SER A 30 -2.11 2.53 10.32
C SER A 30 -2.85 1.21 10.10
N ALA A 31 -3.06 0.87 8.84
CA ALA A 31 -3.74 -0.37 8.49
C ALA A 31 -2.76 -1.53 8.37
N ILE A 32 -1.47 -1.21 8.41
CA ILE A 32 -0.43 -2.22 8.29
C ILE A 32 0.49 -2.20 9.52
N LYS A 33 0.07 -1.48 10.56
CA LYS A 33 0.85 -1.39 11.78
C LYS A 33 2.16 -0.64 11.54
N MET A 34 2.26 0.01 10.39
CA MET A 34 3.46 0.77 10.04
C MET A 34 3.21 2.27 10.16
N VAL A 35 2.23 2.63 10.98
CA VAL A 35 1.89 4.04 11.19
C VAL A 35 3.08 4.82 11.72
N GLN A 36 4.04 4.10 12.31
CA GLN A 36 5.23 4.73 12.87
C GLN A 36 5.95 5.55 11.81
N TYR A 37 5.76 5.19 10.55
CA TYR A 37 6.39 5.89 9.44
C TYR A 37 5.41 6.85 8.78
N ARG A 38 4.44 7.32 9.54
CA ARG A 38 3.44 8.26 9.03
C ARG A 38 4.05 9.63 8.77
N ASP A 39 5.11 9.94 9.51
CA ASP A 39 5.78 11.22 9.36
C ASP A 39 6.84 11.17 8.26
N SER A 40 7.45 9.99 8.11
CA SER A 40 8.49 9.80 7.10
C SER A 40 7.97 10.16 5.71
N PHE A 41 6.78 9.66 5.39
CA PHE A 41 6.17 9.92 4.09
C PHE A 41 5.62 11.34 4.02
N LEU A 42 4.97 11.77 5.11
CA LEU A 42 4.40 13.11 5.17
C LEU A 42 5.46 14.17 4.90
N THR A 43 6.46 14.24 5.76
CA THR A 43 7.54 15.21 5.61
C THR A 43 8.24 15.04 4.26
N ALA A 44 8.27 13.82 3.75
CA ALA A 44 8.91 13.54 2.48
C ALA A 44 8.13 14.17 1.33
N GLY A 45 6.86 14.49 1.58
CA GLY A 45 6.03 15.09 0.56
C GLY A 45 4.91 14.18 0.11
N PHE A 46 5.03 12.89 0.40
CA PHE A 46 4.03 11.91 0.02
C PHE A 46 2.86 11.93 0.99
N THR A 47 1.90 12.83 0.74
CA THR A 47 0.73 12.95 1.60
C THR A 47 -0.42 12.09 1.08
N SER A 48 -0.43 11.85 -0.23
CA SER A 48 -1.47 11.05 -0.85
C SER A 48 -0.91 9.74 -1.38
N LEU A 49 -1.61 8.64 -1.10
CA LEU A 49 -1.18 7.32 -1.55
C LEU A 49 -0.93 7.31 -3.05
N GLN A 50 -1.65 8.17 -3.78
CA GLN A 50 -1.50 8.26 -5.22
C GLN A 50 -0.05 8.45 -5.61
N LEU A 51 0.72 9.08 -4.73
CA LEU A 51 2.14 9.34 -4.98
C LEU A 51 2.99 8.19 -4.46
N VAL A 52 2.48 7.48 -3.45
CA VAL A 52 3.18 6.36 -2.86
C VAL A 52 3.10 5.12 -3.75
N THR A 53 2.03 5.03 -4.52
CA THR A 53 1.81 3.90 -5.42
C THR A 53 2.91 3.84 -6.48
N GLN A 54 3.51 4.98 -6.77
CA GLN A 54 4.58 5.05 -7.78
C GLN A 54 5.95 5.10 -7.10
N MET A 55 6.03 4.57 -5.90
CA MET A 55 7.29 4.56 -5.16
C MET A 55 7.93 3.18 -5.20
N THR A 56 9.05 3.02 -4.49
CA THR A 56 9.76 1.75 -4.45
C THR A 56 10.55 1.61 -3.15
N SER A 57 11.15 0.43 -2.95
CA SER A 57 11.93 0.16 -1.75
C SER A 57 12.97 1.25 -1.52
N GLU A 58 13.63 1.68 -2.60
CA GLU A 58 14.65 2.71 -2.52
C GLU A 58 14.07 3.99 -1.90
N ASP A 59 12.91 4.40 -2.38
CA ASP A 59 12.25 5.60 -1.89
C ASP A 59 12.07 5.54 -0.37
N LEU A 60 11.95 4.32 0.16
CA LEU A 60 11.77 4.12 1.59
C LEU A 60 13.03 4.50 2.35
N LEU A 61 14.19 4.19 1.77
CA LEU A 61 15.47 4.50 2.39
C LEU A 61 15.79 5.99 2.27
N ARG A 62 15.12 6.66 1.34
CA ARG A 62 15.33 8.09 1.13
C ARG A 62 14.65 8.91 2.23
N ILE A 63 13.46 8.47 2.63
CA ILE A 63 12.71 9.16 3.67
C ILE A 63 13.23 8.80 5.05
N GLY A 64 13.80 7.60 5.17
CA GLY A 64 14.33 7.16 6.46
C GLY A 64 14.18 5.66 6.66
N ILE A 65 13.07 5.12 6.19
CA ILE A 65 12.80 3.69 6.32
C ILE A 65 13.97 2.86 5.80
N THR A 66 14.77 2.33 6.72
CA THR A 66 15.93 1.52 6.36
C THR A 66 15.87 0.15 7.02
N LEU A 67 14.66 -0.41 7.09
CA LEU A 67 14.48 -1.73 7.71
C LEU A 67 13.95 -2.72 6.69
N ALA A 68 14.83 -3.62 6.24
CA ALA A 68 14.46 -4.64 5.27
C ALA A 68 13.24 -5.44 5.74
N GLY A 69 13.17 -5.65 7.06
CA GLY A 69 12.07 -6.41 7.62
C GLY A 69 10.77 -5.63 7.61
N HIS A 70 10.87 -4.30 7.51
CA HIS A 70 9.69 -3.44 7.49
C HIS A 70 9.28 -3.13 6.05
N GLN A 71 10.25 -2.88 5.19
CA GLN A 71 9.98 -2.57 3.80
C GLN A 71 9.25 -3.72 3.11
N LYS A 72 9.50 -4.94 3.59
CA LYS A 72 8.86 -6.12 3.03
C LYS A 72 7.34 -6.01 3.09
N LYS A 73 6.85 -5.33 4.12
CA LYS A 73 5.42 -5.14 4.30
C LYS A 73 4.91 -3.96 3.47
N ILE A 74 5.65 -2.85 3.51
CA ILE A 74 5.27 -1.66 2.77
C ILE A 74 5.17 -1.97 1.28
N LEU A 75 6.27 -2.40 0.69
CA LEU A 75 6.31 -2.73 -0.73
C LEU A 75 5.20 -3.70 -1.10
N ASN A 76 4.98 -4.69 -0.24
CA ASN A 76 3.94 -5.68 -0.46
C ASN A 76 2.58 -5.02 -0.66
N SER A 77 2.42 -3.83 -0.08
CA SER A 77 1.17 -3.10 -0.18
C SER A 77 1.21 -2.11 -1.35
N ILE A 78 2.28 -1.32 -1.40
CA ILE A 78 2.45 -0.34 -2.46
C ILE A 78 2.30 -0.98 -3.84
N HIS A 79 2.75 -2.22 -3.95
CA HIS A 79 2.67 -2.95 -5.22
C HIS A 79 1.22 -3.33 -5.52
N SER A 80 0.54 -3.90 -4.53
CA SER A 80 -0.85 -4.31 -4.70
C SER A 80 -1.76 -3.11 -4.90
N MET A 81 -1.34 -1.96 -4.38
CA MET A 81 -2.11 -0.73 -4.49
C MET A 81 -2.15 -0.25 -5.94
N ARG A 82 -0.97 -0.01 -6.51
CA ARG A 82 -0.86 0.45 -7.89
C ARG A 82 -1.59 -0.50 -8.84
N VAL A 83 -1.41 -1.79 -8.63
CA VAL A 83 -2.05 -2.80 -9.45
C VAL A 83 -3.57 -2.68 -9.41
N GLN A 84 -4.07 -2.11 -8.32
CA GLN A 84 -5.51 -1.93 -8.15
C GLN A 84 -5.94 -0.52 -8.57
N ILE A 85 -5.62 0.45 -7.73
CA ILE A 85 -5.97 1.84 -8.02
C ILE A 85 -5.01 2.46 -9.03
N SER A 86 -5.18 3.74 -9.29
CA SER A 86 -4.33 4.45 -10.24
C SER A 86 -4.44 3.85 -11.63
N GLN A 87 -5.66 3.83 -12.17
CA GLN A 87 -5.89 3.27 -13.50
C GLN A 87 -5.32 1.87 -13.61
N SER A 88 -6.09 0.88 -13.14
CA SER A 88 -5.66 -0.52 -13.20
C SER A 88 -6.79 -1.44 -12.80
N PRO A 89 -7.80 -1.55 -13.66
CA PRO A 89 -8.98 -2.41 -13.43
C PRO A 89 -8.62 -3.89 -13.50
N THR A 90 -9.19 -4.68 -12.57
CA THR A 90 -8.93 -6.11 -12.53
C THR A 90 -9.79 -6.85 -13.54
N ALA A 91 -11.08 -6.98 -13.23
CA ALA A 91 -12.01 -7.67 -14.11
C ALA A 91 -13.42 -7.67 -13.53
N MET A 92 -14.39 -7.23 -14.33
CA MET A 92 -15.78 -7.18 -13.89
C MET A 92 -16.26 -8.57 -13.46
N ALA A 93 -15.73 -9.60 -14.10
CA ALA A 93 -16.10 -10.97 -13.78
C ALA A 93 -15.08 -11.97 -14.31
N SER A 94 -14.23 -12.46 -13.42
CA SER A 94 -13.20 -13.42 -13.80
C SER A 94 -13.68 -14.86 -13.58
N GLY A 95 -14.37 -15.39 -14.58
CA GLY A 95 -14.87 -16.76 -14.48
C GLY A 95 -16.16 -16.84 -13.68
N PRO A 96 -16.65 -18.07 -13.47
CA PRO A 96 -17.88 -18.31 -12.73
C PRO A 96 -17.72 -18.02 -11.24
N SER A 97 -18.06 -16.80 -10.85
CA SER A 97 -17.96 -16.39 -9.45
C SER A 97 -19.30 -15.86 -8.93
N SER A 98 -19.83 -16.53 -7.90
CA SER A 98 -21.11 -16.13 -7.33
C SER A 98 -21.35 -16.85 -6.01
N GLY A 99 -22.03 -16.18 -5.08
CA GLY A 99 -22.31 -16.78 -3.79
C GLY A 99 -23.53 -16.16 -3.13
N GLY A 1 1.63 -13.28 35.08
CA GLY A 1 2.06 -13.80 33.80
C GLY A 1 0.97 -14.55 33.08
N SER A 2 -0.02 -13.82 32.58
CA SER A 2 -1.14 -14.42 31.86
C SER A 2 -1.52 -13.58 30.65
N SER A 3 -1.34 -14.14 29.46
CA SER A 3 -1.67 -13.44 28.23
C SER A 3 -0.80 -12.20 28.07
N GLY A 4 0.41 -12.39 27.56
CA GLY A 4 1.32 -11.28 27.36
C GLY A 4 1.96 -11.28 25.99
N SER A 5 1.75 -10.19 25.25
CA SER A 5 2.30 -10.07 23.89
C SER A 5 1.72 -11.14 22.98
N SER A 6 2.17 -11.14 21.73
CA SER A 6 1.69 -12.11 20.75
C SER A 6 2.72 -13.22 20.54
N GLY A 7 2.23 -14.43 20.27
CA GLY A 7 3.11 -15.55 20.04
C GLY A 7 2.36 -16.85 19.78
N SER A 8 2.72 -17.52 18.69
CA SER A 8 2.07 -18.77 18.32
C SER A 8 0.56 -18.59 18.22
N GLN A 9 0.15 -17.57 17.46
CA GLN A 9 -1.28 -17.29 17.28
C GLN A 9 -1.68 -17.41 15.81
N PRO A 10 -1.75 -18.67 15.32
CA PRO A 10 -2.12 -18.96 13.95
C PRO A 10 -3.59 -18.66 13.65
N LEU A 11 -3.83 -17.85 12.63
CA LEU A 11 -5.19 -17.48 12.25
C LEU A 11 -5.61 -18.17 10.97
N LEU A 12 -6.90 -18.12 10.65
CA LEU A 12 -7.42 -18.74 9.44
C LEU A 12 -7.93 -17.68 8.46
N ASP A 13 -7.32 -16.50 8.50
CA ASP A 13 -7.70 -15.41 7.61
C ASP A 13 -6.87 -15.43 6.34
N ARG A 14 -7.04 -16.49 5.54
CA ARG A 14 -6.31 -16.62 4.29
C ARG A 14 -7.03 -15.89 3.16
N SER A 15 -6.77 -14.59 3.04
CA SER A 15 -7.40 -13.78 2.01
C SER A 15 -6.72 -12.42 1.90
N ILE A 16 -6.84 -11.79 0.74
CA ILE A 16 -6.24 -10.48 0.51
C ILE A 16 -7.22 -9.37 0.85
N PRO A 17 -6.74 -8.36 1.59
CA PRO A 17 -7.56 -7.21 2.00
C PRO A 17 -7.90 -6.30 0.83
N ASP A 18 -8.47 -5.15 1.13
CA ASP A 18 -8.85 -4.18 0.10
C ASP A 18 -7.77 -3.12 -0.07
N PHE A 19 -7.30 -2.95 -1.29
CA PHE A 19 -6.27 -1.95 -1.58
C PHE A 19 -6.89 -0.63 -2.04
N THR A 20 -8.09 -0.72 -2.60
CA THR A 20 -8.78 0.47 -3.08
C THR A 20 -9.66 1.07 -1.99
N ALA A 21 -9.04 1.53 -0.92
CA ALA A 21 -9.77 2.13 0.20
C ALA A 21 -8.85 3.02 1.04
N PHE A 22 -7.78 3.51 0.43
CA PHE A 22 -6.83 4.37 1.12
C PHE A 22 -6.89 5.79 0.57
N THR A 23 -6.85 6.76 1.48
CA THR A 23 -6.91 8.17 1.10
C THR A 23 -5.70 8.93 1.64
N THR A 24 -5.34 8.65 2.88
CA THR A 24 -4.20 9.31 3.51
C THR A 24 -3.16 8.29 3.99
N VAL A 25 -1.90 8.58 3.72
CA VAL A 25 -0.81 7.69 4.12
C VAL A 25 -0.91 7.34 5.61
N ASP A 26 -1.43 8.28 6.39
CA ASP A 26 -1.59 8.07 7.83
C ASP A 26 -2.50 6.88 8.11
N ASP A 27 -3.51 6.71 7.26
CA ASP A 27 -4.46 5.60 7.43
C ASP A 27 -3.86 4.29 6.94
N TRP A 28 -3.31 4.31 5.73
CA TRP A 28 -2.71 3.12 5.16
C TRP A 28 -1.67 2.52 6.10
N LEU A 29 -0.69 3.32 6.49
CA LEU A 29 0.35 2.87 7.40
C LEU A 29 -0.24 2.31 8.69
N SER A 30 -1.33 2.93 9.14
CA SER A 30 -1.99 2.50 10.37
C SER A 30 -2.68 1.15 10.16
N ALA A 31 -2.91 0.79 8.91
CA ALA A 31 -3.56 -0.47 8.57
C ALA A 31 -2.53 -1.59 8.42
N ILE A 32 -1.26 -1.23 8.49
CA ILE A 32 -0.19 -2.21 8.37
C ILE A 32 0.75 -2.17 9.57
N LYS A 33 0.33 -1.45 10.61
CA LYS A 33 1.13 -1.33 11.82
C LYS A 33 2.41 -0.53 11.56
N MET A 34 2.47 0.12 10.40
CA MET A 34 3.63 0.91 10.02
C MET A 34 3.34 2.40 10.16
N VAL A 35 2.35 2.74 10.99
CA VAL A 35 1.97 4.13 11.19
C VAL A 35 3.15 4.94 11.71
N GLN A 36 4.12 4.26 12.31
CA GLN A 36 5.30 4.92 12.84
C GLN A 36 5.99 5.75 11.77
N TYR A 37 5.80 5.38 10.51
CA TYR A 37 6.40 6.09 9.39
C TYR A 37 5.39 7.03 8.73
N ARG A 38 4.42 7.49 9.52
CA ARG A 38 3.38 8.38 9.01
C ARG A 38 3.94 9.78 8.77
N ASP A 39 4.99 10.12 9.52
CA ASP A 39 5.63 11.43 9.39
C ASP A 39 6.74 11.39 8.35
N SER A 40 7.32 10.21 8.16
CA SER A 40 8.42 10.03 7.20
C SER A 40 7.94 10.32 5.79
N PHE A 41 6.75 9.83 5.46
CA PHE A 41 6.18 10.03 4.13
C PHE A 41 5.60 11.44 4.00
N LEU A 42 4.88 11.87 5.03
CA LEU A 42 4.25 13.19 5.03
C LEU A 42 5.29 14.28 4.70
N THR A 43 6.31 14.38 5.53
CA THR A 43 7.37 15.38 5.32
C THR A 43 8.06 15.16 3.98
N ALA A 44 8.16 13.90 3.57
CA ALA A 44 8.82 13.56 2.31
C ALA A 44 8.04 14.13 1.13
N GLY A 45 6.76 14.43 1.35
CA GLY A 45 5.93 14.97 0.29
C GLY A 45 4.91 13.98 -0.22
N PHE A 46 4.67 12.93 0.56
CA PHE A 46 3.71 11.89 0.18
C PHE A 46 2.51 11.89 1.12
N THR A 47 1.65 12.90 0.99
CA THR A 47 0.47 13.01 1.82
C THR A 47 -0.63 12.06 1.35
N SER A 48 -0.69 11.83 0.05
CA SER A 48 -1.70 10.94 -0.53
C SER A 48 -1.06 9.66 -1.04
N LEU A 49 -1.80 8.57 -0.95
CA LEU A 49 -1.31 7.27 -1.41
C LEU A 49 -1.06 7.29 -2.91
N GLN A 50 -1.79 8.14 -3.63
CA GLN A 50 -1.64 8.25 -5.07
C GLN A 50 -0.18 8.53 -5.45
N LEU A 51 0.55 9.16 -4.54
CA LEU A 51 1.95 9.49 -4.77
C LEU A 51 2.86 8.35 -4.30
N VAL A 52 2.37 7.57 -3.34
CA VAL A 52 3.14 6.45 -2.81
C VAL A 52 3.03 5.23 -3.72
N THR A 53 1.91 5.12 -4.43
CA THR A 53 1.68 4.01 -5.34
C THR A 53 2.72 3.98 -6.45
N GLN A 54 3.30 5.14 -6.75
CA GLN A 54 4.32 5.25 -7.79
C GLN A 54 5.71 5.30 -7.18
N MET A 55 5.87 4.75 -5.99
CA MET A 55 7.15 4.73 -5.31
C MET A 55 7.79 3.35 -5.38
N THR A 56 8.93 3.20 -4.71
CA THR A 56 9.65 1.92 -4.71
C THR A 56 10.45 1.75 -3.43
N SER A 57 11.05 0.58 -3.26
CA SER A 57 11.84 0.28 -2.06
C SER A 57 12.89 1.37 -1.83
N GLU A 58 13.35 1.98 -2.92
CA GLU A 58 14.36 3.03 -2.83
C GLU A 58 13.81 4.24 -2.08
N ASP A 59 12.56 4.59 -2.37
CA ASP A 59 11.92 5.73 -1.73
C ASP A 59 11.87 5.54 -0.21
N LEU A 60 11.65 4.31 0.22
CA LEU A 60 11.57 3.99 1.64
C LEU A 60 12.90 4.25 2.33
N LEU A 61 13.99 3.87 1.66
CA LEU A 61 15.33 4.07 2.21
C LEU A 61 15.75 5.52 2.10
N ARG A 62 15.08 6.27 1.23
CA ARG A 62 15.39 7.68 1.02
C ARG A 62 14.86 8.52 2.18
N ILE A 63 13.66 8.18 2.65
CA ILE A 63 13.04 8.90 3.75
C ILE A 63 13.63 8.46 5.09
N GLY A 64 14.09 7.22 5.15
CA GLY A 64 14.67 6.71 6.37
C GLY A 64 14.42 5.23 6.56
N ILE A 65 13.24 4.78 6.16
CA ILE A 65 12.86 3.37 6.28
C ILE A 65 13.92 2.47 5.66
N THR A 66 14.73 1.86 6.51
CA THR A 66 15.79 0.96 6.06
C THR A 66 15.65 -0.41 6.68
N LEU A 67 14.50 -0.68 7.29
CA LEU A 67 14.24 -1.96 7.93
C LEU A 67 13.82 -3.01 6.92
N ALA A 68 14.68 -3.99 6.69
CA ALA A 68 14.40 -5.06 5.74
C ALA A 68 13.07 -5.74 6.05
N GLY A 69 12.81 -5.95 7.34
CA GLY A 69 11.57 -6.58 7.75
C GLY A 69 10.37 -5.69 7.58
N HIS A 70 10.62 -4.38 7.49
CA HIS A 70 9.55 -3.41 7.33
C HIS A 70 9.22 -3.21 5.85
N GLN A 71 10.25 -2.99 5.04
CA GLN A 71 10.07 -2.79 3.62
C GLN A 71 9.26 -3.93 3.00
N LYS A 72 9.46 -5.14 3.51
CA LYS A 72 8.75 -6.31 3.01
C LYS A 72 7.25 -6.13 3.15
N LYS A 73 6.84 -5.30 4.11
CA LYS A 73 5.42 -5.05 4.34
C LYS A 73 4.94 -3.87 3.49
N ILE A 74 5.70 -2.79 3.49
CA ILE A 74 5.34 -1.61 2.73
C ILE A 74 5.27 -1.92 1.23
N LEU A 75 6.39 -2.38 0.68
CA LEU A 75 6.45 -2.73 -0.74
C LEU A 75 5.33 -3.70 -1.11
N ASN A 76 5.09 -4.68 -0.25
CA ASN A 76 4.06 -5.67 -0.50
C ASN A 76 2.69 -5.01 -0.63
N SER A 77 2.54 -3.84 -0.02
CA SER A 77 1.28 -3.10 -0.07
C SER A 77 1.28 -2.13 -1.25
N ILE A 78 2.40 -1.45 -1.46
CA ILE A 78 2.53 -0.49 -2.54
C ILE A 78 2.42 -1.18 -3.90
N HIS A 79 3.09 -2.33 -4.03
CA HIS A 79 3.06 -3.08 -5.28
C HIS A 79 1.64 -3.51 -5.63
N SER A 80 0.88 -3.90 -4.61
CA SER A 80 -0.49 -4.33 -4.81
C SER A 80 -1.43 -3.13 -4.96
N MET A 81 -1.04 -2.01 -4.37
CA MET A 81 -1.84 -0.80 -4.43
C MET A 81 -1.86 -0.25 -5.85
N ARG A 82 -0.69 0.01 -6.41
CA ARG A 82 -0.58 0.55 -7.76
C ARG A 82 -1.36 -0.32 -8.75
N VAL A 83 -1.26 -1.64 -8.60
CA VAL A 83 -1.95 -2.57 -9.47
C VAL A 83 -3.46 -2.37 -9.39
N GLN A 84 -3.92 -1.84 -8.26
CA GLN A 84 -5.35 -1.61 -8.05
C GLN A 84 -5.72 -0.17 -8.38
N ILE A 85 -5.35 0.76 -7.49
CA ILE A 85 -5.64 2.16 -7.70
C ILE A 85 -4.62 2.81 -8.64
N SER A 86 -4.79 4.11 -8.87
CA SER A 86 -3.88 4.84 -9.75
C SER A 86 -3.85 4.21 -11.14
N GLN A 87 -5.02 3.81 -11.64
CA GLN A 87 -5.11 3.21 -12.96
C GLN A 87 -4.78 4.21 -14.06
N SER A 88 -4.25 3.71 -15.17
CA SER A 88 -3.87 4.56 -16.29
C SER A 88 -3.87 3.78 -17.60
N PRO A 89 -5.07 3.40 -18.06
CA PRO A 89 -5.23 2.63 -19.31
C PRO A 89 -4.91 3.46 -20.54
N THR A 90 -3.94 2.98 -21.33
CA THR A 90 -3.54 3.68 -22.54
C THR A 90 -4.48 3.37 -23.70
N ALA A 91 -5.08 2.18 -23.66
CA ALA A 91 -6.01 1.77 -24.71
C ALA A 91 -5.33 1.75 -26.07
N MET A 92 -4.52 0.71 -26.31
CA MET A 92 -3.81 0.58 -27.58
C MET A 92 -4.15 -0.74 -28.25
N ALA A 93 -3.80 -0.85 -29.53
CA ALA A 93 -4.07 -2.07 -30.29
C ALA A 93 -2.91 -3.06 -30.17
N SER A 94 -3.21 -4.22 -29.61
CA SER A 94 -2.20 -5.27 -29.43
C SER A 94 -2.75 -6.64 -29.80
N GLY A 95 -2.51 -7.06 -31.04
CA GLY A 95 -2.99 -8.34 -31.50
C GLY A 95 -2.10 -8.95 -32.58
N PRO A 96 -0.90 -9.39 -32.18
CA PRO A 96 0.06 -10.00 -33.12
C PRO A 96 -0.39 -11.36 -33.62
N SER A 97 -1.10 -11.36 -34.74
CA SER A 97 -1.60 -12.60 -35.32
C SER A 97 -0.46 -13.42 -35.93
N SER A 98 -0.36 -14.68 -35.55
CA SER A 98 0.68 -15.56 -36.05
C SER A 98 0.11 -16.92 -36.44
N GLY A 99 0.76 -17.59 -37.39
CA GLY A 99 0.29 -18.89 -37.83
C GLY A 99 -0.61 -18.81 -39.04
N GLY A 1 -14.02 -14.95 5.96
CA GLY A 1 -15.32 -15.56 6.21
C GLY A 1 -16.37 -15.09 5.23
N SER A 2 -16.20 -13.87 4.72
CA SER A 2 -17.16 -13.31 3.77
C SER A 2 -17.20 -14.13 2.49
N SER A 3 -18.40 -14.38 1.98
CA SER A 3 -18.58 -15.16 0.77
C SER A 3 -18.46 -14.26 -0.47
N GLY A 4 -18.11 -14.87 -1.60
CA GLY A 4 -17.97 -14.12 -2.83
C GLY A 4 -16.73 -14.48 -3.60
N SER A 5 -16.67 -14.09 -4.87
CA SER A 5 -15.52 -14.38 -5.72
C SER A 5 -15.58 -13.57 -7.01
N SER A 6 -14.41 -13.38 -7.63
CA SER A 6 -14.33 -12.62 -8.88
C SER A 6 -12.94 -12.78 -9.50
N GLY A 7 -12.90 -12.77 -10.83
CA GLY A 7 -11.63 -12.91 -11.54
C GLY A 7 -11.27 -14.36 -11.79
N SER A 8 -9.97 -14.62 -11.92
CA SER A 8 -9.49 -15.97 -12.18
C SER A 8 -8.15 -16.21 -11.48
N GLN A 9 -8.00 -15.66 -10.28
CA GLN A 9 -6.77 -15.81 -9.52
C GLN A 9 -7.03 -16.56 -8.21
N PRO A 10 -7.27 -17.86 -8.31
CA PRO A 10 -7.54 -18.72 -7.15
C PRO A 10 -6.30 -18.92 -6.29
N LEU A 11 -6.45 -19.71 -5.23
CA LEU A 11 -5.34 -19.99 -4.32
C LEU A 11 -4.77 -18.70 -3.76
N LEU A 12 -3.69 -18.82 -3.00
CA LEU A 12 -3.04 -17.66 -2.39
C LEU A 12 -4.03 -16.86 -1.56
N ASP A 13 -4.97 -17.55 -0.93
CA ASP A 13 -5.98 -16.90 -0.10
C ASP A 13 -5.47 -16.72 1.34
N ARG A 14 -5.21 -15.48 1.71
CA ARG A 14 -4.72 -15.18 3.05
C ARG A 14 -5.44 -13.97 3.63
N SER A 15 -6.73 -13.86 3.34
CA SER A 15 -7.55 -12.75 3.84
C SER A 15 -6.91 -11.41 3.46
N ILE A 16 -6.57 -11.26 2.19
CA ILE A 16 -5.95 -10.04 1.70
C ILE A 16 -6.83 -8.83 2.00
N PRO A 17 -6.22 -7.76 2.53
CA PRO A 17 -6.92 -6.52 2.87
C PRO A 17 -7.38 -5.76 1.63
N ASP A 18 -7.88 -4.54 1.84
CA ASP A 18 -8.34 -3.71 0.74
C ASP A 18 -7.37 -2.57 0.46
N PHE A 19 -6.96 -2.44 -0.80
CA PHE A 19 -6.03 -1.39 -1.19
C PHE A 19 -6.78 -0.21 -1.80
N THR A 20 -7.94 -0.47 -2.38
CA THR A 20 -8.74 0.57 -3.00
C THR A 20 -9.75 1.15 -2.00
N ALA A 21 -9.27 1.43 -0.79
CA ALA A 21 -10.13 1.98 0.25
C ALA A 21 -9.34 2.93 1.16
N PHE A 22 -8.26 3.49 0.62
CA PHE A 22 -7.42 4.40 1.39
C PHE A 22 -7.66 5.85 0.94
N THR A 23 -6.87 6.77 1.50
CA THR A 23 -6.99 8.18 1.18
C THR A 23 -5.82 8.98 1.73
N THR A 24 -5.36 8.61 2.92
CA THR A 24 -4.24 9.30 3.56
C THR A 24 -3.19 8.30 4.04
N VAL A 25 -1.93 8.60 3.77
CA VAL A 25 -0.84 7.73 4.18
C VAL A 25 -0.93 7.39 5.67
N ASP A 26 -1.48 8.32 6.44
CA ASP A 26 -1.63 8.12 7.88
C ASP A 26 -2.54 6.94 8.18
N ASP A 27 -3.56 6.77 7.34
CA ASP A 27 -4.51 5.66 7.52
C ASP A 27 -3.91 4.36 7.00
N TRP A 28 -3.38 4.39 5.79
CA TRP A 28 -2.80 3.20 5.18
C TRP A 28 -1.76 2.57 6.11
N LEU A 29 -0.76 3.36 6.51
CA LEU A 29 0.29 2.87 7.40
C LEU A 29 -0.32 2.31 8.68
N SER A 30 -1.39 2.94 9.16
CA SER A 30 -2.05 2.51 10.39
C SER A 30 -2.76 1.18 10.17
N ALA A 31 -2.98 0.83 8.91
CA ALA A 31 -3.65 -0.43 8.57
C ALA A 31 -2.65 -1.56 8.42
N ILE A 32 -1.36 -1.22 8.45
CA ILE A 32 -0.29 -2.21 8.32
C ILE A 32 0.63 -2.18 9.53
N LYS A 33 0.22 -1.46 10.57
CA LYS A 33 1.01 -1.36 11.80
C LYS A 33 2.31 -0.58 11.54
N MET A 34 2.37 0.08 10.38
CA MET A 34 3.55 0.84 10.02
C MET A 34 3.28 2.35 10.15
N VAL A 35 2.30 2.69 10.98
CA VAL A 35 1.94 4.09 11.20
C VAL A 35 3.12 4.88 11.72
N GLN A 36 4.09 4.19 12.30
CA GLN A 36 5.28 4.83 12.84
C GLN A 36 5.98 5.67 11.78
N TYR A 37 5.78 5.30 10.52
CA TYR A 37 6.38 6.02 9.41
C TYR A 37 5.38 6.96 8.74
N ARG A 38 4.41 7.43 9.53
CA ARG A 38 3.39 8.33 9.02
C ARG A 38 3.96 9.73 8.80
N ASP A 39 5.00 10.06 9.55
CA ASP A 39 5.65 11.37 9.44
C ASP A 39 6.75 11.34 8.39
N SER A 40 7.34 10.16 8.19
CA SER A 40 8.42 10.00 7.23
C SER A 40 7.94 10.33 5.82
N PHE A 41 6.73 9.90 5.50
CA PHE A 41 6.14 10.14 4.18
C PHE A 41 5.61 11.57 4.08
N LEU A 42 4.93 12.02 5.13
CA LEU A 42 4.36 13.36 5.17
C LEU A 42 5.42 14.40 4.87
N THR A 43 6.47 14.45 5.70
CA THR A 43 7.55 15.40 5.51
C THR A 43 8.18 15.25 4.14
N ALA A 44 8.25 14.02 3.65
CA ALA A 44 8.83 13.75 2.34
C ALA A 44 7.98 14.35 1.23
N GLY A 45 6.72 14.63 1.54
CA GLY A 45 5.81 15.19 0.55
C GLY A 45 4.70 14.25 0.16
N PHE A 46 4.88 12.96 0.47
CA PHE A 46 3.89 11.95 0.15
C PHE A 46 2.72 12.00 1.12
N THR A 47 1.71 12.80 0.80
CA THR A 47 0.55 12.95 1.65
C THR A 47 -0.61 12.10 1.13
N SER A 48 -0.60 11.81 -0.17
CA SER A 48 -1.65 11.02 -0.79
C SER A 48 -1.09 9.70 -1.31
N LEU A 49 -1.78 8.61 -1.02
CA LEU A 49 -1.37 7.28 -1.46
C LEU A 49 -1.12 7.26 -2.96
N GLN A 50 -1.85 8.12 -3.68
CA GLN A 50 -1.71 8.19 -5.14
C GLN A 50 -0.26 8.37 -5.54
N LEU A 51 0.52 9.01 -4.67
CA LEU A 51 1.93 9.25 -4.93
C LEU A 51 2.79 8.13 -4.38
N VAL A 52 2.28 7.45 -3.36
CA VAL A 52 2.99 6.33 -2.74
C VAL A 52 2.94 5.09 -3.62
N THR A 53 1.91 5.01 -4.46
CA THR A 53 1.73 3.87 -5.36
C THR A 53 2.81 3.84 -6.43
N GLN A 54 3.41 5.00 -6.69
CA GLN A 54 4.46 5.11 -7.70
C GLN A 54 5.83 5.14 -7.06
N MET A 55 5.91 4.65 -5.82
CA MET A 55 7.18 4.61 -5.09
C MET A 55 7.81 3.22 -5.15
N THR A 56 8.98 3.08 -4.55
CA THR A 56 9.69 1.80 -4.55
C THR A 56 10.55 1.66 -3.29
N SER A 57 11.16 0.49 -3.13
CA SER A 57 12.01 0.22 -1.98
C SER A 57 13.06 1.33 -1.81
N GLU A 58 13.59 1.80 -2.93
CA GLU A 58 14.61 2.85 -2.90
C GLU A 58 14.05 4.12 -2.25
N ASP A 59 12.76 4.36 -2.43
CA ASP A 59 12.11 5.53 -1.86
C ASP A 59 11.98 5.41 -0.36
N LEU A 60 11.88 4.17 0.12
CA LEU A 60 11.74 3.92 1.55
C LEU A 60 13.04 4.26 2.29
N LEU A 61 14.17 3.92 1.67
CA LEU A 61 15.47 4.19 2.27
C LEU A 61 15.83 5.67 2.15
N ARG A 62 15.16 6.37 1.24
CA ARG A 62 15.40 7.79 1.04
C ARG A 62 14.76 8.62 2.16
N ILE A 63 13.59 8.19 2.61
CA ILE A 63 12.88 8.90 3.68
C ILE A 63 13.42 8.50 5.04
N GLY A 64 13.98 7.29 5.13
CA GLY A 64 14.53 6.81 6.38
C GLY A 64 14.34 5.32 6.56
N ILE A 65 13.19 4.82 6.12
CA ILE A 65 12.89 3.40 6.24
C ILE A 65 14.01 2.54 5.69
N THR A 66 14.81 1.96 6.58
CA THR A 66 15.92 1.12 6.17
C THR A 66 15.84 -0.26 6.82
N LEU A 67 14.62 -0.68 7.13
CA LEU A 67 14.39 -1.98 7.76
C LEU A 67 13.90 -2.99 6.74
N ALA A 68 14.78 -3.91 6.34
CA ALA A 68 14.43 -4.94 5.37
C ALA A 68 13.19 -5.71 5.82
N GLY A 69 13.05 -5.90 7.12
CA GLY A 69 11.91 -6.62 7.65
C GLY A 69 10.64 -5.80 7.62
N HIS A 70 10.79 -4.49 7.52
CA HIS A 70 9.64 -3.58 7.47
C HIS A 70 9.23 -3.30 6.04
N GLN A 71 10.20 -2.95 5.20
CA GLN A 71 9.93 -2.66 3.80
C GLN A 71 9.14 -3.78 3.15
N LYS A 72 9.40 -5.01 3.57
CA LYS A 72 8.71 -6.18 3.03
C LYS A 72 7.20 -5.99 3.10
N LYS A 73 6.74 -5.30 4.13
CA LYS A 73 5.31 -5.04 4.31
C LYS A 73 4.85 -3.87 3.45
N ILE A 74 5.54 -2.74 3.57
CA ILE A 74 5.21 -1.55 2.81
C ILE A 74 5.18 -1.85 1.31
N LEU A 75 6.31 -2.31 0.79
CA LEU A 75 6.42 -2.64 -0.63
C LEU A 75 5.32 -3.60 -1.06
N ASN A 76 5.05 -4.60 -0.22
CA ASN A 76 4.02 -5.58 -0.50
C ASN A 76 2.65 -4.91 -0.67
N SER A 77 2.49 -3.75 -0.03
CA SER A 77 1.24 -3.01 -0.10
C SER A 77 1.25 -2.05 -1.29
N ILE A 78 2.38 -1.40 -1.51
CA ILE A 78 2.52 -0.45 -2.61
C ILE A 78 2.43 -1.16 -3.96
N HIS A 79 3.02 -2.33 -4.04
CA HIS A 79 3.01 -3.12 -5.27
C HIS A 79 1.59 -3.56 -5.62
N SER A 80 0.79 -3.80 -4.58
CA SER A 80 -0.59 -4.23 -4.78
C SER A 80 -1.52 -3.03 -4.94
N MET A 81 -1.12 -1.90 -4.37
CA MET A 81 -1.92 -0.68 -4.46
C MET A 81 -1.90 -0.12 -5.87
N ARG A 82 -0.73 -0.12 -6.50
CA ARG A 82 -0.57 0.40 -7.85
C ARG A 82 -1.34 -0.47 -8.85
N VAL A 83 -1.24 -1.79 -8.67
CA VAL A 83 -1.91 -2.73 -9.55
C VAL A 83 -3.43 -2.54 -9.51
N GLN A 84 -3.91 -2.01 -8.39
CA GLN A 84 -5.34 -1.78 -8.21
C GLN A 84 -5.71 -0.35 -8.58
N ILE A 85 -5.33 0.59 -7.72
CA ILE A 85 -5.62 2.00 -7.96
C ILE A 85 -4.52 2.66 -8.78
N SER A 86 -4.72 3.92 -9.14
CA SER A 86 -3.75 4.67 -9.92
C SER A 86 -3.55 4.03 -11.30
N GLN A 87 -4.61 4.00 -12.09
CA GLN A 87 -4.56 3.42 -13.42
C GLN A 87 -3.69 4.26 -14.36
N SER A 88 -2.44 3.87 -14.51
CA SER A 88 -1.52 4.59 -15.37
C SER A 88 -0.47 3.66 -15.96
N PRO A 89 -0.91 2.78 -16.88
CA PRO A 89 -0.02 1.82 -17.54
C PRO A 89 0.96 2.49 -18.50
N THR A 90 2.22 2.53 -18.09
CA THR A 90 3.27 3.14 -18.90
C THR A 90 4.15 2.09 -19.56
N ALA A 91 3.87 1.78 -20.83
CA ALA A 91 4.63 0.78 -21.56
C ALA A 91 4.59 -0.57 -20.87
N MET A 92 3.65 -1.41 -21.27
CA MET A 92 3.51 -2.74 -20.68
C MET A 92 3.53 -3.82 -21.76
N ALA A 93 2.76 -3.61 -22.82
CA ALA A 93 2.69 -4.56 -23.92
C ALA A 93 3.45 -4.05 -25.14
N SER A 94 4.71 -3.68 -24.94
CA SER A 94 5.54 -3.16 -26.02
C SER A 94 6.13 -4.31 -26.83
N GLY A 95 6.22 -4.11 -28.15
CA GLY A 95 6.78 -5.14 -29.02
C GLY A 95 8.23 -4.88 -29.35
N PRO A 96 8.78 -5.70 -30.26
CA PRO A 96 10.19 -5.58 -30.69
C PRO A 96 10.42 -4.33 -31.52
N SER A 97 9.45 -4.00 -32.37
CA SER A 97 9.56 -2.82 -33.23
C SER A 97 8.72 -1.67 -32.69
N SER A 98 9.39 -0.71 -32.05
CA SER A 98 8.71 0.45 -31.48
C SER A 98 9.24 1.74 -32.08
N GLY A 99 10.55 1.77 -32.34
CA GLY A 99 11.16 2.95 -32.92
C GLY A 99 10.66 3.25 -34.31
N GLY A 1 10.95 -35.86 17.34
CA GLY A 1 10.76 -35.92 15.90
C GLY A 1 10.08 -34.68 15.35
N SER A 2 10.72 -34.03 14.40
CA SER A 2 10.18 -32.82 13.79
C SER A 2 10.60 -32.71 12.32
N SER A 3 9.65 -32.92 11.42
CA SER A 3 9.92 -32.85 9.99
C SER A 3 9.84 -31.40 9.50
N GLY A 4 10.98 -30.87 9.06
CA GLY A 4 11.02 -29.51 8.57
C GLY A 4 11.71 -29.39 7.23
N SER A 5 12.91 -29.96 7.12
CA SER A 5 13.67 -29.92 5.89
C SER A 5 12.88 -30.50 4.73
N SER A 6 12.03 -31.48 5.03
CA SER A 6 11.21 -32.12 4.02
C SER A 6 10.13 -33.00 4.66
N GLY A 7 9.11 -33.34 3.88
CA GLY A 7 8.03 -34.16 4.39
C GLY A 7 6.94 -33.34 5.06
N SER A 8 6.66 -32.17 4.51
CA SER A 8 5.64 -31.29 5.07
C SER A 8 4.90 -30.55 3.96
N GLN A 9 3.67 -30.97 3.68
CA GLN A 9 2.86 -30.35 2.64
C GLN A 9 1.61 -29.72 3.24
N PRO A 10 1.80 -28.61 3.97
CA PRO A 10 0.69 -27.89 4.61
C PRO A 10 -0.21 -27.19 3.59
N LEU A 11 -1.32 -26.65 4.07
CA LEU A 11 -2.27 -25.96 3.20
C LEU A 11 -2.21 -24.45 3.44
N LEU A 12 -2.27 -23.68 2.36
CA LEU A 12 -2.23 -22.23 2.45
C LEU A 12 -3.62 -21.63 2.27
N ASP A 13 -4.19 -21.12 3.36
CA ASP A 13 -5.51 -20.52 3.33
C ASP A 13 -5.49 -19.13 3.95
N ARG A 14 -4.65 -18.25 3.41
CA ARG A 14 -4.54 -16.88 3.91
C ARG A 14 -5.70 -16.03 3.41
N SER A 15 -5.74 -14.77 3.87
CA SER A 15 -6.80 -13.86 3.47
C SER A 15 -6.22 -12.48 3.15
N ILE A 16 -6.29 -12.10 1.89
CA ILE A 16 -5.78 -10.80 1.44
C ILE A 16 -6.71 -9.67 1.89
N PRO A 17 -6.11 -8.61 2.45
CA PRO A 17 -6.86 -7.44 2.92
C PRO A 17 -7.44 -6.63 1.77
N ASP A 18 -8.03 -5.48 2.10
CA ASP A 18 -8.64 -4.61 1.10
C ASP A 18 -7.68 -3.50 0.70
N PHE A 19 -7.17 -3.56 -0.53
CA PHE A 19 -6.24 -2.56 -1.02
C PHE A 19 -6.97 -1.29 -1.42
N THR A 20 -8.24 -1.43 -1.79
CA THR A 20 -9.05 -0.29 -2.19
C THR A 20 -9.86 0.27 -1.02
N ALA A 21 -9.23 0.28 0.16
CA ALA A 21 -9.88 0.80 1.35
C ALA A 21 -9.01 1.85 2.05
N PHE A 22 -8.16 2.51 1.27
CA PHE A 22 -7.28 3.53 1.81
C PHE A 22 -7.63 4.90 1.24
N THR A 23 -6.94 5.93 1.72
CA THR A 23 -7.18 7.29 1.27
C THR A 23 -5.97 8.18 1.51
N THR A 24 -5.36 8.03 2.68
CA THR A 24 -4.19 8.82 3.04
C THR A 24 -3.09 7.93 3.61
N VAL A 25 -1.86 8.44 3.58
CA VAL A 25 -0.72 7.69 4.10
C VAL A 25 -0.91 7.33 5.57
N ASP A 26 -1.31 8.31 6.36
CA ASP A 26 -1.54 8.10 7.78
C ASP A 26 -2.47 6.92 8.01
N ASP A 27 -3.48 6.80 7.16
CA ASP A 27 -4.45 5.71 7.26
C ASP A 27 -3.85 4.40 6.76
N TRP A 28 -3.27 4.43 5.57
CA TRP A 28 -2.66 3.24 4.98
C TRP A 28 -1.65 2.62 5.94
N LEU A 29 -0.68 3.40 6.37
CA LEU A 29 0.34 2.93 7.29
C LEU A 29 -0.29 2.35 8.55
N SER A 30 -1.37 2.97 9.00
CA SER A 30 -2.07 2.52 10.20
C SER A 30 -2.77 1.18 9.95
N ALA A 31 -2.96 0.85 8.68
CA ALA A 31 -3.62 -0.40 8.30
C ALA A 31 -2.61 -1.53 8.16
N ILE A 32 -1.33 -1.18 8.23
CA ILE A 32 -0.26 -2.17 8.11
C ILE A 32 0.65 -2.17 9.32
N LYS A 33 0.21 -1.47 10.37
CA LYS A 33 0.99 -1.39 11.60
C LYS A 33 2.27 -0.61 11.39
N MET A 34 2.36 0.08 10.25
CA MET A 34 3.54 0.87 9.93
C MET A 34 3.26 2.36 10.09
N VAL A 35 2.26 2.68 10.91
CA VAL A 35 1.88 4.08 11.15
C VAL A 35 3.06 4.87 11.72
N GLN A 36 4.02 4.16 12.31
CA GLN A 36 5.19 4.79 12.88
C GLN A 36 5.91 5.64 11.85
N TYR A 37 5.73 5.30 10.58
CA TYR A 37 6.37 6.04 9.49
C TYR A 37 5.38 7.00 8.84
N ARG A 38 4.39 7.44 9.62
CA ARG A 38 3.39 8.37 9.10
C ARG A 38 3.98 9.76 8.92
N ASP A 39 5.02 10.07 9.67
CA ASP A 39 5.67 11.38 9.59
C ASP A 39 6.77 11.36 8.54
N SER A 40 7.35 10.19 8.31
CA SER A 40 8.43 10.04 7.34
C SER A 40 7.93 10.38 5.93
N PHE A 41 6.74 9.87 5.60
CA PHE A 41 6.15 10.12 4.29
C PHE A 41 5.58 11.53 4.21
N LEU A 42 4.89 11.94 5.26
CA LEU A 42 4.29 13.27 5.31
C LEU A 42 5.33 14.36 5.04
N THR A 43 6.40 14.33 5.83
CA THR A 43 7.47 15.31 5.68
C THR A 43 8.21 15.13 4.35
N ALA A 44 8.26 13.89 3.89
CA ALA A 44 8.94 13.57 2.63
C ALA A 44 8.20 14.18 1.44
N GLY A 45 6.92 14.50 1.65
CA GLY A 45 6.12 15.08 0.58
C GLY A 45 5.02 14.15 0.11
N PHE A 46 5.15 12.86 0.45
CA PHE A 46 4.16 11.88 0.05
C PHE A 46 2.98 11.86 1.02
N THR A 47 1.98 12.69 0.74
CA THR A 47 0.80 12.77 1.59
C THR A 47 -0.35 11.97 1.01
N SER A 48 -0.34 11.79 -0.31
CA SER A 48 -1.39 11.05 -1.00
C SER A 48 -0.88 9.68 -1.44
N LEU A 49 -1.69 8.65 -1.24
CA LEU A 49 -1.33 7.29 -1.63
C LEU A 49 -1.05 7.21 -3.13
N GLN A 50 -1.75 8.03 -3.90
CA GLN A 50 -1.59 8.05 -5.34
C GLN A 50 -0.13 8.26 -5.73
N LEU A 51 0.62 8.93 -4.85
CA LEU A 51 2.03 9.19 -5.10
C LEU A 51 2.90 8.06 -4.55
N VAL A 52 2.38 7.37 -3.53
CA VAL A 52 3.11 6.26 -2.92
C VAL A 52 3.10 5.03 -3.81
N THR A 53 2.11 4.95 -4.69
CA THR A 53 1.98 3.83 -5.61
C THR A 53 3.11 3.82 -6.62
N GLN A 54 3.71 4.99 -6.86
CA GLN A 54 4.80 5.11 -7.81
C GLN A 54 6.14 5.14 -7.09
N MET A 55 6.17 4.59 -5.87
CA MET A 55 7.39 4.55 -5.07
C MET A 55 7.97 3.14 -5.04
N THR A 56 9.22 3.02 -4.62
CA THR A 56 9.89 1.73 -4.54
C THR A 56 10.67 1.59 -3.24
N SER A 57 11.23 0.41 -3.01
CA SER A 57 12.02 0.15 -1.80
C SER A 57 13.09 1.22 -1.61
N GLU A 58 13.57 1.76 -2.73
CA GLU A 58 14.61 2.79 -2.68
C GLU A 58 14.08 4.07 -2.04
N ASP A 59 12.84 4.40 -2.36
CA ASP A 59 12.21 5.61 -1.81
C ASP A 59 12.08 5.51 -0.30
N LEU A 60 11.94 4.29 0.20
CA LEU A 60 11.80 4.06 1.64
C LEU A 60 13.10 4.39 2.37
N LEU A 61 14.22 4.06 1.75
CA LEU A 61 15.53 4.33 2.35
C LEU A 61 15.88 5.81 2.24
N ARG A 62 15.20 6.51 1.35
CA ARG A 62 15.45 7.93 1.15
C ARG A 62 14.82 8.75 2.28
N ILE A 63 13.64 8.33 2.72
CA ILE A 63 12.95 9.02 3.80
C ILE A 63 13.48 8.61 5.17
N GLY A 64 14.05 7.40 5.24
CA GLY A 64 14.59 6.91 6.48
C GLY A 64 14.41 5.42 6.66
N ILE A 65 13.25 4.91 6.21
CA ILE A 65 12.95 3.50 6.32
C ILE A 65 14.07 2.64 5.76
N THR A 66 14.88 2.06 6.65
CA THR A 66 16.00 1.23 6.23
C THR A 66 15.90 -0.16 6.86
N LEU A 67 14.68 -0.57 7.20
CA LEU A 67 14.45 -1.88 7.81
C LEU A 67 13.97 -2.88 6.77
N ALA A 68 14.85 -3.80 6.39
CA ALA A 68 14.51 -4.82 5.41
C ALA A 68 13.25 -5.58 5.81
N GLY A 69 13.11 -5.83 7.11
CA GLY A 69 11.95 -6.54 7.60
C GLY A 69 10.69 -5.70 7.56
N HIS A 70 10.86 -4.38 7.50
CA HIS A 70 9.73 -3.47 7.46
C HIS A 70 9.33 -3.17 6.01
N GLN A 71 10.31 -2.96 5.16
CA GLN A 71 10.06 -2.67 3.75
C GLN A 71 9.25 -3.79 3.10
N LYS A 72 9.47 -5.01 3.56
CA LYS A 72 8.76 -6.17 3.02
C LYS A 72 7.25 -5.96 3.11
N LYS A 73 6.82 -5.21 4.11
CA LYS A 73 5.39 -4.93 4.31
C LYS A 73 4.94 -3.78 3.42
N ILE A 74 5.71 -2.69 3.43
CA ILE A 74 5.39 -1.52 2.62
C ILE A 74 5.31 -1.88 1.15
N LEU A 75 6.41 -2.39 0.61
CA LEU A 75 6.47 -2.76 -0.80
C LEU A 75 5.32 -3.71 -1.15
N ASN A 76 5.10 -4.70 -0.29
CA ASN A 76 4.04 -5.68 -0.51
C ASN A 76 2.69 -4.98 -0.70
N SER A 77 2.56 -3.79 -0.12
CA SER A 77 1.33 -3.02 -0.21
C SER A 77 1.34 -2.11 -1.43
N ILE A 78 2.41 -1.32 -1.55
CA ILE A 78 2.55 -0.39 -2.68
C ILE A 78 2.35 -1.12 -4.00
N HIS A 79 2.82 -2.36 -4.08
CA HIS A 79 2.69 -3.15 -5.29
C HIS A 79 1.23 -3.55 -5.53
N SER A 80 0.51 -3.82 -4.44
CA SER A 80 -0.88 -4.22 -4.54
C SER A 80 -1.78 -3.00 -4.79
N MET A 81 -1.32 -1.83 -4.36
CA MET A 81 -2.07 -0.60 -4.55
C MET A 81 -2.07 -0.17 -6.01
N ARG A 82 -0.88 -0.05 -6.58
CA ARG A 82 -0.74 0.35 -7.97
C ARG A 82 -1.59 -0.53 -8.89
N VAL A 83 -1.66 -1.82 -8.55
CA VAL A 83 -2.45 -2.77 -9.32
C VAL A 83 -3.94 -2.46 -9.23
N GLN A 84 -4.42 -2.28 -8.01
CA GLN A 84 -5.83 -1.99 -7.79
C GLN A 84 -6.16 -0.56 -8.22
N ILE A 85 -5.73 0.41 -7.43
CA ILE A 85 -5.98 1.81 -7.72
C ILE A 85 -4.95 2.36 -8.71
N SER A 86 -5.24 3.52 -9.29
CA SER A 86 -4.34 4.15 -10.24
C SER A 86 -4.90 5.49 -10.72
N GLN A 87 -6.06 5.44 -11.36
CA GLN A 87 -6.70 6.65 -11.87
C GLN A 87 -5.77 7.40 -12.81
N SER A 88 -5.82 7.06 -14.10
CA SER A 88 -4.98 7.70 -15.09
C SER A 88 -5.73 8.83 -15.79
N PRO A 89 -4.97 9.74 -16.42
CA PRO A 89 -5.54 10.89 -17.13
C PRO A 89 -6.27 10.48 -18.40
N THR A 90 -5.99 9.26 -18.87
CA THR A 90 -6.62 8.75 -20.09
C THR A 90 -7.85 7.91 -19.75
N ALA A 91 -8.91 8.08 -20.52
CA ALA A 91 -10.14 7.34 -20.30
C ALA A 91 -10.50 6.50 -21.54
N MET A 92 -11.32 5.47 -21.33
CA MET A 92 -11.73 4.60 -22.42
C MET A 92 -10.53 3.97 -23.09
N ALA A 93 -10.79 3.14 -24.11
CA ALA A 93 -9.73 2.48 -24.85
C ALA A 93 -8.83 1.68 -23.90
N SER A 94 -9.41 0.67 -23.26
CA SER A 94 -8.66 -0.17 -22.33
C SER A 94 -9.03 -1.64 -22.51
N GLY A 95 -8.27 -2.33 -23.35
CA GLY A 95 -8.53 -3.74 -23.61
C GLY A 95 -9.94 -3.99 -24.08
N PRO A 96 -10.24 -3.52 -25.30
CA PRO A 96 -11.57 -3.69 -25.90
C PRO A 96 -11.86 -5.14 -26.28
N SER A 97 -10.84 -5.83 -26.78
CA SER A 97 -10.99 -7.22 -27.18
C SER A 97 -11.03 -8.14 -25.96
N SER A 98 -10.00 -8.06 -25.13
CA SER A 98 -9.92 -8.88 -23.93
C SER A 98 -9.92 -10.36 -24.28
N GLY A 99 -9.11 -10.72 -25.27
CA GLY A 99 -9.03 -12.11 -25.69
C GLY A 99 -8.27 -12.28 -26.99
N GLY A 1 10.05 -15.42 34.12
CA GLY A 1 9.62 -14.07 34.43
C GLY A 1 9.62 -13.18 33.20
N SER A 2 9.04 -11.98 33.33
CA SER A 2 8.98 -11.04 32.22
C SER A 2 8.27 -11.67 31.03
N SER A 3 7.16 -12.36 31.30
CA SER A 3 6.40 -13.02 30.24
C SER A 3 5.91 -11.99 29.21
N GLY A 4 6.37 -12.14 27.98
CA GLY A 4 5.98 -11.24 26.92
C GLY A 4 7.02 -11.14 25.83
N SER A 5 6.89 -11.98 24.80
CA SER A 5 7.84 -11.99 23.70
C SER A 5 7.18 -11.45 22.43
N SER A 6 8.00 -11.15 21.42
CA SER A 6 7.51 -10.63 20.16
C SER A 6 6.44 -11.54 19.57
N GLY A 7 5.59 -10.98 18.72
CA GLY A 7 4.53 -11.76 18.10
C GLY A 7 3.95 -11.08 16.87
N SER A 8 4.16 -11.68 15.71
CA SER A 8 3.66 -11.13 14.46
C SER A 8 2.79 -12.15 13.72
N GLN A 9 1.79 -11.65 12.99
CA GLN A 9 0.90 -12.51 12.24
C GLN A 9 1.68 -13.39 11.26
N PRO A 10 1.04 -14.49 10.81
CA PRO A 10 1.66 -15.43 9.87
C PRO A 10 1.82 -14.84 8.48
N LEU A 11 2.23 -15.67 7.53
CA LEU A 11 2.42 -15.23 6.15
C LEU A 11 1.14 -14.61 5.59
N LEU A 12 1.26 -13.99 4.42
CA LEU A 12 0.11 -13.35 3.78
C LEU A 12 -0.54 -14.29 2.77
N ASP A 13 -0.62 -15.56 3.13
CA ASP A 13 -1.23 -16.57 2.25
C ASP A 13 -2.42 -17.23 2.94
N ARG A 14 -3.44 -16.45 3.24
CA ARG A 14 -4.64 -16.97 3.90
C ARG A 14 -5.82 -16.03 3.69
N SER A 15 -5.59 -14.75 3.96
CA SER A 15 -6.64 -13.74 3.80
C SER A 15 -6.06 -12.38 3.44
N ILE A 16 -6.16 -12.03 2.16
CA ILE A 16 -5.62 -10.76 1.68
C ILE A 16 -6.50 -9.60 2.13
N PRO A 17 -5.86 -8.54 2.65
CA PRO A 17 -6.57 -7.35 3.12
C PRO A 17 -7.17 -6.54 1.98
N ASP A 18 -7.79 -5.41 2.32
CA ASP A 18 -8.41 -4.55 1.32
C ASP A 18 -7.47 -3.42 0.93
N PHE A 19 -7.17 -3.33 -0.36
CA PHE A 19 -6.29 -2.28 -0.88
C PHE A 19 -7.08 -1.06 -1.33
N THR A 20 -8.33 -1.29 -1.70
CA THR A 20 -9.20 -0.21 -2.16
C THR A 20 -10.03 0.35 -1.01
N ALA A 21 -9.40 0.54 0.14
CA ALA A 21 -10.08 1.06 1.31
C ALA A 21 -9.22 2.09 2.04
N PHE A 22 -8.35 2.76 1.30
CA PHE A 22 -7.46 3.77 1.87
C PHE A 22 -7.82 5.16 1.35
N THR A 23 -7.02 6.15 1.74
CA THR A 23 -7.25 7.53 1.33
C THR A 23 -6.04 8.40 1.64
N THR A 24 -5.47 8.21 2.82
CA THR A 24 -4.30 8.99 3.24
C THR A 24 -3.18 8.06 3.71
N VAL A 25 -1.95 8.56 3.62
CA VAL A 25 -0.78 7.78 4.03
C VAL A 25 -0.90 7.35 5.49
N ASP A 26 -1.32 8.28 6.34
CA ASP A 26 -1.47 7.99 7.77
C ASP A 26 -2.47 6.85 7.98
N ASP A 27 -3.48 6.78 7.12
CA ASP A 27 -4.49 5.73 7.21
C ASP A 27 -3.95 4.40 6.71
N TRP A 28 -3.29 4.43 5.55
CA TRP A 28 -2.72 3.23 4.96
C TRP A 28 -1.73 2.57 5.91
N LEU A 29 -0.73 3.33 6.34
CA LEU A 29 0.28 2.81 7.26
C LEU A 29 -0.35 2.26 8.52
N SER A 30 -1.43 2.90 8.97
CA SER A 30 -2.13 2.48 10.17
C SER A 30 -2.84 1.15 9.94
N ALA A 31 -3.04 0.80 8.67
CA ALA A 31 -3.70 -0.45 8.31
C ALA A 31 -2.70 -1.60 8.20
N ILE A 32 -1.41 -1.26 8.29
CA ILE A 32 -0.35 -2.26 8.20
C ILE A 32 0.53 -2.23 9.44
N LYS A 33 0.10 -1.50 10.45
CA LYS A 33 0.84 -1.40 11.70
C LYS A 33 2.15 -0.64 11.48
N MET A 34 2.27 0.01 10.32
CA MET A 34 3.47 0.77 9.99
C MET A 34 3.21 2.27 10.11
N VAL A 35 2.21 2.63 10.91
CA VAL A 35 1.86 4.04 11.10
C VAL A 35 3.03 4.82 11.67
N GLN A 36 3.98 4.11 12.27
CA GLN A 36 5.16 4.74 12.86
C GLN A 36 5.89 5.59 11.82
N TYR A 37 5.73 5.24 10.54
CA TYR A 37 6.37 5.97 9.46
C TYR A 37 5.40 6.94 8.81
N ARG A 38 4.41 7.39 9.57
CA ARG A 38 3.42 8.32 9.05
C ARG A 38 4.02 9.71 8.85
N ASP A 39 5.07 10.01 9.60
CA ASP A 39 5.74 11.30 9.52
C ASP A 39 6.82 11.27 8.44
N SER A 40 7.40 10.10 8.21
CA SER A 40 8.45 9.94 7.21
C SER A 40 7.92 10.27 5.81
N PHE A 41 6.73 9.76 5.51
CA PHE A 41 6.13 9.99 4.20
C PHE A 41 5.60 11.42 4.09
N LEU A 42 4.96 11.89 5.15
CA LEU A 42 4.41 13.25 5.16
C LEU A 42 5.50 14.28 4.89
N THR A 43 6.50 14.34 5.78
CA THR A 43 7.60 15.27 5.63
C THR A 43 8.32 15.08 4.30
N ALA A 44 8.32 13.83 3.81
CA ALA A 44 8.97 13.51 2.55
C ALA A 44 8.23 14.14 1.37
N GLY A 45 6.96 14.50 1.60
CA GLY A 45 6.16 15.11 0.56
C GLY A 45 5.04 14.20 0.08
N PHE A 46 5.15 12.92 0.40
CA PHE A 46 4.14 11.95 0.00
C PHE A 46 2.97 11.95 0.96
N THR A 47 1.98 12.79 0.68
CA THR A 47 0.80 12.91 1.53
C THR A 47 -0.35 12.07 0.98
N SER A 48 -0.33 11.83 -0.33
CA SER A 48 -1.37 11.05 -0.97
C SER A 48 -0.84 9.69 -1.41
N LEU A 49 -1.66 8.65 -1.25
CA LEU A 49 -1.27 7.30 -1.63
C LEU A 49 -0.98 7.21 -3.12
N GLN A 50 -1.68 8.04 -3.90
CA GLN A 50 -1.49 8.05 -5.34
C GLN A 50 -0.04 8.30 -5.71
N LEU A 51 0.69 8.96 -4.82
CA LEU A 51 2.10 9.26 -5.05
C LEU A 51 2.99 8.14 -4.50
N VAL A 52 2.48 7.42 -3.50
CA VAL A 52 3.22 6.33 -2.89
C VAL A 52 3.17 5.09 -3.76
N THR A 53 2.11 4.96 -4.55
CA THR A 53 1.94 3.82 -5.43
C THR A 53 3.05 3.74 -6.47
N GLN A 54 3.65 4.89 -6.76
CA GLN A 54 4.74 4.96 -7.74
C GLN A 54 6.09 5.04 -7.04
N MET A 55 6.15 4.52 -5.82
CA MET A 55 7.40 4.54 -5.05
C MET A 55 8.04 3.16 -5.03
N THR A 56 9.27 3.10 -4.55
CA THR A 56 10.01 1.83 -4.48
C THR A 56 10.80 1.73 -3.18
N SER A 57 11.41 0.57 -2.96
CA SER A 57 12.20 0.33 -1.76
C SER A 57 13.22 1.44 -1.56
N GLU A 58 13.84 1.87 -2.66
CA GLU A 58 14.84 2.93 -2.61
C GLU A 58 14.27 4.20 -2.00
N ASP A 59 13.00 4.48 -2.30
CA ASP A 59 12.34 5.66 -1.80
C ASP A 59 12.15 5.57 -0.29
N LEU A 60 12.04 4.35 0.22
CA LEU A 60 11.86 4.12 1.65
C LEU A 60 13.12 4.49 2.43
N LEU A 61 14.27 4.16 1.85
CA LEU A 61 15.56 4.45 2.48
C LEU A 61 15.89 5.94 2.38
N ARG A 62 15.23 6.62 1.44
CA ARG A 62 15.46 8.04 1.23
C ARG A 62 14.78 8.86 2.33
N ILE A 63 13.60 8.43 2.75
CA ILE A 63 12.85 9.12 3.78
C ILE A 63 13.35 8.74 5.18
N GLY A 64 13.92 7.54 5.28
CA GLY A 64 14.43 7.08 6.55
C GLY A 64 14.25 5.58 6.74
N ILE A 65 13.13 5.07 6.26
CA ILE A 65 12.83 3.64 6.38
C ILE A 65 14.00 2.80 5.86
N THR A 66 14.77 2.25 6.79
CA THR A 66 15.92 1.41 6.43
C THR A 66 15.85 0.05 7.10
N LEU A 67 14.64 -0.51 7.16
CA LEU A 67 14.44 -1.81 7.79
C LEU A 67 13.98 -2.85 6.77
N ALA A 68 14.87 -3.75 6.39
CA ALA A 68 14.54 -4.80 5.43
C ALA A 68 13.30 -5.57 5.85
N GLY A 69 13.12 -5.71 7.16
CA GLY A 69 11.97 -6.44 7.67
C GLY A 69 10.70 -5.62 7.60
N HIS A 70 10.84 -4.30 7.49
CA HIS A 70 9.68 -3.41 7.43
C HIS A 70 9.30 -3.14 5.97
N GLN A 71 10.30 -2.83 5.16
CA GLN A 71 10.07 -2.54 3.74
C GLN A 71 9.32 -3.68 3.06
N LYS A 72 9.58 -4.90 3.51
CA LYS A 72 8.93 -6.08 2.95
C LYS A 72 7.42 -5.96 3.06
N LYS A 73 6.96 -5.25 4.09
CA LYS A 73 5.52 -5.06 4.30
C LYS A 73 4.99 -3.91 3.45
N ILE A 74 5.68 -2.78 3.49
CA ILE A 74 5.28 -1.61 2.73
C ILE A 74 5.16 -1.94 1.24
N LEU A 75 6.27 -2.36 0.64
CA LEU A 75 6.30 -2.71 -0.77
C LEU A 75 5.20 -3.72 -1.10
N ASN A 76 5.04 -4.71 -0.23
CA ASN A 76 4.02 -5.74 -0.43
C ASN A 76 2.64 -5.11 -0.62
N SER A 77 2.45 -3.93 -0.03
CA SER A 77 1.18 -3.23 -0.13
C SER A 77 1.15 -2.31 -1.33
N ILE A 78 2.25 -1.57 -1.52
CA ILE A 78 2.35 -0.64 -2.65
C ILE A 78 2.10 -1.35 -3.97
N HIS A 79 2.76 -2.49 -4.17
CA HIS A 79 2.60 -3.26 -5.39
C HIS A 79 1.14 -3.63 -5.62
N SER A 80 0.43 -3.93 -4.53
CA SER A 80 -0.98 -4.29 -4.61
C SER A 80 -1.84 -3.05 -4.81
N MET A 81 -1.36 -1.92 -4.33
CA MET A 81 -2.10 -0.66 -4.46
C MET A 81 -2.11 -0.18 -5.90
N ARG A 82 -0.93 -0.04 -6.49
CA ARG A 82 -0.81 0.41 -7.87
C ARG A 82 -1.69 -0.42 -8.80
N VAL A 83 -1.77 -1.72 -8.51
CA VAL A 83 -2.58 -2.64 -9.31
C VAL A 83 -4.07 -2.32 -9.18
N GLN A 84 -4.50 -2.08 -7.95
CA GLN A 84 -5.90 -1.76 -7.68
C GLN A 84 -6.22 -0.32 -8.08
N ILE A 85 -5.76 0.63 -7.26
CA ILE A 85 -6.00 2.04 -7.52
C ILE A 85 -4.96 2.60 -8.49
N SER A 86 -5.29 3.72 -9.13
CA SER A 86 -4.40 4.35 -10.09
C SER A 86 -4.90 5.74 -10.47
N GLN A 87 -5.48 6.44 -9.50
CA GLN A 87 -6.01 7.78 -9.73
C GLN A 87 -6.33 8.47 -8.41
N SER A 88 -6.93 7.73 -7.48
CA SER A 88 -7.30 8.27 -6.19
C SER A 88 -8.13 9.55 -6.35
N PRO A 89 -9.36 9.39 -6.86
CA PRO A 89 -10.28 10.51 -7.07
C PRO A 89 -10.79 11.11 -5.76
N THR A 90 -10.39 12.33 -5.48
CA THR A 90 -10.80 13.01 -4.25
C THR A 90 -11.26 14.44 -4.54
N ALA A 91 -11.97 15.03 -3.58
CA ALA A 91 -12.46 16.39 -3.73
C ALA A 91 -12.27 17.19 -2.45
N MET A 92 -11.11 17.82 -2.32
CA MET A 92 -10.80 18.61 -1.13
C MET A 92 -10.02 19.87 -1.52
N ALA A 93 -10.73 20.89 -1.97
CA ALA A 93 -10.11 22.15 -2.37
C ALA A 93 -11.10 23.30 -2.30
N SER A 94 -10.60 24.49 -1.99
CA SER A 94 -11.44 25.67 -1.89
C SER A 94 -10.70 26.92 -2.34
N GLY A 95 -11.42 27.87 -2.93
CA GLY A 95 -10.80 29.09 -3.39
C GLY A 95 -11.81 30.19 -3.64
N PRO A 96 -12.34 30.78 -2.55
CA PRO A 96 -13.33 31.85 -2.62
C PRO A 96 -12.74 33.16 -3.15
N SER A 97 -11.46 33.39 -2.82
CA SER A 97 -10.78 34.60 -3.25
C SER A 97 -9.27 34.39 -3.28
N SER A 98 -8.85 33.27 -3.88
CA SER A 98 -7.43 32.94 -3.97
C SER A 98 -6.79 32.94 -2.59
N GLY A 99 -7.54 32.53 -1.59
CA GLY A 99 -7.03 32.50 -0.23
C GLY A 99 -7.56 33.63 0.63
N GLY A 1 -23.53 -10.81 23.59
CA GLY A 1 -22.60 -9.70 23.68
C GLY A 1 -21.17 -10.15 23.90
N SER A 2 -20.76 -11.15 23.13
CA SER A 2 -19.40 -11.68 23.24
C SER A 2 -19.11 -12.66 22.11
N SER A 3 -17.90 -13.22 22.11
CA SER A 3 -17.50 -14.18 21.09
C SER A 3 -16.83 -15.39 21.72
N GLY A 4 -17.42 -16.57 21.49
CA GLY A 4 -16.87 -17.79 22.04
C GLY A 4 -15.98 -18.53 21.05
N SER A 5 -14.67 -18.33 21.19
CA SER A 5 -13.71 -18.97 20.29
C SER A 5 -12.40 -19.26 21.02
N SER A 6 -12.09 -20.54 21.20
CA SER A 6 -10.87 -20.94 21.88
C SER A 6 -9.65 -20.73 20.99
N GLY A 7 -8.49 -21.15 21.47
CA GLY A 7 -7.26 -20.99 20.72
C GLY A 7 -6.47 -22.27 20.62
N SER A 8 -7.15 -23.41 20.80
CA SER A 8 -6.51 -24.71 20.74
C SER A 8 -6.90 -25.46 19.48
N GLN A 9 -7.03 -24.73 18.37
CA GLN A 9 -7.40 -25.32 17.09
C GLN A 9 -6.18 -25.52 16.21
N PRO A 10 -6.31 -26.42 15.20
CA PRO A 10 -5.23 -26.71 14.27
C PRO A 10 -4.93 -25.55 13.33
N LEU A 11 -4.21 -24.57 13.83
CA LEU A 11 -3.85 -23.39 13.04
C LEU A 11 -5.09 -22.61 12.63
N LEU A 12 -4.89 -21.36 12.22
CA LEU A 12 -6.00 -20.51 11.80
C LEU A 12 -5.88 -20.16 10.32
N ASP A 13 -7.03 -19.90 9.69
CA ASP A 13 -7.06 -19.54 8.27
C ASP A 13 -6.81 -18.05 8.09
N ARG A 14 -6.80 -17.62 6.83
CA ARG A 14 -6.57 -16.21 6.51
C ARG A 14 -6.84 -15.94 5.02
N SER A 15 -6.80 -14.67 4.65
CA SER A 15 -7.03 -14.28 3.26
C SER A 15 -6.43 -12.91 2.98
N ILE A 16 -6.26 -12.60 1.69
CA ILE A 16 -5.69 -11.32 1.28
C ILE A 16 -6.54 -10.16 1.77
N PRO A 17 -5.89 -9.15 2.36
CA PRO A 17 -6.56 -7.96 2.88
C PRO A 17 -7.13 -7.07 1.76
N ASP A 18 -7.64 -5.91 2.14
CA ASP A 18 -8.20 -4.97 1.18
C ASP A 18 -7.22 -3.85 0.85
N PHE A 19 -7.00 -3.61 -0.43
CA PHE A 19 -6.08 -2.57 -0.87
C PHE A 19 -6.85 -1.31 -1.27
N THR A 20 -8.09 -1.48 -1.69
CA THR A 20 -8.93 -0.36 -2.10
C THR A 20 -9.77 0.15 -0.94
N ALA A 21 -9.16 0.25 0.24
CA ALA A 21 -9.85 0.72 1.42
C ALA A 21 -9.03 1.78 2.15
N PHE A 22 -8.18 2.47 1.40
CA PHE A 22 -7.33 3.52 1.97
C PHE A 22 -7.75 4.90 1.45
N THR A 23 -6.94 5.90 1.77
CA THR A 23 -7.21 7.27 1.33
C THR A 23 -6.05 8.19 1.65
N THR A 24 -5.46 8.03 2.83
CA THR A 24 -4.34 8.85 3.25
C THR A 24 -3.21 7.99 3.81
N VAL A 25 -1.98 8.47 3.67
CA VAL A 25 -0.82 7.75 4.17
C VAL A 25 -0.99 7.37 5.65
N ASP A 26 -1.38 8.35 6.46
CA ASP A 26 -1.58 8.11 7.87
C ASP A 26 -2.51 6.92 8.11
N ASP A 27 -3.52 6.79 7.27
CA ASP A 27 -4.48 5.70 7.38
C ASP A 27 -3.88 4.40 6.86
N TRP A 28 -3.33 4.45 5.64
CA TRP A 28 -2.72 3.28 5.04
C TRP A 28 -1.70 2.64 5.97
N LEU A 29 -0.72 3.44 6.39
CA LEU A 29 0.33 2.96 7.29
C LEU A 29 -0.28 2.36 8.56
N SER A 30 -1.37 2.96 9.03
CA SER A 30 -2.04 2.49 10.23
C SER A 30 -2.73 1.14 9.98
N ALA A 31 -2.93 0.83 8.71
CA ALA A 31 -3.58 -0.42 8.33
C ALA A 31 -2.56 -1.54 8.15
N ILE A 32 -1.28 -1.18 8.21
CA ILE A 32 -0.21 -2.15 8.05
C ILE A 32 0.72 -2.15 9.27
N LYS A 33 0.29 -1.47 10.33
CA LYS A 33 1.07 -1.38 11.55
C LYS A 33 2.35 -0.58 11.33
N MET A 34 2.42 0.11 10.19
CA MET A 34 3.58 0.91 9.86
C MET A 34 3.29 2.40 10.05
N VAL A 35 2.29 2.70 10.87
CA VAL A 35 1.91 4.08 11.13
C VAL A 35 3.08 4.88 11.69
N GLN A 36 4.06 4.18 12.26
CA GLN A 36 5.24 4.82 12.83
C GLN A 36 5.93 5.70 11.79
N TYR A 37 5.75 5.36 10.52
CA TYR A 37 6.36 6.11 9.43
C TYR A 37 5.36 7.07 8.80
N ARG A 38 4.38 7.50 9.59
CA ARG A 38 3.36 8.42 9.11
C ARG A 38 3.94 9.81 8.89
N ASP A 39 5.00 10.13 9.63
CA ASP A 39 5.65 11.42 9.52
C ASP A 39 6.77 11.39 8.48
N SER A 40 7.34 10.21 8.28
CA SER A 40 8.42 10.04 7.32
C SER A 40 7.95 10.36 5.90
N PHE A 41 6.76 9.88 5.56
CA PHE A 41 6.18 10.12 4.24
C PHE A 41 5.61 11.52 4.14
N LEU A 42 4.94 11.97 5.19
CA LEU A 42 4.34 13.30 5.22
C LEU A 42 5.38 14.37 4.95
N THR A 43 6.40 14.43 5.81
CA THR A 43 7.47 15.40 5.66
C THR A 43 8.22 15.20 4.35
N ALA A 44 8.28 13.96 3.89
CA ALA A 44 8.97 13.64 2.66
C ALA A 44 8.25 14.23 1.45
N GLY A 45 6.97 14.56 1.63
CA GLY A 45 6.20 15.14 0.56
C GLY A 45 5.09 14.22 0.08
N PHE A 46 5.19 12.95 0.44
CA PHE A 46 4.18 11.95 0.05
C PHE A 46 3.01 11.96 1.02
N THR A 47 2.02 12.79 0.75
CA THR A 47 0.84 12.89 1.59
C THR A 47 -0.32 12.09 1.01
N SER A 48 -0.31 11.91 -0.30
CA SER A 48 -1.36 11.17 -0.98
C SER A 48 -0.87 9.78 -1.40
N LEU A 49 -1.68 8.77 -1.13
CA LEU A 49 -1.33 7.40 -1.48
C LEU A 49 -1.07 7.26 -2.98
N GLN A 50 -1.78 8.07 -3.77
CA GLN A 50 -1.62 8.04 -5.21
C GLN A 50 -0.16 8.25 -5.61
N LEU A 51 0.58 8.94 -4.76
CA LEU A 51 1.99 9.21 -5.01
C LEU A 51 2.87 8.08 -4.47
N VAL A 52 2.37 7.39 -3.45
CA VAL A 52 3.10 6.29 -2.85
C VAL A 52 3.08 5.04 -3.74
N THR A 53 2.06 4.96 -4.59
CA THR A 53 1.92 3.83 -5.50
C THR A 53 3.03 3.81 -6.54
N GLN A 54 3.63 4.98 -6.78
CA GLN A 54 4.71 5.08 -7.75
C GLN A 54 6.06 5.11 -7.05
N MET A 55 6.10 4.59 -5.84
CA MET A 55 7.33 4.54 -5.06
C MET A 55 7.91 3.13 -5.02
N THR A 56 9.17 3.02 -4.62
CA THR A 56 9.83 1.72 -4.54
C THR A 56 10.64 1.60 -3.25
N SER A 57 11.19 0.41 -3.02
CA SER A 57 11.98 0.16 -1.81
C SER A 57 13.06 1.22 -1.65
N GLU A 58 13.53 1.76 -2.77
CA GLU A 58 14.58 2.78 -2.73
C GLU A 58 14.06 4.07 -2.10
N ASP A 59 12.80 4.40 -2.39
CA ASP A 59 12.18 5.60 -1.84
C ASP A 59 12.04 5.50 -0.32
N LEU A 60 11.90 4.28 0.17
CA LEU A 60 11.76 4.04 1.61
C LEU A 60 13.05 4.37 2.35
N LEU A 61 14.18 4.03 1.73
CA LEU A 61 15.49 4.28 2.32
C LEU A 61 15.85 5.77 2.24
N ARG A 62 15.18 6.48 1.33
CA ARG A 62 15.42 7.90 1.15
C ARG A 62 14.80 8.71 2.28
N ILE A 63 13.61 8.29 2.72
CA ILE A 63 12.91 8.98 3.80
C ILE A 63 13.46 8.56 5.16
N GLY A 64 14.01 7.35 5.23
CA GLY A 64 14.55 6.85 6.47
C GLY A 64 14.34 5.36 6.64
N ILE A 65 13.20 4.86 6.18
CA ILE A 65 12.88 3.45 6.29
C ILE A 65 14.01 2.59 5.72
N THR A 66 14.81 2.01 6.60
CA THR A 66 15.92 1.16 6.20
C THR A 66 15.84 -0.22 6.84
N LEU A 67 14.62 -0.63 7.20
CA LEU A 67 14.41 -1.92 7.82
C LEU A 67 13.94 -2.95 6.79
N ALA A 68 14.82 -3.88 6.46
CA ALA A 68 14.50 -4.93 5.49
C ALA A 68 13.22 -5.66 5.88
N GLY A 69 13.04 -5.88 7.17
CA GLY A 69 11.87 -6.58 7.66
C GLY A 69 10.62 -5.72 7.57
N HIS A 70 10.81 -4.40 7.48
CA HIS A 70 9.68 -3.47 7.39
C HIS A 70 9.28 -3.24 5.94
N GLN A 71 10.28 -2.95 5.11
CA GLN A 71 10.04 -2.70 3.69
C GLN A 71 9.23 -3.83 3.06
N LYS A 72 9.47 -5.05 3.53
CA LYS A 72 8.77 -6.22 3.02
C LYS A 72 7.26 -6.00 3.06
N LYS A 73 6.79 -5.29 4.09
CA LYS A 73 5.37 -5.00 4.25
C LYS A 73 4.94 -3.83 3.37
N ILE A 74 5.73 -2.75 3.41
CA ILE A 74 5.43 -1.56 2.63
C ILE A 74 5.34 -1.90 1.15
N LEU A 75 6.42 -2.42 0.58
CA LEU A 75 6.46 -2.79 -0.82
C LEU A 75 5.30 -3.72 -1.18
N ASN A 76 5.05 -4.69 -0.29
CA ASN A 76 3.97 -5.65 -0.51
C ASN A 76 2.62 -4.94 -0.67
N SER A 77 2.53 -3.74 -0.10
CA SER A 77 1.30 -2.96 -0.18
C SER A 77 1.32 -2.04 -1.39
N ILE A 78 2.43 -1.34 -1.57
CA ILE A 78 2.59 -0.41 -2.69
C ILE A 78 2.41 -1.13 -4.02
N HIS A 79 2.90 -2.37 -4.08
CA HIS A 79 2.79 -3.17 -5.30
C HIS A 79 1.34 -3.56 -5.58
N SER A 80 0.60 -3.85 -4.51
CA SER A 80 -0.80 -4.24 -4.64
C SER A 80 -1.68 -3.02 -4.88
N MET A 81 -1.22 -1.87 -4.41
CA MET A 81 -1.96 -0.62 -4.56
C MET A 81 -2.00 -0.19 -6.02
N ARG A 82 -0.81 -0.02 -6.61
CA ARG A 82 -0.69 0.40 -8.00
C ARG A 82 -1.53 -0.50 -8.91
N VAL A 83 -1.54 -1.80 -8.60
CA VAL A 83 -2.29 -2.76 -9.39
C VAL A 83 -3.80 -2.51 -9.27
N GLN A 84 -4.28 -2.39 -8.03
CA GLN A 84 -5.68 -2.15 -7.79
C GLN A 84 -6.08 -0.74 -8.21
N ILE A 85 -5.68 0.25 -7.41
CA ILE A 85 -6.00 1.64 -7.71
C ILE A 85 -5.00 2.23 -8.71
N SER A 86 -5.42 3.27 -9.41
CA SER A 86 -4.56 3.93 -10.39
C SER A 86 -5.23 5.18 -10.96
N GLN A 87 -4.49 6.29 -10.97
CA GLN A 87 -5.02 7.55 -11.48
C GLN A 87 -5.33 7.43 -12.98
N SER A 88 -5.68 8.57 -13.58
CA SER A 88 -6.01 8.60 -15.00
C SER A 88 -4.88 7.99 -15.84
N PRO A 89 -5.20 7.59 -17.07
CA PRO A 89 -4.23 6.99 -17.99
C PRO A 89 -3.20 8.00 -18.48
N THR A 90 -1.98 7.89 -17.95
CA THR A 90 -0.90 8.79 -18.33
C THR A 90 0.01 8.15 -19.37
N ALA A 91 0.12 6.83 -19.33
CA ALA A 91 0.95 6.09 -20.26
C ALA A 91 2.42 6.47 -20.11
N MET A 92 3.13 5.74 -19.26
CA MET A 92 4.55 6.01 -19.03
C MET A 92 5.37 4.73 -19.22
N ALA A 93 5.61 4.36 -20.46
CA ALA A 93 6.38 3.17 -20.77
C ALA A 93 7.15 3.34 -22.08
N SER A 94 8.25 2.60 -22.22
CA SER A 94 9.07 2.67 -23.42
C SER A 94 9.89 1.39 -23.59
N GLY A 95 9.26 0.25 -23.35
CA GLY A 95 9.94 -1.02 -23.48
C GLY A 95 9.15 -2.18 -22.91
N PRO A 96 9.09 -2.25 -21.56
CA PRO A 96 8.36 -3.30 -20.85
C PRO A 96 6.85 -3.16 -21.02
N SER A 97 6.16 -4.30 -21.04
CA SER A 97 4.71 -4.31 -21.19
C SER A 97 4.08 -5.44 -20.38
N SER A 98 2.91 -5.18 -19.82
CA SER A 98 2.21 -6.19 -19.03
C SER A 98 3.10 -6.71 -17.91
N GLY A 99 3.70 -5.79 -17.16
CA GLY A 99 4.57 -6.18 -16.07
C GLY A 99 3.99 -5.83 -14.71
N GLY A 1 -5.92 -34.22 23.30
CA GLY A 1 -5.92 -33.92 21.88
C GLY A 1 -7.02 -32.97 21.48
N SER A 2 -7.41 -33.01 20.21
CA SER A 2 -8.47 -32.14 19.71
C SER A 2 -9.60 -32.96 19.08
N SER A 3 -10.80 -32.80 19.62
CA SER A 3 -11.96 -33.52 19.11
C SER A 3 -13.11 -32.56 18.81
N GLY A 4 -13.18 -32.09 17.57
CA GLY A 4 -14.22 -31.17 17.17
C GLY A 4 -14.11 -30.76 15.72
N SER A 5 -14.91 -31.40 14.86
CA SER A 5 -14.89 -31.09 13.43
C SER A 5 -15.28 -29.64 13.18
N SER A 6 -14.96 -29.14 11.99
CA SER A 6 -15.28 -27.76 11.63
C SER A 6 -16.45 -27.71 10.67
N GLY A 7 -17.44 -28.59 10.90
CA GLY A 7 -18.61 -28.63 10.05
C GLY A 7 -18.33 -29.29 8.72
N SER A 8 -18.04 -28.48 7.70
CA SER A 8 -17.76 -29.00 6.36
C SER A 8 -17.32 -27.89 5.43
N GLN A 9 -18.01 -26.75 5.51
CA GLN A 9 -17.69 -25.60 4.66
C GLN A 9 -17.31 -24.40 5.51
N PRO A 10 -16.14 -24.49 6.17
CA PRO A 10 -15.62 -23.41 7.02
C PRO A 10 -15.19 -22.19 6.23
N LEU A 11 -14.68 -21.18 6.92
CA LEU A 11 -14.23 -19.96 6.27
C LEU A 11 -12.79 -19.63 6.68
N LEU A 12 -12.23 -18.61 6.04
CA LEU A 12 -10.86 -18.19 6.34
C LEU A 12 -10.85 -16.95 7.22
N ASP A 13 -9.99 -16.96 8.23
CA ASP A 13 -9.87 -15.84 9.15
C ASP A 13 -9.04 -14.72 8.54
N ARG A 14 -7.97 -15.10 7.85
CA ARG A 14 -7.09 -14.12 7.22
C ARG A 14 -7.51 -13.86 5.78
N SER A 15 -7.60 -12.58 5.42
CA SER A 15 -8.00 -12.19 4.08
C SER A 15 -7.23 -10.96 3.61
N ILE A 16 -7.35 -10.64 2.33
CA ILE A 16 -6.67 -9.48 1.77
C ILE A 16 -7.46 -8.20 2.00
N PRO A 17 -6.76 -7.15 2.46
CA PRO A 17 -7.37 -5.85 2.74
C PRO A 17 -7.81 -5.14 1.47
N ASP A 18 -8.36 -3.93 1.62
CA ASP A 18 -8.81 -3.13 0.49
C ASP A 18 -7.76 -2.12 0.07
N PHE A 19 -7.14 -2.34 -1.08
CA PHE A 19 -6.11 -1.45 -1.58
C PHE A 19 -6.72 -0.15 -2.11
N THR A 20 -7.92 -0.26 -2.66
CA THR A 20 -8.62 0.90 -3.20
C THR A 20 -9.53 1.54 -2.15
N ALA A 21 -9.00 1.69 -0.95
CA ALA A 21 -9.76 2.30 0.14
C ALA A 21 -8.86 3.18 1.02
N PHE A 22 -7.79 3.70 0.42
CA PHE A 22 -6.86 4.56 1.14
C PHE A 22 -6.92 5.98 0.62
N THR A 23 -6.92 6.94 1.55
CA THR A 23 -6.97 8.36 1.19
C THR A 23 -5.77 9.11 1.74
N THR A 24 -5.33 8.72 2.92
CA THR A 24 -4.18 9.36 3.56
C THR A 24 -3.12 8.34 3.97
N VAL A 25 -1.87 8.63 3.68
CA VAL A 25 -0.77 7.74 4.03
C VAL A 25 -0.81 7.36 5.50
N ASP A 26 -1.33 8.26 6.32
CA ASP A 26 -1.43 8.02 7.76
C ASP A 26 -2.38 6.86 8.05
N ASP A 27 -3.42 6.74 7.23
CA ASP A 27 -4.40 5.67 7.41
C ASP A 27 -3.85 4.35 6.91
N TRP A 28 -3.25 4.36 5.72
CA TRP A 28 -2.68 3.15 5.14
C TRP A 28 -1.67 2.52 6.09
N LEU A 29 -0.66 3.29 6.48
CA LEU A 29 0.37 2.80 7.38
C LEU A 29 -0.23 2.28 8.68
N SER A 30 -1.32 2.91 9.12
CA SER A 30 -2.00 2.50 10.34
C SER A 30 -2.70 1.15 10.15
N ALA A 31 -2.91 0.78 8.90
CA ALA A 31 -3.56 -0.49 8.58
C ALA A 31 -2.55 -1.62 8.47
N ILE A 32 -1.27 -1.27 8.51
CA ILE A 32 -0.20 -2.26 8.41
C ILE A 32 0.72 -2.20 9.64
N LYS A 33 0.28 -1.47 10.65
CA LYS A 33 1.05 -1.33 11.88
C LYS A 33 2.35 -0.56 11.64
N MET A 34 2.43 0.08 10.47
CA MET A 34 3.62 0.85 10.11
C MET A 34 3.33 2.35 10.21
N VAL A 35 2.34 2.70 11.01
CA VAL A 35 1.97 4.10 11.20
C VAL A 35 3.15 4.92 11.72
N GLN A 36 4.11 4.24 12.32
CA GLN A 36 5.28 4.90 12.86
C GLN A 36 5.99 5.72 11.79
N TYR A 37 5.81 5.33 10.53
CA TYR A 37 6.42 6.03 9.41
C TYR A 37 5.43 6.97 8.74
N ARG A 38 4.45 7.45 9.51
CA ARG A 38 3.43 8.34 8.99
C ARG A 38 4.02 9.73 8.73
N ASP A 39 5.08 10.06 9.45
CA ASP A 39 5.74 11.35 9.30
C ASP A 39 6.83 11.29 8.22
N SER A 40 7.41 10.11 8.05
CA SER A 40 8.47 9.91 7.06
C SER A 40 7.95 10.19 5.65
N PHE A 41 6.75 9.67 5.36
CA PHE A 41 6.15 9.85 4.04
C PHE A 41 5.60 11.27 3.90
N LEU A 42 4.96 11.77 4.95
CA LEU A 42 4.38 13.11 4.93
C LEU A 42 5.44 14.15 4.63
N THR A 43 6.45 14.24 5.50
CA THR A 43 7.52 15.20 5.31
C THR A 43 8.23 14.99 3.98
N ALA A 44 8.26 13.75 3.51
CA ALA A 44 8.89 13.41 2.24
C ALA A 44 8.13 14.03 1.08
N GLY A 45 6.87 14.37 1.31
CA GLY A 45 6.06 14.95 0.26
C GLY A 45 5.00 14.00 -0.27
N PHE A 46 4.73 12.94 0.50
CA PHE A 46 3.75 11.94 0.10
C PHE A 46 2.55 11.96 1.05
N THR A 47 1.72 12.98 0.91
CA THR A 47 0.53 13.12 1.75
C THR A 47 -0.59 12.21 1.28
N SER A 48 -0.59 11.88 -0.01
CA SER A 48 -1.61 11.02 -0.59
C SER A 48 -0.99 9.71 -1.08
N LEU A 49 -1.78 8.64 -1.04
CA LEU A 49 -1.32 7.33 -1.48
C LEU A 49 -1.05 7.32 -2.98
N GLN A 50 -1.74 8.20 -3.70
CA GLN A 50 -1.57 8.28 -5.15
C GLN A 50 -0.11 8.54 -5.51
N LEU A 51 0.63 9.14 -4.59
CA LEU A 51 2.03 9.44 -4.81
C LEU A 51 2.92 8.30 -4.31
N VAL A 52 2.41 7.56 -3.32
CA VAL A 52 3.15 6.45 -2.76
C VAL A 52 3.03 5.20 -3.63
N THR A 53 1.94 5.10 -4.37
CA THR A 53 1.71 3.96 -5.25
C THR A 53 2.76 3.90 -6.35
N GLN A 54 3.37 5.04 -6.66
CA GLN A 54 4.40 5.10 -7.69
C GLN A 54 5.79 5.17 -7.07
N MET A 55 5.91 4.64 -5.85
CA MET A 55 7.18 4.63 -5.15
C MET A 55 7.83 3.25 -5.20
N THR A 56 8.96 3.11 -4.52
CA THR A 56 9.68 1.84 -4.49
C THR A 56 10.48 1.68 -3.20
N SER A 57 11.07 0.51 -3.01
CA SER A 57 11.86 0.24 -1.81
C SER A 57 12.91 1.33 -1.60
N GLU A 58 13.42 1.88 -2.69
CA GLU A 58 14.43 2.93 -2.61
C GLU A 58 13.88 4.16 -1.91
N ASP A 59 12.65 4.52 -2.25
CA ASP A 59 12.00 5.68 -1.63
C ASP A 59 11.93 5.54 -0.12
N LEU A 60 11.72 4.31 0.34
CA LEU A 60 11.63 4.03 1.77
C LEU A 60 12.93 4.39 2.48
N LEU A 61 14.05 4.06 1.85
CA LEU A 61 15.36 4.36 2.42
C LEU A 61 15.69 5.85 2.30
N ARG A 62 14.99 6.53 1.40
CA ARG A 62 15.20 7.96 1.19
C ARG A 62 14.59 8.77 2.32
N ILE A 63 13.40 8.36 2.77
CA ILE A 63 12.71 9.04 3.84
C ILE A 63 13.28 8.67 5.21
N GLY A 64 13.83 7.46 5.30
CA GLY A 64 14.40 6.99 6.54
C GLY A 64 14.24 5.50 6.74
N ILE A 65 13.10 4.97 6.31
CA ILE A 65 12.82 3.54 6.44
C ILE A 65 13.96 2.70 5.87
N THR A 66 14.78 2.15 6.75
CA THR A 66 15.91 1.33 6.35
C THR A 66 15.84 -0.05 6.97
N LEU A 67 14.62 -0.53 7.21
CA LEU A 67 14.41 -1.85 7.80
C LEU A 67 13.91 -2.84 6.76
N ALA A 68 14.77 -3.76 6.36
CA ALA A 68 14.41 -4.77 5.37
C ALA A 68 13.15 -5.52 5.79
N GLY A 69 13.05 -5.85 7.06
CA GLY A 69 11.89 -6.57 7.56
C GLY A 69 10.63 -5.71 7.53
N HIS A 70 10.82 -4.40 7.47
CA HIS A 70 9.68 -3.47 7.44
C HIS A 70 9.26 -3.18 6.00
N GLN A 71 10.24 -2.93 5.14
CA GLN A 71 9.97 -2.63 3.74
C GLN A 71 9.21 -3.77 3.08
N LYS A 72 9.49 -4.99 3.50
CA LYS A 72 8.82 -6.17 2.95
C LYS A 72 7.32 -6.07 3.13
N LYS A 73 6.89 -5.33 4.14
CA LYS A 73 5.47 -5.15 4.43
C LYS A 73 4.91 -3.98 3.64
N ILE A 74 5.69 -2.90 3.54
CA ILE A 74 5.27 -1.71 2.80
C ILE A 74 5.15 -1.99 1.32
N LEU A 75 6.26 -2.42 0.71
CA LEU A 75 6.28 -2.74 -0.71
C LEU A 75 5.17 -3.71 -1.08
N ASN A 76 4.96 -4.70 -0.22
CA ASN A 76 3.92 -5.70 -0.44
C ASN A 76 2.55 -5.05 -0.61
N SER A 77 2.39 -3.86 -0.03
CA SER A 77 1.13 -3.13 -0.10
C SER A 77 1.16 -2.13 -1.26
N ILE A 78 2.29 -1.47 -1.43
CA ILE A 78 2.46 -0.49 -2.50
C ILE A 78 2.32 -1.14 -3.87
N HIS A 79 2.97 -2.29 -4.03
CA HIS A 79 2.92 -3.02 -5.30
C HIS A 79 1.49 -3.45 -5.63
N SER A 80 0.76 -3.88 -4.62
CA SER A 80 -0.62 -4.31 -4.80
C SER A 80 -1.55 -3.12 -4.96
N MET A 81 -1.15 -1.99 -4.38
CA MET A 81 -1.95 -0.77 -4.47
C MET A 81 -1.99 -0.23 -5.89
N ARG A 82 -0.82 0.04 -6.45
CA ARG A 82 -0.71 0.54 -7.81
C ARG A 82 -1.50 -0.33 -8.79
N VAL A 83 -1.32 -1.64 -8.67
CA VAL A 83 -2.01 -2.59 -9.54
C VAL A 83 -3.52 -2.40 -9.47
N GLN A 84 -3.99 -1.89 -8.34
CA GLN A 84 -5.42 -1.65 -8.15
C GLN A 84 -5.80 -0.24 -8.54
N ILE A 85 -5.39 0.73 -7.72
CA ILE A 85 -5.68 2.14 -7.98
C ILE A 85 -4.60 2.77 -8.86
N SER A 86 -5.00 3.78 -9.62
CA SER A 86 -4.07 4.47 -10.51
C SER A 86 -4.73 5.69 -11.16
N GLN A 87 -5.99 5.53 -11.56
CA GLN A 87 -6.73 6.61 -12.19
C GLN A 87 -6.78 7.84 -11.28
N SER A 88 -7.17 8.97 -11.86
CA SER A 88 -7.26 10.22 -11.09
C SER A 88 -5.91 10.55 -10.45
N PRO A 89 -4.94 10.95 -11.29
CA PRO A 89 -3.60 11.31 -10.82
C PRO A 89 -3.59 12.61 -10.03
N THR A 90 -4.57 13.47 -10.28
CA THR A 90 -4.68 14.74 -9.59
C THR A 90 -3.45 15.61 -9.87
N ALA A 91 -3.61 16.57 -10.79
CA ALA A 91 -2.53 17.48 -11.14
C ALA A 91 -1.35 16.71 -11.74
N MET A 92 -1.28 16.67 -13.06
CA MET A 92 -0.20 15.97 -13.75
C MET A 92 0.42 16.85 -14.83
N ALA A 93 1.63 16.51 -15.24
CA ALA A 93 2.33 17.27 -16.26
C ALA A 93 1.70 17.07 -17.64
N SER A 94 2.03 17.96 -18.57
CA SER A 94 1.50 17.88 -19.92
C SER A 94 2.03 16.64 -20.64
N GLY A 95 3.31 16.37 -20.46
CA GLY A 95 3.92 15.21 -21.11
C GLY A 95 4.62 15.58 -22.40
N PRO A 96 5.31 14.58 -23.00
CA PRO A 96 6.04 14.79 -24.25
C PRO A 96 5.11 15.01 -25.44
N SER A 97 5.06 16.24 -25.94
CA SER A 97 4.20 16.59 -27.07
C SER A 97 4.59 15.77 -28.30
N SER A 98 5.89 15.59 -28.49
CA SER A 98 6.39 14.83 -29.63
C SER A 98 7.62 14.01 -29.25
N GLY A 99 7.65 12.75 -29.69
CA GLY A 99 8.77 11.88 -29.39
C GLY A 99 9.98 12.19 -30.24
N GLY A 1 -13.02 -42.92 10.69
CA GLY A 1 -12.91 -41.81 11.61
C GLY A 1 -13.89 -40.69 11.28
N SER A 2 -13.94 -39.69 12.16
CA SER A 2 -14.84 -38.56 11.96
C SER A 2 -14.07 -37.25 11.94
N SER A 3 -14.22 -36.48 10.87
CA SER A 3 -13.54 -35.20 10.73
C SER A 3 -14.39 -34.07 11.26
N GLY A 4 -13.99 -33.52 12.41
CA GLY A 4 -14.73 -32.43 13.02
C GLY A 4 -14.32 -31.08 12.48
N SER A 5 -13.12 -31.00 11.92
CA SER A 5 -12.61 -29.76 11.35
C SER A 5 -12.65 -29.79 9.83
N SER A 6 -12.62 -28.61 9.22
CA SER A 6 -12.66 -28.51 7.76
C SER A 6 -11.31 -28.90 7.16
N GLY A 7 -11.04 -30.20 7.10
CA GLY A 7 -9.79 -30.68 6.54
C GLY A 7 -8.60 -30.36 7.42
N SER A 8 -7.42 -30.76 6.98
CA SER A 8 -6.20 -30.53 7.75
C SER A 8 -5.21 -29.69 6.94
N GLN A 9 -4.89 -28.51 7.44
CA GLN A 9 -3.95 -27.62 6.77
C GLN A 9 -4.36 -27.39 5.32
N PRO A 10 -5.49 -26.68 5.12
CA PRO A 10 -6.01 -26.39 3.79
C PRO A 10 -5.13 -25.40 3.03
N LEU A 11 -4.42 -25.89 2.02
CA LEU A 11 -3.56 -25.04 1.21
C LEU A 11 -4.35 -24.20 0.23
N LEU A 12 -3.66 -23.38 -0.54
CA LEU A 12 -4.32 -22.52 -1.53
C LEU A 12 -5.43 -21.69 -0.89
N ASP A 13 -5.03 -20.67 -0.13
CA ASP A 13 -5.99 -19.80 0.54
C ASP A 13 -6.67 -18.87 -0.46
N ARG A 14 -5.86 -18.08 -1.16
CA ARG A 14 -6.38 -17.14 -2.15
C ARG A 14 -7.33 -16.15 -1.50
N SER A 15 -7.11 -15.86 -0.22
CA SER A 15 -7.95 -14.92 0.52
C SER A 15 -7.24 -13.58 0.69
N ILE A 16 -7.34 -12.74 -0.34
CA ILE A 16 -6.71 -11.42 -0.29
C ILE A 16 -7.75 -10.32 -0.10
N PRO A 17 -7.46 -9.40 0.82
CA PRO A 17 -8.35 -8.28 1.13
C PRO A 17 -8.41 -7.26 0.00
N ASP A 18 -9.09 -6.15 0.25
CA ASP A 18 -9.24 -5.10 -0.75
C ASP A 18 -8.28 -3.94 -0.46
N PHE A 19 -7.51 -3.55 -1.47
CA PHE A 19 -6.55 -2.45 -1.32
C PHE A 19 -7.16 -1.14 -1.80
N THR A 20 -8.49 -1.07 -1.81
CA THR A 20 -9.18 0.14 -2.25
C THR A 20 -9.98 0.76 -1.11
N ALA A 21 -9.53 0.51 0.12
CA ALA A 21 -10.19 1.06 1.30
C ALA A 21 -9.31 2.08 2.00
N PHE A 22 -8.43 2.73 1.24
CA PHE A 22 -7.53 3.73 1.80
C PHE A 22 -7.91 5.13 1.33
N THR A 23 -7.10 6.11 1.70
CA THR A 23 -7.34 7.50 1.31
C THR A 23 -6.16 8.38 1.64
N THR A 24 -5.57 8.17 2.82
CA THR A 24 -4.41 8.95 3.25
C THR A 24 -3.29 8.04 3.73
N VAL A 25 -2.06 8.52 3.60
CA VAL A 25 -0.90 7.75 4.01
C VAL A 25 -1.02 7.32 5.47
N ASP A 26 -1.39 8.26 6.33
CA ASP A 26 -1.55 7.98 7.76
C ASP A 26 -2.51 6.82 7.97
N ASP A 27 -3.53 6.73 7.12
CA ASP A 27 -4.52 5.67 7.22
C ASP A 27 -3.96 4.35 6.71
N TRP A 28 -3.31 4.39 5.56
CA TRP A 28 -2.72 3.19 4.97
C TRP A 28 -1.72 2.54 5.92
N LEU A 29 -0.72 3.32 6.34
CA LEU A 29 0.29 2.82 7.26
C LEU A 29 -0.34 2.28 8.53
N SER A 30 -1.43 2.90 8.97
CA SER A 30 -2.12 2.48 10.18
C SER A 30 -2.83 1.15 9.95
N ALA A 31 -3.02 0.78 8.69
CA ALA A 31 -3.67 -0.47 8.34
C ALA A 31 -2.67 -1.61 8.22
N ILE A 32 -1.38 -1.26 8.28
CA ILE A 32 -0.32 -2.26 8.19
C ILE A 32 0.57 -2.23 9.42
N LYS A 33 0.14 -1.50 10.45
CA LYS A 33 0.90 -1.40 11.69
C LYS A 33 2.19 -0.63 11.46
N MET A 34 2.29 0.03 10.32
CA MET A 34 3.48 0.80 9.98
C MET A 34 3.20 2.30 10.11
N VAL A 35 2.20 2.65 10.91
CA VAL A 35 1.84 4.04 11.12
C VAL A 35 3.01 4.84 11.68
N GLN A 36 3.97 4.14 12.28
CA GLN A 36 5.14 4.78 12.85
C GLN A 36 5.86 5.63 11.80
N TYR A 37 5.69 5.26 10.53
CA TYR A 37 6.33 5.99 9.44
C TYR A 37 5.34 6.94 8.78
N ARG A 38 4.36 7.39 9.54
CA ARG A 38 3.35 8.32 9.03
C ARG A 38 3.94 9.71 8.81
N ASP A 39 5.00 10.02 9.56
CA ASP A 39 5.66 11.31 9.46
C ASP A 39 6.75 11.28 8.40
N SER A 40 7.33 10.11 8.19
CA SER A 40 8.40 9.94 7.21
C SER A 40 7.90 10.26 5.81
N PHE A 41 6.71 9.76 5.48
CA PHE A 41 6.12 9.98 4.16
C PHE A 41 5.60 11.41 4.04
N LEU A 42 4.95 11.89 5.10
CA LEU A 42 4.40 13.24 5.11
C LEU A 42 5.49 14.28 4.84
N THR A 43 6.48 14.33 5.73
CA THR A 43 7.58 15.27 5.58
C THR A 43 8.31 15.07 4.26
N ALA A 44 8.34 13.82 3.79
CA ALA A 44 9.01 13.50 2.53
C ALA A 44 8.27 14.11 1.35
N GLY A 45 7.00 14.45 1.56
CA GLY A 45 6.19 15.03 0.50
C GLY A 45 5.08 14.12 0.04
N PHE A 46 5.19 12.84 0.38
CA PHE A 46 4.18 11.86 0.00
C PHE A 46 3.01 11.87 0.98
N THR A 47 2.03 12.73 0.70
CA THR A 47 0.85 12.84 1.55
C THR A 47 -0.30 12.00 1.03
N SER A 48 -0.29 11.75 -0.29
CA SER A 48 -1.34 10.96 -0.92
C SER A 48 -0.79 9.60 -1.38
N LEU A 49 -1.59 8.56 -1.20
CA LEU A 49 -1.18 7.21 -1.60
C LEU A 49 -0.83 7.17 -3.08
N GLN A 50 -1.50 7.99 -3.88
CA GLN A 50 -1.25 8.05 -5.31
C GLN A 50 0.22 8.33 -5.59
N LEU A 51 0.89 8.98 -4.65
CA LEU A 51 2.29 9.31 -4.80
C LEU A 51 3.18 8.17 -4.30
N VAL A 52 2.65 7.37 -3.39
CA VAL A 52 3.38 6.24 -2.83
C VAL A 52 3.25 5.01 -3.73
N THR A 53 2.17 4.96 -4.50
CA THR A 53 1.92 3.83 -5.40
C THR A 53 3.01 3.74 -6.46
N GLN A 54 3.66 4.86 -6.74
CA GLN A 54 4.72 4.90 -7.74
C GLN A 54 6.08 5.01 -7.08
N MET A 55 6.19 4.45 -5.87
CA MET A 55 7.45 4.48 -5.14
C MET A 55 8.13 3.12 -5.17
N THR A 56 9.30 3.02 -4.55
CA THR A 56 10.05 1.77 -4.51
C THR A 56 10.81 1.63 -3.20
N SER A 57 11.43 0.47 -2.99
CA SER A 57 12.19 0.22 -1.77
C SER A 57 13.21 1.33 -1.52
N GLU A 58 13.93 1.71 -2.57
CA GLU A 58 14.93 2.76 -2.45
C GLU A 58 14.32 4.04 -1.88
N ASP A 59 13.12 4.38 -2.36
CA ASP A 59 12.42 5.57 -1.89
C ASP A 59 12.18 5.52 -0.39
N LEU A 60 12.10 4.30 0.15
CA LEU A 60 11.87 4.11 1.58
C LEU A 60 13.11 4.49 2.39
N LEU A 61 14.28 4.20 1.83
CA LEU A 61 15.53 4.52 2.51
C LEU A 61 15.84 6.01 2.40
N ARG A 62 15.20 6.67 1.45
CA ARG A 62 15.41 8.11 1.25
C ARG A 62 14.68 8.92 2.32
N ILE A 63 13.49 8.46 2.70
CA ILE A 63 12.69 9.13 3.71
C ILE A 63 13.16 8.78 5.11
N GLY A 64 13.75 7.59 5.24
CA GLY A 64 14.24 7.16 6.54
C GLY A 64 14.09 5.66 6.73
N ILE A 65 13.00 5.09 6.22
CA ILE A 65 12.75 3.67 6.34
C ILE A 65 13.94 2.86 5.85
N THR A 66 14.72 2.34 6.79
CA THR A 66 15.90 1.53 6.45
C THR A 66 15.82 0.16 7.10
N LEU A 67 14.61 -0.38 7.20
CA LEU A 67 14.41 -1.69 7.80
C LEU A 67 13.95 -2.70 6.75
N ALA A 68 14.85 -3.58 6.33
CA ALA A 68 14.55 -4.59 5.34
C ALA A 68 13.32 -5.41 5.75
N GLY A 69 13.20 -5.67 7.04
CA GLY A 69 12.07 -6.44 7.54
C GLY A 69 10.78 -5.64 7.52
N HIS A 70 10.89 -4.32 7.47
CA HIS A 70 9.73 -3.46 7.44
C HIS A 70 9.30 -3.16 6.00
N GLN A 71 10.27 -2.82 5.16
CA GLN A 71 10.00 -2.51 3.77
C GLN A 71 9.24 -3.64 3.09
N LYS A 72 9.52 -4.88 3.51
CA LYS A 72 8.86 -6.04 2.95
C LYS A 72 7.35 -5.93 3.09
N LYS A 73 6.90 -5.21 4.12
CA LYS A 73 5.47 -5.02 4.35
C LYS A 73 4.93 -3.86 3.52
N ILE A 74 5.70 -2.78 3.46
CA ILE A 74 5.30 -1.61 2.69
C ILE A 74 5.18 -1.93 1.20
N LEU A 75 6.29 -2.34 0.61
CA LEU A 75 6.31 -2.68 -0.82
C LEU A 75 5.22 -3.70 -1.14
N ASN A 76 5.07 -4.70 -0.29
CA ASN A 76 4.07 -5.73 -0.49
C ASN A 76 2.68 -5.12 -0.64
N SER A 77 2.49 -3.94 -0.06
CA SER A 77 1.21 -3.24 -0.13
C SER A 77 1.17 -2.29 -1.32
N ILE A 78 2.29 -1.62 -1.57
CA ILE A 78 2.38 -0.69 -2.68
C ILE A 78 2.12 -1.39 -4.02
N HIS A 79 2.77 -2.53 -4.21
CA HIS A 79 2.60 -3.29 -5.44
C HIS A 79 1.14 -3.65 -5.68
N SER A 80 0.43 -3.94 -4.59
CA SER A 80 -0.99 -4.30 -4.67
C SER A 80 -1.85 -3.05 -4.80
N MET A 81 -1.36 -1.94 -4.29
CA MET A 81 -2.09 -0.68 -4.35
C MET A 81 -2.17 -0.16 -5.78
N ARG A 82 -1.01 0.01 -6.40
CA ARG A 82 -0.95 0.49 -7.78
C ARG A 82 -1.85 -0.33 -8.69
N VAL A 83 -1.83 -1.65 -8.50
CA VAL A 83 -2.65 -2.55 -9.30
C VAL A 83 -4.13 -2.25 -9.13
N GLN A 84 -4.53 -1.96 -7.89
CA GLN A 84 -5.92 -1.66 -7.58
C GLN A 84 -6.27 -0.23 -8.02
N ILE A 85 -5.80 0.74 -7.24
CA ILE A 85 -6.06 2.14 -7.54
C ILE A 85 -5.07 2.69 -8.56
N SER A 86 -5.54 3.59 -9.42
CA SER A 86 -4.69 4.19 -10.45
C SER A 86 -5.47 5.21 -11.27
N GLN A 87 -4.96 6.43 -11.34
CA GLN A 87 -5.60 7.49 -12.09
C GLN A 87 -5.24 7.42 -13.56
N SER A 88 -6.10 7.97 -14.42
CA SER A 88 -5.87 7.96 -15.86
C SER A 88 -5.25 9.28 -16.31
N PRO A 89 -4.62 9.25 -17.50
CA PRO A 89 -3.97 10.43 -18.08
C PRO A 89 -4.98 11.48 -18.52
N THR A 90 -6.21 11.06 -18.75
CA THR A 90 -7.27 11.97 -19.17
C THR A 90 -7.60 12.98 -18.08
N ALA A 91 -7.62 14.26 -18.45
CA ALA A 91 -7.93 15.32 -17.50
C ALA A 91 -8.87 16.36 -18.12
N MET A 92 -9.18 17.39 -17.35
CA MET A 92 -10.06 18.45 -17.83
C MET A 92 -9.35 19.35 -18.83
N ALA A 93 -9.52 19.05 -20.12
CA ALA A 93 -8.90 19.83 -21.18
C ALA A 93 -9.30 21.30 -21.08
N SER A 94 -8.58 22.14 -21.81
CA SER A 94 -8.85 23.57 -21.81
C SER A 94 -9.06 24.09 -23.24
N GLY A 95 -10.19 24.75 -23.46
CA GLY A 95 -10.49 25.29 -24.77
C GLY A 95 -11.17 24.27 -25.66
N PRO A 96 -11.45 24.67 -26.91
CA PRO A 96 -12.11 23.79 -27.89
C PRO A 96 -11.21 22.66 -28.36
N SER A 97 -11.62 21.43 -28.09
CA SER A 97 -10.85 20.26 -28.48
C SER A 97 -10.84 20.10 -30.00
N SER A 98 -9.70 19.68 -30.53
CA SER A 98 -9.55 19.49 -31.97
C SER A 98 -9.49 18.00 -32.32
N GLY A 99 -8.51 17.31 -31.75
CA GLY A 99 -8.36 15.88 -32.02
C GLY A 99 -7.42 15.61 -33.17
N GLY A 1 -27.69 -30.98 0.72
CA GLY A 1 -28.32 -30.21 -0.34
C GLY A 1 -28.65 -28.80 0.11
N SER A 2 -27.64 -27.94 0.15
CA SER A 2 -27.84 -26.55 0.56
C SER A 2 -28.37 -25.71 -0.61
N SER A 3 -27.55 -25.58 -1.65
CA SER A 3 -27.94 -24.80 -2.82
C SER A 3 -28.12 -25.70 -4.04
N GLY A 4 -27.42 -26.83 -4.04
CA GLY A 4 -27.51 -27.76 -5.15
C GLY A 4 -26.68 -29.01 -4.93
N SER A 5 -25.40 -28.94 -5.30
CA SER A 5 -24.51 -30.09 -5.15
C SER A 5 -23.13 -29.63 -4.67
N SER A 6 -23.00 -29.44 -3.36
CA SER A 6 -21.74 -29.01 -2.78
C SER A 6 -21.49 -29.71 -1.44
N GLY A 7 -20.39 -29.34 -0.79
CA GLY A 7 -20.05 -29.95 0.49
C GLY A 7 -18.56 -29.91 0.77
N SER A 8 -17.95 -28.75 0.56
CA SER A 8 -16.52 -28.60 0.80
C SER A 8 -16.25 -27.85 2.09
N GLN A 9 -15.19 -28.24 2.79
CA GLN A 9 -14.83 -27.60 4.05
C GLN A 9 -13.39 -27.10 4.01
N PRO A 10 -13.17 -26.01 3.26
CA PRO A 10 -11.85 -25.40 3.11
C PRO A 10 -11.38 -24.72 4.40
N LEU A 11 -10.11 -24.34 4.44
CA LEU A 11 -9.54 -23.67 5.61
C LEU A 11 -8.85 -22.37 5.22
N LEU A 12 -8.78 -21.45 6.16
CA LEU A 12 -8.14 -20.15 5.91
C LEU A 12 -6.65 -20.33 5.63
N ASP A 13 -6.21 -19.76 4.50
CA ASP A 13 -4.80 -19.86 4.12
C ASP A 13 -4.30 -18.51 3.60
N ARG A 14 -5.07 -17.91 2.70
CA ARG A 14 -4.70 -16.62 2.12
C ARG A 14 -5.81 -15.58 2.33
N SER A 15 -5.66 -14.76 3.37
CA SER A 15 -6.64 -13.74 3.68
C SER A 15 -6.12 -12.35 3.32
N ILE A 16 -5.97 -12.10 2.03
CA ILE A 16 -5.48 -10.81 1.54
C ILE A 16 -6.40 -9.67 1.99
N PRO A 17 -5.80 -8.60 2.50
CA PRO A 17 -6.53 -7.43 2.97
C PRO A 17 -7.16 -6.64 1.83
N ASP A 18 -7.79 -5.52 2.15
CA ASP A 18 -8.43 -4.68 1.15
C ASP A 18 -7.52 -3.51 0.77
N PHE A 19 -7.12 -3.47 -0.50
CA PHE A 19 -6.25 -2.41 -1.00
C PHE A 19 -7.06 -1.17 -1.35
N THR A 20 -8.34 -1.37 -1.69
CA THR A 20 -9.21 -0.26 -2.05
C THR A 20 -10.00 0.23 -0.84
N ALA A 21 -9.33 0.32 0.31
CA ALA A 21 -9.97 0.78 1.53
C ALA A 21 -9.12 1.84 2.23
N PHE A 22 -8.31 2.54 1.46
CA PHE A 22 -7.44 3.58 2.00
C PHE A 22 -7.83 4.95 1.46
N THR A 23 -7.00 5.95 1.74
CA THR A 23 -7.25 7.31 1.29
C THR A 23 -6.06 8.22 1.57
N THR A 24 -5.46 8.05 2.74
CA THR A 24 -4.31 8.85 3.14
C THR A 24 -3.20 7.98 3.70
N VAL A 25 -1.96 8.47 3.60
CA VAL A 25 -0.81 7.74 4.10
C VAL A 25 -0.98 7.35 5.56
N ASP A 26 -1.33 8.33 6.39
CA ASP A 26 -1.54 8.10 7.81
C ASP A 26 -2.50 6.94 8.04
N ASP A 27 -3.45 6.78 7.12
CA ASP A 27 -4.44 5.71 7.21
C ASP A 27 -3.86 4.39 6.71
N TRP A 28 -3.30 4.42 5.51
CA TRP A 28 -2.72 3.22 4.91
C TRP A 28 -1.71 2.58 5.86
N LEU A 29 -0.72 3.37 6.29
CA LEU A 29 0.31 2.89 7.20
C LEU A 29 -0.32 2.29 8.46
N SER A 30 -1.40 2.91 8.93
CA SER A 30 -2.07 2.45 10.12
C SER A 30 -2.78 1.12 9.88
N ALA A 31 -2.99 0.80 8.60
CA ALA A 31 -3.66 -0.44 8.22
C ALA A 31 -2.64 -1.57 8.04
N ILE A 32 -1.36 -1.23 8.14
CA ILE A 32 -0.29 -2.21 7.99
C ILE A 32 0.63 -2.22 9.21
N LYS A 33 0.20 -1.52 10.27
CA LYS A 33 0.98 -1.45 11.50
C LYS A 33 2.27 -0.66 11.27
N MET A 34 2.36 0.02 10.14
CA MET A 34 3.53 0.82 9.80
C MET A 34 3.25 2.30 9.98
N VAL A 35 2.26 2.62 10.80
CA VAL A 35 1.89 4.01 11.05
C VAL A 35 3.07 4.80 11.61
N GLN A 36 4.03 4.09 12.18
CA GLN A 36 5.21 4.72 12.75
C GLN A 36 5.91 5.59 11.71
N TYR A 37 5.72 5.27 10.44
CA TYR A 37 6.34 6.02 9.35
C TYR A 37 5.35 7.00 8.73
N ARG A 38 4.38 7.42 9.53
CA ARG A 38 3.37 8.36 9.06
C ARG A 38 3.96 9.75 8.86
N ASP A 39 5.03 10.05 9.59
CA ASP A 39 5.69 11.34 9.49
C ASP A 39 6.80 11.30 8.44
N SER A 40 7.36 10.11 8.22
CA SER A 40 8.44 9.94 7.25
C SER A 40 7.96 10.28 5.84
N PHE A 41 6.75 9.82 5.51
CA PHE A 41 6.18 10.07 4.20
C PHE A 41 5.63 11.48 4.10
N LEU A 42 4.95 11.92 5.15
CA LEU A 42 4.36 13.25 5.19
C LEU A 42 5.43 14.32 4.91
N THR A 43 6.42 14.39 5.79
CA THR A 43 7.50 15.36 5.63
C THR A 43 8.23 15.17 4.31
N ALA A 44 8.27 13.93 3.83
CA ALA A 44 8.93 13.62 2.58
C ALA A 44 8.19 14.24 1.39
N GLY A 45 6.92 14.57 1.61
CA GLY A 45 6.12 15.16 0.55
C GLY A 45 5.00 14.25 0.10
N PHE A 46 5.09 12.97 0.43
CA PHE A 46 4.08 11.99 0.06
C PHE A 46 2.89 12.04 1.01
N THR A 47 1.92 12.89 0.69
CA THR A 47 0.73 13.05 1.53
C THR A 47 -0.44 12.25 0.96
N SER A 48 -0.40 12.00 -0.34
CA SER A 48 -1.47 11.25 -1.00
C SER A 48 -0.97 9.86 -1.40
N LEU A 49 -1.81 8.85 -1.16
CA LEU A 49 -1.46 7.48 -1.49
C LEU A 49 -1.16 7.33 -2.98
N GLN A 50 -1.85 8.13 -3.80
CA GLN A 50 -1.66 8.09 -5.24
C GLN A 50 -0.20 8.30 -5.60
N LEU A 51 0.53 8.99 -4.73
CA LEU A 51 1.95 9.26 -4.96
C LEU A 51 2.81 8.12 -4.43
N VAL A 52 2.34 7.47 -3.38
CA VAL A 52 3.06 6.35 -2.78
C VAL A 52 2.99 5.10 -3.66
N THR A 53 1.92 5.01 -4.45
CA THR A 53 1.74 3.87 -5.34
C THR A 53 2.84 3.80 -6.39
N GLN A 54 3.44 4.95 -6.67
CA GLN A 54 4.51 5.02 -7.66
C GLN A 54 5.88 5.08 -6.98
N MET A 55 5.94 4.54 -5.77
CA MET A 55 7.19 4.53 -5.01
C MET A 55 7.83 3.15 -5.03
N THR A 56 9.06 3.06 -4.52
CA THR A 56 9.78 1.79 -4.49
C THR A 56 10.60 1.67 -3.21
N SER A 57 11.19 0.49 -3.01
CA SER A 57 12.00 0.25 -1.82
C SER A 57 13.06 1.32 -1.65
N GLU A 58 13.61 1.79 -2.77
CA GLU A 58 14.64 2.83 -2.74
C GLU A 58 14.10 4.12 -2.11
N ASP A 59 12.81 4.37 -2.34
CA ASP A 59 12.17 5.57 -1.80
C ASP A 59 12.01 5.47 -0.29
N LEU A 60 11.92 4.23 0.21
CA LEU A 60 11.77 4.00 1.64
C LEU A 60 13.07 4.29 2.38
N LEU A 61 14.19 3.95 1.76
CA LEU A 61 15.50 4.17 2.37
C LEU A 61 15.88 5.65 2.29
N ARG A 62 15.24 6.38 1.39
CA ARG A 62 15.50 7.80 1.23
C ARG A 62 14.90 8.61 2.37
N ILE A 63 13.71 8.21 2.80
CA ILE A 63 13.02 8.90 3.88
C ILE A 63 13.55 8.45 5.24
N GLY A 64 14.08 7.23 5.29
CA GLY A 64 14.61 6.72 6.54
C GLY A 64 14.38 5.22 6.68
N ILE A 65 13.22 4.75 6.23
CA ILE A 65 12.88 3.34 6.32
C ILE A 65 13.99 2.47 5.73
N THR A 66 14.77 1.87 6.61
CA THR A 66 15.87 1.00 6.18
C THR A 66 15.66 -0.43 6.65
N LEU A 67 14.79 -0.60 7.65
CA LEU A 67 14.51 -1.93 8.18
C LEU A 67 14.05 -2.88 7.08
N ALA A 68 14.92 -3.83 6.74
CA ALA A 68 14.60 -4.80 5.70
C ALA A 68 13.30 -5.53 5.99
N GLY A 69 12.95 -5.61 7.28
CA GLY A 69 11.73 -6.28 7.67
C GLY A 69 10.51 -5.39 7.54
N HIS A 70 10.73 -4.08 7.52
CA HIS A 70 9.65 -3.11 7.40
C HIS A 70 9.35 -2.81 5.94
N GLN A 71 10.40 -2.81 5.11
CA GLN A 71 10.25 -2.53 3.69
C GLN A 71 9.50 -3.67 2.99
N LYS A 72 9.70 -4.89 3.48
CA LYS A 72 9.05 -6.06 2.90
C LYS A 72 7.52 -5.94 3.02
N LYS A 73 7.07 -5.24 4.05
CA LYS A 73 5.65 -5.06 4.28
C LYS A 73 5.09 -3.92 3.42
N ILE A 74 5.80 -2.80 3.41
CA ILE A 74 5.39 -1.63 2.63
C ILE A 74 5.27 -1.99 1.15
N LEU A 75 6.37 -2.46 0.56
CA LEU A 75 6.38 -2.84 -0.84
C LEU A 75 5.25 -3.82 -1.16
N ASN A 76 5.06 -4.80 -0.28
CA ASN A 76 4.01 -5.79 -0.47
C ASN A 76 2.65 -5.12 -0.59
N SER A 77 2.51 -3.95 0.01
CA SER A 77 1.25 -3.21 -0.04
C SER A 77 1.21 -2.27 -1.23
N ILE A 78 2.30 -1.55 -1.45
CA ILE A 78 2.40 -0.60 -2.56
C ILE A 78 2.23 -1.32 -3.89
N HIS A 79 2.90 -2.46 -4.04
CA HIS A 79 2.81 -3.24 -5.27
C HIS A 79 1.38 -3.69 -5.53
N SER A 80 0.60 -3.82 -4.46
CA SER A 80 -0.79 -4.24 -4.58
C SER A 80 -1.71 -3.04 -4.75
N MET A 81 -1.28 -1.89 -4.24
CA MET A 81 -2.07 -0.67 -4.34
C MET A 81 -2.14 -0.19 -5.78
N ARG A 82 -0.98 -0.04 -6.41
CA ARG A 82 -0.90 0.42 -7.79
C ARG A 82 -1.76 -0.46 -8.70
N VAL A 83 -1.63 -1.77 -8.53
CA VAL A 83 -2.39 -2.71 -9.34
C VAL A 83 -3.89 -2.44 -9.26
N GLN A 84 -4.31 -1.84 -8.15
CA GLN A 84 -5.72 -1.51 -7.95
C GLN A 84 -6.01 -0.07 -8.35
N ILE A 85 -5.58 0.87 -7.51
CA ILE A 85 -5.79 2.29 -7.78
C ILE A 85 -4.71 2.84 -8.72
N SER A 86 -5.06 3.88 -9.46
CA SER A 86 -4.12 4.50 -10.39
C SER A 86 -4.67 5.81 -10.92
N GLN A 87 -5.87 5.75 -11.51
CA GLN A 87 -6.51 6.94 -12.06
C GLN A 87 -7.14 7.78 -10.96
N SER A 88 -8.15 7.24 -10.30
CA SER A 88 -8.84 7.95 -9.23
C SER A 88 -9.33 6.97 -8.16
N PRO A 89 -9.60 7.50 -6.96
CA PRO A 89 -10.07 6.70 -5.83
C PRO A 89 -11.50 6.19 -6.04
N THR A 90 -11.94 5.29 -5.15
CA THR A 90 -13.28 4.73 -5.23
C THR A 90 -14.01 4.84 -3.90
N ALA A 91 -15.26 5.28 -3.96
CA ALA A 91 -16.07 5.43 -2.75
C ALA A 91 -17.52 5.03 -3.01
N MET A 92 -18.34 5.08 -1.97
CA MET A 92 -19.74 4.72 -2.08
C MET A 92 -20.56 5.89 -2.62
N ALA A 93 -20.27 7.09 -2.13
CA ALA A 93 -20.97 8.29 -2.56
C ALA A 93 -22.46 8.20 -2.23
N SER A 94 -22.83 8.71 -1.07
CA SER A 94 -24.23 8.70 -0.63
C SER A 94 -24.91 10.02 -0.95
N GLY A 95 -24.39 11.10 -0.39
CA GLY A 95 -24.97 12.41 -0.62
C GLY A 95 -25.03 12.77 -2.09
N PRO A 96 -23.86 13.09 -2.66
CA PRO A 96 -23.75 13.46 -4.09
C PRO A 96 -24.00 12.28 -5.01
N SER A 97 -24.86 12.47 -6.00
CA SER A 97 -25.18 11.42 -6.96
C SER A 97 -23.94 10.99 -7.73
N SER A 98 -23.74 9.68 -7.83
CA SER A 98 -22.59 9.14 -8.54
C SER A 98 -22.68 9.44 -10.03
N GLY A 99 -21.57 9.89 -10.61
CA GLY A 99 -21.54 10.19 -12.03
C GLY A 99 -20.19 9.95 -12.65
N GLY A 1 -15.55 -0.01 13.98
CA GLY A 1 -15.12 -0.09 12.60
C GLY A 1 -16.26 -0.44 11.66
N SER A 2 -16.14 -0.01 10.41
CA SER A 2 -17.17 -0.27 9.41
C SER A 2 -17.34 -1.77 9.19
N SER A 3 -18.58 -2.24 9.29
CA SER A 3 -18.88 -3.66 9.10
C SER A 3 -20.37 -3.87 8.82
N GLY A 4 -20.70 -4.98 8.18
CA GLY A 4 -22.08 -5.28 7.86
C GLY A 4 -22.23 -6.05 6.57
N SER A 5 -22.49 -7.35 6.68
CA SER A 5 -22.65 -8.20 5.51
C SER A 5 -23.70 -7.62 4.55
N SER A 6 -23.56 -7.93 3.28
CA SER A 6 -24.49 -7.44 2.26
C SER A 6 -25.67 -8.40 2.10
N GLY A 7 -25.39 -9.59 1.60
CA GLY A 7 -26.44 -10.58 1.41
C GLY A 7 -25.89 -11.93 1.00
N SER A 8 -24.78 -12.33 1.61
CA SER A 8 -24.16 -13.61 1.30
C SER A 8 -22.95 -13.86 2.20
N GLN A 9 -22.50 -15.10 2.26
CA GLN A 9 -21.35 -15.46 3.07
C GLN A 9 -20.23 -16.05 2.21
N PRO A 10 -19.60 -15.19 1.42
CA PRO A 10 -18.50 -15.60 0.52
C PRO A 10 -17.24 -15.96 1.29
N LEU A 11 -17.16 -17.21 1.74
CA LEU A 11 -16.00 -17.68 2.49
C LEU A 11 -14.72 -17.54 1.67
N LEU A 12 -13.60 -17.38 2.35
CA LEU A 12 -12.31 -17.23 1.70
C LEU A 12 -11.18 -17.71 2.59
N ASP A 13 -9.98 -17.82 2.03
CA ASP A 13 -8.81 -18.26 2.78
C ASP A 13 -7.92 -17.09 3.14
N ARG A 14 -7.41 -16.41 2.12
CA ARG A 14 -6.53 -15.26 2.33
C ARG A 14 -7.35 -13.99 2.59
N SER A 15 -7.18 -13.42 3.79
CA SER A 15 -7.90 -12.21 4.16
C SER A 15 -7.15 -10.97 3.72
N ILE A 16 -7.26 -10.65 2.43
CA ILE A 16 -6.58 -9.48 1.87
C ILE A 16 -7.42 -8.22 2.07
N PRO A 17 -6.76 -7.15 2.55
CA PRO A 17 -7.41 -5.86 2.80
C PRO A 17 -7.83 -5.17 1.51
N ASP A 18 -8.41 -3.98 1.66
CA ASP A 18 -8.86 -3.20 0.49
C ASP A 18 -7.81 -2.18 0.10
N PHE A 19 -7.21 -2.38 -1.08
CA PHE A 19 -6.19 -1.47 -1.58
C PHE A 19 -6.81 -0.19 -2.13
N THR A 20 -8.03 -0.31 -2.65
CA THR A 20 -8.74 0.83 -3.20
C THR A 20 -9.62 1.50 -2.15
N ALA A 21 -9.06 1.70 -0.96
CA ALA A 21 -9.78 2.33 0.13
C ALA A 21 -8.86 3.20 0.98
N PHE A 22 -7.77 3.67 0.36
CA PHE A 22 -6.80 4.51 1.06
C PHE A 22 -6.83 5.93 0.51
N THR A 23 -6.80 6.91 1.42
CA THR A 23 -6.82 8.31 1.02
C THR A 23 -5.63 9.07 1.61
N THR A 24 -5.25 8.70 2.83
CA THR A 24 -4.13 9.34 3.50
C THR A 24 -3.11 8.32 3.97
N VAL A 25 -1.84 8.59 3.70
CA VAL A 25 -0.75 7.70 4.10
C VAL A 25 -0.85 7.33 5.57
N ASP A 26 -1.35 8.26 6.38
CA ASP A 26 -1.50 8.04 7.81
C ASP A 26 -2.44 6.86 8.08
N ASP A 27 -3.45 6.72 7.24
CA ASP A 27 -4.43 5.64 7.38
C ASP A 27 -3.84 4.32 6.90
N TRP A 28 -3.31 4.33 5.68
CA TRP A 28 -2.71 3.13 5.10
C TRP A 28 -1.69 2.51 6.04
N LEU A 29 -0.70 3.31 6.44
CA LEU A 29 0.35 2.84 7.34
C LEU A 29 -0.26 2.28 8.62
N SER A 30 -1.33 2.90 9.09
CA SER A 30 -2.00 2.47 10.31
C SER A 30 -2.70 1.13 10.10
N ALA A 31 -2.93 0.78 8.84
CA ALA A 31 -3.59 -0.46 8.49
C ALA A 31 -2.58 -1.60 8.35
N ILE A 32 -1.30 -1.26 8.39
CA ILE A 32 -0.23 -2.24 8.26
C ILE A 32 0.69 -2.21 9.47
N LYS A 33 0.28 -1.49 10.51
CA LYS A 33 1.08 -1.39 11.72
C LYS A 33 2.36 -0.60 11.47
N MET A 34 2.43 0.05 10.31
CA MET A 34 3.60 0.84 9.95
C MET A 34 3.32 2.33 10.10
N VAL A 35 2.33 2.67 10.91
CA VAL A 35 1.97 4.06 11.15
C VAL A 35 3.16 4.86 11.66
N GLN A 36 4.12 4.16 12.25
CA GLN A 36 5.31 4.81 12.79
C GLN A 36 6.01 5.64 11.72
N TYR A 37 5.81 5.27 10.46
CA TYR A 37 6.42 5.98 9.35
C TYR A 37 5.43 6.93 8.70
N ARG A 38 4.47 7.41 9.48
CA ARG A 38 3.46 8.32 8.98
C ARG A 38 4.05 9.71 8.73
N ASP A 39 5.12 10.02 9.45
CA ASP A 39 5.78 11.31 9.31
C ASP A 39 6.87 11.24 8.24
N SER A 40 7.45 10.06 8.07
CA SER A 40 8.52 9.86 7.09
C SER A 40 8.02 10.18 5.68
N PHE A 41 6.81 9.73 5.37
CA PHE A 41 6.23 9.97 4.05
C PHE A 41 5.66 11.38 3.96
N LEU A 42 4.98 11.82 5.01
CA LEU A 42 4.40 13.15 5.04
C LEU A 42 5.44 14.21 4.71
N THR A 43 6.47 14.31 5.55
CA THR A 43 7.53 15.28 5.34
C THR A 43 8.20 15.09 3.99
N ALA A 44 8.27 13.83 3.55
CA ALA A 44 8.89 13.50 2.28
C ALA A 44 8.11 14.12 1.12
N GLY A 45 6.85 14.43 1.36
CA GLY A 45 6.00 15.01 0.34
C GLY A 45 4.96 14.04 -0.18
N PHE A 46 4.72 12.97 0.57
CA PHE A 46 3.75 11.97 0.17
C PHE A 46 2.55 11.97 1.13
N THR A 47 1.65 12.91 0.94
CA THR A 47 0.46 13.02 1.79
C THR A 47 -0.67 12.14 1.27
N SER A 48 -0.65 11.85 -0.03
CA SER A 48 -1.67 11.02 -0.64
C SER A 48 -1.06 9.74 -1.21
N LEU A 49 -1.75 8.63 -0.98
CA LEU A 49 -1.28 7.33 -1.46
C LEU A 49 -1.05 7.36 -2.97
N GLN A 50 -1.77 8.24 -3.66
CA GLN A 50 -1.64 8.36 -5.10
C GLN A 50 -0.20 8.61 -5.50
N LEU A 51 0.56 9.21 -4.60
CA LEU A 51 1.98 9.49 -4.86
C LEU A 51 2.86 8.36 -4.38
N VAL A 52 2.38 7.61 -3.39
CA VAL A 52 3.12 6.49 -2.83
C VAL A 52 3.01 5.26 -3.73
N THR A 53 1.91 5.17 -4.46
CA THR A 53 1.67 4.03 -5.35
C THR A 53 2.73 3.99 -6.45
N GLN A 54 3.32 5.13 -6.75
CA GLN A 54 4.35 5.22 -7.78
C GLN A 54 5.74 5.28 -7.16
N MET A 55 5.88 4.73 -5.96
CA MET A 55 7.15 4.71 -5.25
C MET A 55 7.79 3.33 -5.31
N THR A 56 8.92 3.17 -4.63
CA THR A 56 9.63 1.91 -4.60
C THR A 56 10.43 1.74 -3.31
N SER A 57 11.01 0.57 -3.13
CA SER A 57 11.81 0.29 -1.94
C SER A 57 12.86 1.37 -1.72
N GLU A 58 13.33 1.96 -2.82
CA GLU A 58 14.34 3.01 -2.75
C GLU A 58 13.80 4.24 -2.01
N ASP A 59 12.57 4.62 -2.35
CA ASP A 59 11.94 5.79 -1.72
C ASP A 59 11.86 5.62 -0.21
N LEU A 60 11.61 4.38 0.23
CA LEU A 60 11.51 4.08 1.65
C LEU A 60 12.82 4.38 2.37
N LEU A 61 13.93 4.01 1.74
CA LEU A 61 15.26 4.24 2.31
C LEU A 61 15.64 5.71 2.22
N ARG A 62 14.97 6.44 1.33
CA ARG A 62 15.24 7.86 1.14
C ARG A 62 14.67 8.68 2.30
N ILE A 63 13.46 8.33 2.72
CA ILE A 63 12.81 9.04 3.81
C ILE A 63 13.38 8.61 5.16
N GLY A 64 13.83 7.37 5.23
CA GLY A 64 14.40 6.85 6.47
C GLY A 64 14.17 5.37 6.64
N ILE A 65 13.00 4.89 6.20
CA ILE A 65 12.67 3.48 6.31
C ILE A 65 13.77 2.60 5.73
N THR A 66 14.57 2.00 6.61
CA THR A 66 15.66 1.13 6.18
C THR A 66 15.55 -0.25 6.82
N LEU A 67 14.39 -0.53 7.40
CA LEU A 67 14.15 -1.82 8.04
C LEU A 67 13.78 -2.88 7.01
N ALA A 68 14.72 -3.80 6.75
CA ALA A 68 14.49 -4.86 5.78
C ALA A 68 13.22 -5.64 6.13
N GLY A 69 12.93 -5.76 7.42
CA GLY A 69 11.74 -6.49 7.85
C GLY A 69 10.48 -5.66 7.70
N HIS A 70 10.64 -4.34 7.61
CA HIS A 70 9.50 -3.44 7.46
C HIS A 70 9.18 -3.21 5.99
N GLN A 71 10.21 -2.93 5.20
CA GLN A 71 10.04 -2.68 3.77
C GLN A 71 9.26 -3.82 3.11
N LYS A 72 9.54 -5.04 3.52
CA LYS A 72 8.87 -6.21 2.98
C LYS A 72 7.35 -6.07 3.11
N LYS A 73 6.91 -5.31 4.10
CA LYS A 73 5.49 -5.08 4.33
C LYS A 73 4.97 -3.92 3.48
N ILE A 74 5.75 -2.84 3.44
CA ILE A 74 5.37 -1.66 2.67
C ILE A 74 5.26 -1.99 1.18
N LEU A 75 6.36 -2.45 0.60
CA LEU A 75 6.39 -2.80 -0.82
C LEU A 75 5.28 -3.78 -1.15
N ASN A 76 5.06 -4.74 -0.26
CA ASN A 76 4.02 -5.75 -0.46
C ASN A 76 2.65 -5.10 -0.59
N SER A 77 2.50 -3.92 -0.01
CA SER A 77 1.23 -3.19 -0.05
C SER A 77 1.21 -2.23 -1.24
N ILE A 78 2.32 -1.53 -1.45
CA ILE A 78 2.43 -0.58 -2.54
C ILE A 78 2.31 -1.28 -3.89
N HIS A 79 2.97 -2.42 -4.03
CA HIS A 79 2.93 -3.18 -5.27
C HIS A 79 1.50 -3.54 -5.64
N SER A 80 0.70 -3.91 -4.64
CA SER A 80 -0.68 -4.29 -4.85
C SER A 80 -1.57 -3.06 -4.96
N MET A 81 -1.14 -1.97 -4.34
CA MET A 81 -1.90 -0.73 -4.37
C MET A 81 -1.91 -0.13 -5.77
N ARG A 82 -0.73 0.00 -6.36
CA ARG A 82 -0.61 0.56 -7.70
C ARG A 82 -1.40 -0.28 -8.71
N VAL A 83 -1.28 -1.59 -8.61
CA VAL A 83 -1.99 -2.50 -9.50
C VAL A 83 -3.50 -2.32 -9.39
N GLN A 84 -3.95 -1.86 -8.24
CA GLN A 84 -5.37 -1.65 -8.00
C GLN A 84 -5.77 -0.23 -8.40
N ILE A 85 -5.36 0.74 -7.60
CA ILE A 85 -5.67 2.14 -7.87
C ILE A 85 -4.64 2.77 -8.78
N SER A 86 -5.04 3.81 -9.51
CA SER A 86 -4.14 4.51 -10.42
C SER A 86 -4.85 5.70 -11.08
N GLN A 87 -4.39 6.90 -10.74
CA GLN A 87 -4.97 8.12 -11.29
C GLN A 87 -6.47 8.17 -11.02
N SER A 88 -6.85 7.96 -9.76
CA SER A 88 -8.26 7.98 -9.37
C SER A 88 -8.79 9.41 -9.32
N PRO A 89 -10.12 9.56 -9.37
CA PRO A 89 -10.78 10.86 -9.33
C PRO A 89 -10.66 11.54 -7.96
N THR A 90 -9.91 12.62 -7.91
CA THR A 90 -9.72 13.35 -6.66
C THR A 90 -10.39 14.72 -6.71
N ALA A 91 -10.60 15.31 -5.55
CA ALA A 91 -11.23 16.63 -5.46
C ALA A 91 -10.19 17.72 -5.24
N MET A 92 -10.67 18.95 -5.05
CA MET A 92 -9.78 20.08 -4.83
C MET A 92 -9.84 20.55 -3.37
N ALA A 93 -8.67 20.67 -2.74
CA ALA A 93 -8.59 21.10 -1.36
C ALA A 93 -7.65 22.28 -1.20
N SER A 94 -8.11 23.32 -0.49
CA SER A 94 -7.30 24.51 -0.28
C SER A 94 -6.06 24.18 0.56
N GLY A 95 -4.93 24.00 -0.12
CA GLY A 95 -3.70 23.69 0.57
C GLY A 95 -2.99 24.93 1.09
N PRO A 96 -2.44 25.72 0.18
CA PRO A 96 -1.72 26.95 0.52
C PRO A 96 -2.66 28.04 1.03
N SER A 97 -2.81 28.12 2.35
CA SER A 97 -3.68 29.12 2.96
C SER A 97 -3.16 30.53 2.70
N SER A 98 -4.08 31.47 2.49
CA SER A 98 -3.71 32.86 2.23
C SER A 98 -3.35 33.57 3.53
N GLY A 99 -2.10 33.45 3.93
CA GLY A 99 -1.64 34.09 5.15
C GLY A 99 -1.72 35.60 5.08
N GLY A 1 -26.99 -19.76 9.89
CA GLY A 1 -27.50 -20.40 8.70
C GLY A 1 -27.32 -21.90 8.73
N SER A 2 -27.26 -22.52 7.55
CA SER A 2 -27.11 -23.97 7.45
C SER A 2 -25.66 -24.38 7.71
N SER A 3 -25.48 -25.46 8.46
CA SER A 3 -24.15 -25.95 8.79
C SER A 3 -24.11 -27.48 8.71
N GLY A 4 -23.72 -28.00 7.55
CA GLY A 4 -23.65 -29.44 7.37
C GLY A 4 -22.34 -30.01 7.85
N SER A 5 -21.35 -30.07 6.97
CA SER A 5 -20.04 -30.61 7.31
C SER A 5 -18.94 -29.62 6.94
N SER A 6 -18.90 -28.48 7.63
CA SER A 6 -17.90 -27.46 7.37
C SER A 6 -16.49 -28.02 7.56
N GLY A 7 -15.57 -27.57 6.72
CA GLY A 7 -14.20 -28.03 6.79
C GLY A 7 -13.22 -27.10 6.12
N SER A 8 -12.78 -27.47 4.93
CA SER A 8 -11.83 -26.65 4.17
C SER A 8 -10.52 -26.49 4.94
N GLN A 9 -9.61 -25.70 4.39
CA GLN A 9 -8.32 -25.46 5.01
C GLN A 9 -8.17 -24.00 5.44
N PRO A 10 -8.89 -23.62 6.50
CA PRO A 10 -8.86 -22.25 7.02
C PRO A 10 -7.53 -21.90 7.68
N LEU A 11 -6.66 -21.23 6.93
CA LEU A 11 -5.35 -20.85 7.44
C LEU A 11 -5.33 -19.36 7.80
N LEU A 12 -4.36 -18.98 8.63
CA LEU A 12 -4.23 -17.60 9.07
C LEU A 12 -3.46 -16.78 8.03
N ASP A 13 -3.70 -15.47 8.02
CA ASP A 13 -3.02 -14.58 7.09
C ASP A 13 -3.22 -15.04 5.65
N ARG A 14 -4.47 -15.03 5.19
CA ARG A 14 -4.80 -15.46 3.84
C ARG A 14 -5.66 -14.41 3.13
N SER A 15 -6.77 -14.03 3.77
CA SER A 15 -7.67 -13.05 3.21
C SER A 15 -6.95 -11.74 2.92
N ILE A 16 -6.87 -11.39 1.64
CA ILE A 16 -6.21 -10.15 1.23
C ILE A 16 -7.05 -8.92 1.58
N PRO A 17 -6.40 -7.92 2.18
CA PRO A 17 -7.07 -6.67 2.57
C PRO A 17 -7.49 -5.83 1.36
N ASP A 18 -8.06 -4.67 1.63
CA ASP A 18 -8.51 -3.77 0.57
C ASP A 18 -7.49 -2.65 0.36
N PHE A 19 -7.09 -2.45 -0.90
CA PHE A 19 -6.13 -1.42 -1.25
C PHE A 19 -6.83 -0.19 -1.82
N THR A 20 -8.00 -0.41 -2.42
CA THR A 20 -8.76 0.67 -3.02
C THR A 20 -9.75 1.26 -2.02
N ALA A 21 -9.28 1.51 -0.80
CA ALA A 21 -10.11 2.07 0.25
C ALA A 21 -9.32 3.01 1.15
N PHE A 22 -8.24 3.55 0.61
CA PHE A 22 -7.37 4.47 1.36
C PHE A 22 -7.59 5.91 0.91
N THR A 23 -6.79 6.81 1.47
CA THR A 23 -6.89 8.24 1.13
C THR A 23 -5.70 9.01 1.67
N THR A 24 -5.26 8.66 2.89
CA THR A 24 -4.14 9.32 3.52
C THR A 24 -3.10 8.31 4.00
N VAL A 25 -1.83 8.61 3.73
CA VAL A 25 -0.74 7.72 4.13
C VAL A 25 -0.84 7.38 5.61
N ASP A 26 -1.38 8.30 6.40
CA ASP A 26 -1.53 8.09 7.84
C ASP A 26 -2.46 6.91 8.12
N ASP A 27 -3.48 6.76 7.29
CA ASP A 27 -4.44 5.67 7.45
C ASP A 27 -3.85 4.35 6.94
N TRP A 28 -3.31 4.38 5.73
CA TRP A 28 -2.72 3.19 5.13
C TRP A 28 -1.70 2.56 6.07
N LEU A 29 -0.71 3.35 6.46
CA LEU A 29 0.34 2.87 7.36
C LEU A 29 -0.26 2.31 8.64
N SER A 30 -1.33 2.93 9.11
CA SER A 30 -1.99 2.49 10.34
C SER A 30 -2.70 1.16 10.12
N ALA A 31 -2.93 0.82 8.86
CA ALA A 31 -3.61 -0.43 8.51
C ALA A 31 -2.59 -1.56 8.35
N ILE A 32 -1.31 -1.22 8.42
CA ILE A 32 -0.25 -2.22 8.28
C ILE A 32 0.69 -2.19 9.47
N LYS A 33 0.29 -1.48 10.52
CA LYS A 33 1.09 -1.37 11.74
C LYS A 33 2.38 -0.59 11.47
N MET A 34 2.44 0.06 10.31
CA MET A 34 3.62 0.85 9.94
C MET A 34 3.34 2.34 10.09
N VAL A 35 2.36 2.68 10.93
CA VAL A 35 1.99 4.07 11.16
C VAL A 35 3.18 4.87 11.68
N GLN A 36 4.16 4.16 12.25
CA GLN A 36 5.35 4.80 12.80
C GLN A 36 6.05 5.65 11.74
N TYR A 37 5.83 5.29 10.47
CA TYR A 37 6.44 6.02 9.36
C TYR A 37 5.43 6.96 8.72
N ARG A 38 4.46 7.41 9.50
CA ARG A 38 3.44 8.33 9.01
C ARG A 38 4.01 9.72 8.79
N ASP A 39 5.05 10.06 9.56
CA ASP A 39 5.68 11.36 9.45
C ASP A 39 6.78 11.35 8.39
N SER A 40 7.36 10.17 8.16
CA SER A 40 8.42 10.03 7.18
C SER A 40 7.91 10.34 5.77
N PHE A 41 6.72 9.86 5.46
CA PHE A 41 6.12 10.09 4.15
C PHE A 41 5.52 11.49 4.07
N LEU A 42 4.88 11.92 5.15
CA LEU A 42 4.25 13.24 5.19
C LEU A 42 5.28 14.33 4.92
N THR A 43 6.31 14.41 5.76
CA THR A 43 7.35 15.41 5.60
C THR A 43 8.07 15.25 4.26
N ALA A 44 8.14 14.01 3.78
CA ALA A 44 8.79 13.72 2.51
C ALA A 44 8.01 14.31 1.34
N GLY A 45 6.73 14.60 1.58
CA GLY A 45 5.90 15.17 0.53
C GLY A 45 4.79 14.23 0.11
N PHE A 46 4.93 12.95 0.44
CA PHE A 46 3.94 11.95 0.08
C PHE A 46 2.78 11.96 1.06
N THR A 47 1.80 12.83 0.80
CA THR A 47 0.63 12.95 1.66
C THR A 47 -0.51 12.06 1.16
N SER A 48 -0.58 11.88 -0.15
CA SER A 48 -1.62 11.05 -0.75
C SER A 48 -1.04 9.75 -1.29
N LEU A 49 -1.72 8.64 -1.01
CA LEU A 49 -1.27 7.33 -1.47
C LEU A 49 -1.03 7.35 -2.98
N GLN A 50 -1.76 8.19 -3.69
CA GLN A 50 -1.63 8.30 -5.14
C GLN A 50 -0.17 8.52 -5.53
N LEU A 51 0.59 9.16 -4.64
CA LEU A 51 1.99 9.44 -4.90
C LEU A 51 2.88 8.29 -4.41
N VAL A 52 2.38 7.56 -3.42
CA VAL A 52 3.12 6.44 -2.85
C VAL A 52 3.08 5.23 -3.79
N THR A 53 1.94 5.05 -4.45
CA THR A 53 1.77 3.93 -5.38
C THR A 53 2.85 3.94 -6.45
N GLN A 54 3.43 5.11 -6.71
CA GLN A 54 4.47 5.25 -7.71
C GLN A 54 5.86 5.28 -7.06
N MET A 55 5.95 4.69 -5.87
CA MET A 55 7.21 4.64 -5.15
C MET A 55 7.80 3.24 -5.15
N THR A 56 9.03 3.11 -4.67
CA THR A 56 9.71 1.82 -4.62
C THR A 56 10.50 1.66 -3.33
N SER A 57 11.06 0.48 -3.12
CA SER A 57 11.84 0.19 -1.93
C SER A 57 12.92 1.25 -1.72
N GLU A 58 13.43 1.79 -2.83
CA GLU A 58 14.46 2.81 -2.77
C GLU A 58 13.93 4.09 -2.14
N ASP A 59 12.67 4.41 -2.42
CA ASP A 59 12.04 5.61 -1.88
C ASP A 59 11.90 5.51 -0.36
N LEU A 60 11.79 4.29 0.14
CA LEU A 60 11.64 4.05 1.57
C LEU A 60 12.96 4.32 2.30
N LEU A 61 14.06 3.94 1.67
CA LEU A 61 15.38 4.14 2.26
C LEU A 61 15.80 5.61 2.17
N ARG A 62 15.16 6.34 1.26
CA ARG A 62 15.46 7.77 1.07
C ARG A 62 14.89 8.60 2.21
N ILE A 63 13.68 8.25 2.64
CA ILE A 63 13.02 8.97 3.73
C ILE A 63 13.56 8.54 5.09
N GLY A 64 14.05 7.30 5.16
CA GLY A 64 14.59 6.79 6.40
C GLY A 64 14.33 5.31 6.58
N ILE A 65 13.16 4.86 6.14
CA ILE A 65 12.79 3.45 6.26
C ILE A 65 13.87 2.55 5.67
N THR A 66 14.67 1.94 6.54
CA THR A 66 15.74 1.05 6.11
C THR A 66 15.61 -0.32 6.76
N LEU A 67 14.44 -0.59 7.34
CA LEU A 67 14.19 -1.86 7.99
C LEU A 67 13.80 -2.93 6.98
N ALA A 68 14.72 -3.85 6.72
CA ALA A 68 14.48 -4.93 5.76
C ALA A 68 13.20 -5.69 6.11
N GLY A 69 12.89 -5.78 7.40
CA GLY A 69 11.70 -6.47 7.83
C GLY A 69 10.45 -5.64 7.68
N HIS A 70 10.62 -4.33 7.57
CA HIS A 70 9.50 -3.42 7.42
C HIS A 70 9.19 -3.17 5.93
N GLN A 71 10.23 -2.91 5.15
CA GLN A 71 10.08 -2.67 3.73
C GLN A 71 9.27 -3.79 3.06
N LYS A 72 9.54 -5.03 3.48
CA LYS A 72 8.84 -6.18 2.93
C LYS A 72 7.33 -6.00 3.02
N LYS A 73 6.88 -5.24 4.03
CA LYS A 73 5.47 -4.99 4.23
C LYS A 73 4.99 -3.84 3.34
N ILE A 74 5.68 -2.71 3.41
CA ILE A 74 5.32 -1.55 2.62
C ILE A 74 5.21 -1.90 1.14
N LEU A 75 6.32 -2.39 0.57
CA LEU A 75 6.36 -2.77 -0.83
C LEU A 75 5.23 -3.75 -1.16
N ASN A 76 5.00 -4.70 -0.25
CA ASN A 76 3.96 -5.70 -0.45
C ASN A 76 2.59 -5.02 -0.59
N SER A 77 2.45 -3.84 -0.02
CA SER A 77 1.21 -3.10 -0.08
C SER A 77 1.18 -2.16 -1.28
N ILE A 78 2.31 -1.49 -1.52
CA ILE A 78 2.42 -0.57 -2.63
C ILE A 78 2.30 -1.30 -3.97
N HIS A 79 2.97 -2.43 -4.09
CA HIS A 79 2.92 -3.23 -5.32
C HIS A 79 1.49 -3.61 -5.67
N SER A 80 0.69 -3.92 -4.65
CA SER A 80 -0.70 -4.30 -4.86
C SER A 80 -1.58 -3.07 -5.01
N MET A 81 -1.19 -1.97 -4.36
CA MET A 81 -1.94 -0.73 -4.42
C MET A 81 -1.92 -0.16 -5.84
N ARG A 82 -0.73 -0.08 -6.43
CA ARG A 82 -0.59 0.46 -7.77
C ARG A 82 -1.37 -0.39 -8.77
N VAL A 83 -1.28 -1.70 -8.64
CA VAL A 83 -1.99 -2.61 -9.53
C VAL A 83 -3.51 -2.43 -9.43
N GLN A 84 -3.97 -2.15 -8.22
CA GLN A 84 -5.40 -1.94 -7.98
C GLN A 84 -5.82 -0.54 -8.38
N ILE A 85 -5.44 0.44 -7.55
CA ILE A 85 -5.79 1.83 -7.82
C ILE A 85 -4.75 2.49 -8.73
N SER A 86 -5.16 3.53 -9.44
CA SER A 86 -4.28 4.24 -10.35
C SER A 86 -5.01 5.42 -11.01
N GLN A 87 -4.45 6.62 -10.84
CA GLN A 87 -5.04 7.82 -11.42
C GLN A 87 -4.27 8.27 -12.66
N SER A 88 -4.73 9.34 -13.27
CA SER A 88 -4.08 9.87 -14.46
C SER A 88 -4.00 8.81 -15.56
N PRO A 89 -5.17 8.49 -16.15
CA PRO A 89 -5.27 7.49 -17.22
C PRO A 89 -4.63 7.97 -18.51
N THR A 90 -3.59 7.26 -18.96
CA THR A 90 -2.90 7.62 -20.19
C THR A 90 -3.14 6.58 -21.28
N ALA A 91 -3.09 7.01 -22.53
CA ALA A 91 -3.29 6.12 -23.66
C ALA A 91 -2.31 6.41 -24.79
N MET A 92 -1.08 6.74 -24.40
CA MET A 92 -0.04 7.05 -25.38
C MET A 92 0.89 5.85 -25.58
N ALA A 93 0.34 4.66 -25.42
CA ALA A 93 1.11 3.44 -25.58
C ALA A 93 1.28 3.08 -27.06
N SER A 94 0.17 3.07 -27.79
CA SER A 94 0.20 2.74 -29.21
C SER A 94 0.96 3.81 -30.00
N GLY A 95 2.21 3.51 -30.33
CA GLY A 95 3.03 4.45 -31.07
C GLY A 95 2.45 4.76 -32.44
N PRO A 96 2.97 5.80 -33.08
CA PRO A 96 2.53 6.22 -34.42
C PRO A 96 2.94 5.23 -35.50
N SER A 97 2.04 4.31 -35.83
CA SER A 97 2.31 3.30 -36.85
C SER A 97 1.01 2.69 -37.36
N SER A 98 0.51 3.22 -38.46
CA SER A 98 -0.73 2.71 -39.05
C SER A 98 -1.91 2.91 -38.10
N GLY A 99 -3.10 2.51 -38.54
CA GLY A 99 -4.28 2.65 -37.71
C GLY A 99 -5.25 1.50 -37.89
N GLY A 1 -8.97 -30.02 22.90
CA GLY A 1 -9.51 -29.30 24.04
C GLY A 1 -9.30 -27.80 23.92
N SER A 2 -10.00 -27.19 22.97
CA SER A 2 -9.90 -25.75 22.75
C SER A 2 -11.08 -25.24 21.92
N SER A 3 -11.37 -25.93 20.82
CA SER A 3 -12.47 -25.54 19.94
C SER A 3 -12.26 -24.13 19.40
N GLY A 4 -11.65 -24.04 18.23
CA GLY A 4 -11.41 -22.74 17.62
C GLY A 4 -12.69 -21.96 17.36
N SER A 5 -13.46 -22.42 16.39
CA SER A 5 -14.71 -21.77 16.04
C SER A 5 -15.50 -22.59 15.03
N SER A 6 -16.82 -22.61 15.18
CA SER A 6 -17.68 -23.36 14.28
C SER A 6 -18.56 -22.42 13.46
N GLY A 7 -19.52 -23.00 12.75
CA GLY A 7 -20.42 -22.20 11.93
C GLY A 7 -19.69 -21.36 10.91
N SER A 8 -20.45 -20.65 10.07
CA SER A 8 -19.86 -19.81 9.04
C SER A 8 -19.05 -20.64 8.05
N GLN A 9 -18.40 -19.97 7.10
CA GLN A 9 -17.59 -20.64 6.10
C GLN A 9 -16.14 -20.17 6.15
N PRO A 10 -15.44 -20.57 7.21
CA PRO A 10 -14.04 -20.20 7.41
C PRO A 10 -13.11 -20.89 6.43
N LEU A 11 -12.67 -20.15 5.40
CA LEU A 11 -11.79 -20.70 4.38
C LEU A 11 -10.39 -20.93 4.95
N LEU A 12 -9.68 -21.89 4.37
CA LEU A 12 -8.33 -22.22 4.81
C LEU A 12 -7.32 -22.03 3.69
N ASP A 13 -6.73 -20.83 3.62
CA ASP A 13 -5.75 -20.52 2.60
C ASP A 13 -5.02 -19.23 2.93
N ARG A 14 -5.70 -18.10 2.74
CA ARG A 14 -5.11 -16.79 3.02
C ARG A 14 -6.16 -15.70 2.93
N SER A 15 -6.95 -15.72 1.86
CA SER A 15 -8.00 -14.72 1.65
C SER A 15 -7.42 -13.31 1.70
N ILE A 16 -6.91 -12.84 0.56
CA ILE A 16 -6.32 -11.52 0.48
C ILE A 16 -7.38 -10.44 0.71
N PRO A 17 -7.05 -9.45 1.55
CA PRO A 17 -7.95 -8.35 1.88
C PRO A 17 -8.15 -7.39 0.70
N ASP A 18 -8.84 -6.29 0.95
CA ASP A 18 -9.09 -5.30 -0.09
C ASP A 18 -8.13 -4.12 0.04
N PHE A 19 -7.51 -3.76 -1.07
CA PHE A 19 -6.55 -2.65 -1.09
C PHE A 19 -7.22 -1.37 -1.57
N THR A 20 -8.55 -1.31 -1.44
CA THR A 20 -9.31 -0.15 -1.87
C THR A 20 -10.03 0.50 -0.68
N ALA A 21 -9.42 0.42 0.49
CA ALA A 21 -10.00 1.00 1.70
C ALA A 21 -9.07 2.03 2.32
N PHE A 22 -8.21 2.63 1.49
CA PHE A 22 -7.27 3.64 1.95
C PHE A 22 -7.63 5.01 1.40
N THR A 23 -6.99 6.05 1.94
CA THR A 23 -7.25 7.41 1.50
C THR A 23 -6.02 8.29 1.74
N THR A 24 -5.41 8.13 2.90
CA THR A 24 -4.23 8.92 3.27
C THR A 24 -3.12 8.03 3.82
N VAL A 25 -1.88 8.48 3.67
CA VAL A 25 -0.73 7.73 4.16
C VAL A 25 -0.91 7.36 5.63
N ASP A 26 -1.28 8.33 6.44
CA ASP A 26 -1.49 8.11 7.86
C ASP A 26 -2.43 6.93 8.10
N ASP A 27 -3.44 6.81 7.25
CA ASP A 27 -4.40 5.72 7.37
C ASP A 27 -3.81 4.41 6.86
N TRP A 28 -3.25 4.44 5.66
CA TRP A 28 -2.64 3.26 5.06
C TRP A 28 -1.62 2.63 6.00
N LEU A 29 -0.64 3.43 6.42
CA LEU A 29 0.40 2.95 7.33
C LEU A 29 -0.22 2.36 8.60
N SER A 30 -1.30 2.97 9.06
CA SER A 30 -1.98 2.51 10.26
C SER A 30 -2.67 1.18 10.02
N ALA A 31 -2.88 0.85 8.75
CA ALA A 31 -3.54 -0.39 8.38
C ALA A 31 -2.53 -1.52 8.22
N ILE A 32 -1.25 -1.16 8.28
CA ILE A 32 -0.18 -2.16 8.13
C ILE A 32 0.74 -2.15 9.35
N LYS A 33 0.31 -1.46 10.40
CA LYS A 33 1.10 -1.37 11.63
C LYS A 33 2.38 -0.58 11.39
N MET A 34 2.46 0.10 10.25
CA MET A 34 3.63 0.91 9.92
C MET A 34 3.34 2.39 10.09
N VAL A 35 2.35 2.71 10.92
CA VAL A 35 1.98 4.09 11.17
C VAL A 35 3.16 4.89 11.73
N GLN A 36 4.12 4.17 12.30
CA GLN A 36 5.31 4.81 12.87
C GLN A 36 6.02 5.68 11.83
N TYR A 37 5.82 5.34 10.55
CA TYR A 37 6.43 6.08 9.47
C TYR A 37 5.44 7.05 8.82
N ARG A 38 4.46 7.48 9.61
CA ARG A 38 3.44 8.41 9.13
C ARG A 38 4.02 9.80 8.93
N ASP A 39 5.08 10.11 9.68
CA ASP A 39 5.72 11.41 9.59
C ASP A 39 6.81 11.40 8.52
N SER A 40 7.39 10.23 8.29
CA SER A 40 8.45 10.09 7.30
C SER A 40 7.94 10.41 5.90
N PHE A 41 6.75 9.91 5.58
CA PHE A 41 6.14 10.14 4.28
C PHE A 41 5.53 11.54 4.20
N LEU A 42 4.90 11.96 5.28
CA LEU A 42 4.28 13.29 5.34
C LEU A 42 5.31 14.38 5.06
N THR A 43 6.38 14.41 5.85
CA THR A 43 7.43 15.39 5.68
C THR A 43 8.15 15.22 4.36
N ALA A 44 8.22 13.98 3.89
CA ALA A 44 8.89 13.67 2.63
C ALA A 44 8.12 14.26 1.45
N GLY A 45 6.84 14.56 1.67
CA GLY A 45 6.02 15.13 0.61
C GLY A 45 4.93 14.18 0.15
N PHE A 46 5.09 12.90 0.49
CA PHE A 46 4.12 11.89 0.10
C PHE A 46 2.93 11.87 1.06
N THR A 47 1.92 12.69 0.76
CA THR A 47 0.73 12.77 1.60
C THR A 47 -0.42 11.98 1.00
N SER A 48 -0.39 11.82 -0.32
CA SER A 48 -1.44 11.09 -1.03
C SER A 48 -0.95 9.72 -1.48
N LEU A 49 -1.76 8.69 -1.21
CA LEU A 49 -1.40 7.32 -1.58
C LEU A 49 -1.13 7.22 -3.07
N GLN A 50 -1.84 8.03 -3.86
CA GLN A 50 -1.68 8.02 -5.31
C GLN A 50 -0.22 8.23 -5.69
N LEU A 51 0.52 8.92 -4.83
CA LEU A 51 1.93 9.19 -5.07
C LEU A 51 2.80 8.08 -4.53
N VAL A 52 2.30 7.38 -3.51
CA VAL A 52 3.03 6.28 -2.89
C VAL A 52 3.02 5.05 -3.78
N THR A 53 2.01 4.95 -4.65
CA THR A 53 1.88 3.82 -5.55
C THR A 53 3.01 3.80 -6.57
N GLN A 54 3.60 4.97 -6.83
CA GLN A 54 4.69 5.08 -7.78
C GLN A 54 6.03 5.12 -7.07
N MET A 55 6.07 4.59 -5.85
CA MET A 55 7.30 4.56 -5.06
C MET A 55 7.87 3.15 -5.01
N THR A 56 9.14 3.05 -4.65
CA THR A 56 9.81 1.75 -4.56
C THR A 56 10.59 1.63 -3.26
N SER A 57 11.15 0.45 -3.02
CA SER A 57 11.93 0.19 -1.81
C SER A 57 13.00 1.26 -1.62
N GLU A 58 13.49 1.80 -2.73
CA GLU A 58 14.53 2.82 -2.69
C GLU A 58 13.99 4.10 -2.05
N ASP A 59 12.74 4.42 -2.34
CA ASP A 59 12.11 5.62 -1.80
C ASP A 59 11.98 5.53 -0.28
N LEU A 60 11.76 4.32 0.22
CA LEU A 60 11.62 4.10 1.65
C LEU A 60 12.94 4.34 2.38
N LEU A 61 14.04 3.97 1.73
CA LEU A 61 15.37 4.15 2.31
C LEU A 61 15.80 5.61 2.22
N ARG A 62 15.16 6.36 1.33
CA ARG A 62 15.49 7.77 1.14
C ARG A 62 14.91 8.62 2.28
N ILE A 63 13.71 8.25 2.73
CA ILE A 63 13.07 8.97 3.82
C ILE A 63 13.60 8.53 5.18
N GLY A 64 14.10 7.31 5.24
CA GLY A 64 14.64 6.80 6.48
C GLY A 64 14.38 5.31 6.66
N ILE A 65 13.20 4.86 6.22
CA ILE A 65 12.84 3.46 6.34
C ILE A 65 13.90 2.55 5.71
N THR A 66 14.73 1.95 6.56
CA THR A 66 15.78 1.06 6.10
C THR A 66 15.66 -0.32 6.72
N LEU A 67 14.50 -0.59 7.31
CA LEU A 67 14.24 -1.88 7.94
C LEU A 67 13.85 -2.93 6.92
N ALA A 68 14.76 -3.87 6.66
CA ALA A 68 14.51 -4.93 5.70
C ALA A 68 13.21 -5.68 6.02
N GLY A 69 12.92 -5.80 7.31
CA GLY A 69 11.72 -6.49 7.73
C GLY A 69 10.48 -5.64 7.56
N HIS A 70 10.65 -4.32 7.55
CA HIS A 70 9.54 -3.39 7.40
C HIS A 70 9.22 -3.17 5.92
N GLN A 71 10.26 -2.91 5.13
CA GLN A 71 10.09 -2.68 3.70
C GLN A 71 9.30 -3.80 3.06
N LYS A 72 9.55 -5.03 3.50
CA LYS A 72 8.86 -6.20 2.96
C LYS A 72 7.35 -6.01 3.04
N LYS A 73 6.90 -5.23 4.01
CA LYS A 73 5.47 -4.96 4.19
C LYS A 73 5.01 -3.82 3.30
N ILE A 74 5.71 -2.69 3.39
CA ILE A 74 5.37 -1.52 2.59
C ILE A 74 5.28 -1.87 1.11
N LEU A 75 6.38 -2.37 0.55
CA LEU A 75 6.42 -2.77 -0.85
C LEU A 75 5.27 -3.70 -1.20
N ASN A 76 5.04 -4.68 -0.33
CA ASN A 76 3.97 -5.65 -0.55
C ASN A 76 2.62 -4.94 -0.72
N SER A 77 2.52 -3.76 -0.14
CA SER A 77 1.28 -2.97 -0.23
C SER A 77 1.30 -2.04 -1.44
N ILE A 78 2.40 -1.33 -1.60
CA ILE A 78 2.56 -0.41 -2.72
C ILE A 78 2.39 -1.13 -4.05
N HIS A 79 2.88 -2.37 -4.12
CA HIS A 79 2.77 -3.17 -5.33
C HIS A 79 1.33 -3.57 -5.60
N SER A 80 0.59 -3.88 -4.54
CA SER A 80 -0.80 -4.28 -4.66
C SER A 80 -1.70 -3.08 -4.92
N MET A 81 -1.28 -1.92 -4.43
CA MET A 81 -2.04 -0.68 -4.61
C MET A 81 -2.00 -0.23 -6.07
N ARG A 82 -0.79 -0.09 -6.61
CA ARG A 82 -0.62 0.34 -7.99
C ARG A 82 -1.44 -0.54 -8.94
N VAL A 83 -1.53 -1.82 -8.61
CA VAL A 83 -2.27 -2.76 -9.44
C VAL A 83 -3.78 -2.49 -9.35
N GLN A 84 -4.28 -2.36 -8.13
CA GLN A 84 -5.69 -2.10 -7.92
C GLN A 84 -6.06 -0.69 -8.36
N ILE A 85 -5.65 0.31 -7.58
CA ILE A 85 -5.94 1.70 -7.90
C ILE A 85 -4.92 2.25 -8.90
N SER A 86 -5.37 3.20 -9.73
CA SER A 86 -4.50 3.80 -10.73
C SER A 86 -5.17 5.03 -11.35
N GLN A 87 -6.45 4.89 -11.67
CA GLN A 87 -7.20 5.98 -12.28
C GLN A 87 -7.23 7.20 -11.37
N SER A 88 -7.71 8.33 -11.89
CA SER A 88 -7.78 9.56 -11.12
C SER A 88 -6.40 9.99 -10.66
N PRO A 89 -5.55 10.40 -11.61
CA PRO A 89 -4.18 10.85 -11.32
C PRO A 89 -4.15 12.18 -10.58
N THR A 90 -2.95 12.72 -10.38
CA THR A 90 -2.79 13.99 -9.70
C THR A 90 -3.57 15.10 -10.39
N ALA A 91 -3.74 14.98 -11.69
CA ALA A 91 -4.47 15.97 -12.48
C ALA A 91 -3.81 17.34 -12.38
N MET A 92 -2.83 17.58 -13.23
CA MET A 92 -2.12 18.85 -13.24
C MET A 92 -2.17 19.49 -14.63
N ALA A 93 -3.34 19.96 -15.01
CA ALA A 93 -3.53 20.60 -16.31
C ALA A 93 -3.01 19.70 -17.44
N SER A 94 -3.42 18.44 -17.42
CA SER A 94 -2.99 17.48 -18.43
C SER A 94 -4.11 17.22 -19.43
N GLY A 95 -3.74 16.88 -20.66
CA GLY A 95 -4.72 16.61 -21.69
C GLY A 95 -4.42 15.34 -22.46
N PRO A 96 -4.60 14.19 -21.80
CA PRO A 96 -4.35 12.88 -22.41
C PRO A 96 -5.38 12.53 -23.50
N SER A 97 -5.14 11.44 -24.20
CA SER A 97 -6.04 11.00 -25.26
C SER A 97 -7.35 10.46 -24.68
N SER A 98 -8.16 9.86 -25.54
CA SER A 98 -9.44 9.31 -25.13
C SER A 98 -10.03 8.42 -26.21
N GLY A 99 -11.19 7.83 -25.93
CA GLY A 99 -11.84 6.96 -26.89
C GLY A 99 -13.05 7.61 -27.52
N GLY A 1 -31.34 -36.27 25.28
CA GLY A 1 -30.55 -35.95 26.46
C GLY A 1 -29.06 -35.95 26.18
N SER A 2 -28.68 -35.38 25.05
CA SER A 2 -27.26 -35.32 24.67
C SER A 2 -26.87 -33.91 24.25
N SER A 3 -25.57 -33.64 24.28
CA SER A 3 -25.06 -32.31 23.92
C SER A 3 -24.21 -32.40 22.65
N GLY A 4 -23.77 -31.25 22.16
CA GLY A 4 -22.96 -31.20 20.96
C GLY A 4 -23.36 -30.09 20.02
N SER A 5 -22.83 -30.12 18.81
CA SER A 5 -23.13 -29.09 17.81
C SER A 5 -23.87 -29.70 16.62
N SER A 6 -24.10 -28.89 15.60
CA SER A 6 -24.80 -29.34 14.40
C SER A 6 -23.98 -29.04 13.15
N GLY A 7 -22.91 -29.81 12.95
CA GLY A 7 -22.06 -29.61 11.80
C GLY A 7 -20.94 -28.62 12.05
N SER A 8 -20.29 -28.17 10.98
CA SER A 8 -19.19 -27.22 11.11
C SER A 8 -19.26 -26.18 10.00
N GLN A 9 -18.53 -25.08 10.18
CA GLN A 9 -18.51 -24.01 9.19
C GLN A 9 -17.07 -23.60 8.87
N PRO A 10 -16.35 -24.48 8.16
CA PRO A 10 -14.96 -24.25 7.76
C PRO A 10 -14.84 -23.16 6.70
N LEU A 11 -13.62 -22.70 6.48
CA LEU A 11 -13.36 -21.65 5.49
C LEU A 11 -11.87 -21.55 5.18
N LEU A 12 -11.51 -20.58 4.34
CA LEU A 12 -10.13 -20.37 3.96
C LEU A 12 -9.43 -19.40 4.92
N ASP A 13 -8.19 -19.71 5.28
CA ASP A 13 -7.42 -18.86 6.19
C ASP A 13 -6.39 -18.05 5.42
N ARG A 14 -6.84 -17.31 4.42
CA ARG A 14 -5.95 -16.48 3.62
C ARG A 14 -6.75 -15.63 2.64
N SER A 15 -7.09 -14.42 3.06
CA SER A 15 -7.86 -13.49 2.22
C SER A 15 -7.17 -12.15 2.13
N ILE A 16 -7.04 -11.63 0.91
CA ILE A 16 -6.39 -10.34 0.68
C ILE A 16 -7.35 -9.20 1.04
N PRO A 17 -6.82 -8.22 1.79
CA PRO A 17 -7.60 -7.04 2.22
C PRO A 17 -7.91 -6.11 1.04
N ASP A 18 -8.45 -4.93 1.36
CA ASP A 18 -8.80 -3.96 0.34
C ASP A 18 -7.73 -2.87 0.25
N PHE A 19 -7.31 -2.57 -0.97
CA PHE A 19 -6.29 -1.55 -1.21
C PHE A 19 -6.91 -0.27 -1.75
N THR A 20 -8.07 -0.41 -2.42
CA THR A 20 -8.76 0.73 -2.99
C THR A 20 -9.76 1.33 -2.00
N ALA A 21 -9.29 1.53 -0.77
CA ALA A 21 -10.14 2.10 0.27
C ALA A 21 -9.34 3.03 1.19
N PHE A 22 -8.27 3.59 0.65
CA PHE A 22 -7.41 4.49 1.40
C PHE A 22 -7.63 5.93 0.97
N THR A 23 -6.82 6.84 1.52
CA THR A 23 -6.92 8.26 1.19
C THR A 23 -5.72 9.03 1.72
N THR A 24 -5.27 8.67 2.92
CA THR A 24 -4.13 9.34 3.53
C THR A 24 -3.10 8.32 4.00
N VAL A 25 -1.83 8.61 3.74
CA VAL A 25 -0.74 7.72 4.13
C VAL A 25 -0.84 7.38 5.62
N ASP A 26 -1.38 8.31 6.41
CA ASP A 26 -1.52 8.10 7.84
C ASP A 26 -2.45 6.93 8.13
N ASP A 27 -3.47 6.77 7.31
CA ASP A 27 -4.43 5.68 7.47
C ASP A 27 -3.85 4.36 6.97
N TRP A 28 -3.31 4.38 5.75
CA TRP A 28 -2.72 3.18 5.15
C TRP A 28 -1.69 2.56 6.09
N LEU A 29 -0.70 3.36 6.48
CA LEU A 29 0.35 2.88 7.37
C LEU A 29 -0.25 2.32 8.67
N SER A 30 -1.31 2.94 9.14
CA SER A 30 -1.97 2.51 10.36
C SER A 30 -2.69 1.17 10.15
N ALA A 31 -2.92 0.82 8.89
CA ALA A 31 -3.59 -0.42 8.55
C ALA A 31 -2.58 -1.55 8.39
N ILE A 32 -1.30 -1.22 8.44
CA ILE A 32 -0.24 -2.21 8.29
C ILE A 32 0.70 -2.18 9.50
N LYS A 33 0.29 -1.46 10.54
CA LYS A 33 1.10 -1.35 11.75
C LYS A 33 2.39 -0.58 11.49
N MET A 34 2.44 0.08 10.34
CA MET A 34 3.62 0.86 9.97
C MET A 34 3.34 2.35 10.12
N VAL A 35 2.37 2.69 10.94
CA VAL A 35 2.00 4.08 11.18
C VAL A 35 3.19 4.88 11.71
N GLN A 36 4.16 4.18 12.27
CA GLN A 36 5.36 4.82 12.82
C GLN A 36 6.04 5.67 11.75
N TYR A 37 5.84 5.31 10.49
CA TYR A 37 6.44 6.03 9.38
C TYR A 37 5.43 6.98 8.72
N ARG A 38 4.47 7.43 9.52
CA ARG A 38 3.44 8.33 9.02
C ARG A 38 4.00 9.73 8.80
N ASP A 39 5.04 10.07 9.56
CA ASP A 39 5.68 11.38 9.44
C ASP A 39 6.77 11.36 8.38
N SER A 40 7.35 10.18 8.17
CA SER A 40 8.41 10.03 7.17
C SER A 40 7.90 10.34 5.77
N PHE A 41 6.70 9.85 5.46
CA PHE A 41 6.10 10.09 4.15
C PHE A 41 5.50 11.49 4.06
N LEU A 42 4.86 11.91 5.14
CA LEU A 42 4.24 13.24 5.19
C LEU A 42 5.26 14.32 4.89
N THR A 43 6.28 14.41 5.75
CA THR A 43 7.33 15.41 5.58
C THR A 43 8.05 15.24 4.24
N ALA A 44 8.12 14.00 3.76
CA ALA A 44 8.78 13.70 2.49
C ALA A 44 8.00 14.30 1.33
N GLY A 45 6.72 14.59 1.56
CA GLY A 45 5.89 15.16 0.52
C GLY A 45 4.78 14.21 0.08
N PHE A 46 4.92 12.94 0.42
CA PHE A 46 3.92 11.94 0.05
C PHE A 46 2.76 11.96 1.03
N THR A 47 1.78 12.81 0.75
CA THR A 47 0.60 12.93 1.61
C THR A 47 -0.53 12.04 1.12
N SER A 48 -0.61 11.85 -0.19
CA SER A 48 -1.65 11.03 -0.79
C SER A 48 -1.05 9.72 -1.31
N LEU A 49 -1.73 8.62 -1.02
CA LEU A 49 -1.29 7.30 -1.46
C LEU A 49 -1.04 7.29 -2.96
N GLN A 50 -1.78 8.12 -3.69
CA GLN A 50 -1.64 8.20 -5.14
C GLN A 50 -0.18 8.44 -5.53
N LEU A 51 0.56 9.10 -4.65
CA LEU A 51 1.97 9.39 -4.90
C LEU A 51 2.87 8.27 -4.39
N VAL A 52 2.37 7.54 -3.40
CA VAL A 52 3.12 6.43 -2.82
C VAL A 52 3.09 5.21 -3.74
N THR A 53 1.97 5.03 -4.43
CA THR A 53 1.80 3.90 -5.33
C THR A 53 2.90 3.89 -6.40
N GLN A 54 3.47 5.05 -6.66
CA GLN A 54 4.52 5.18 -7.66
C GLN A 54 5.89 5.21 -7.01
N MET A 55 5.98 4.64 -5.81
CA MET A 55 7.24 4.60 -5.08
C MET A 55 7.84 3.20 -5.09
N THR A 56 9.06 3.07 -4.57
CA THR A 56 9.74 1.78 -4.53
C THR A 56 10.56 1.63 -3.25
N SER A 57 11.14 0.46 -3.05
CA SER A 57 11.94 0.18 -1.87
C SER A 57 13.02 1.25 -1.68
N GLU A 58 13.51 1.78 -2.79
CA GLU A 58 14.54 2.81 -2.76
C GLU A 58 14.01 4.09 -2.10
N ASP A 59 12.76 4.43 -2.42
CA ASP A 59 12.14 5.62 -1.87
C ASP A 59 12.00 5.52 -0.36
N LEU A 60 11.78 4.30 0.13
CA LEU A 60 11.63 4.07 1.56
C LEU A 60 12.94 4.33 2.30
N LEU A 61 14.05 3.96 1.67
CA LEU A 61 15.37 4.15 2.26
C LEU A 61 15.79 5.61 2.17
N ARG A 62 15.15 6.36 1.28
CA ARG A 62 15.46 7.77 1.09
C ARG A 62 14.87 8.61 2.22
N ILE A 63 13.67 8.26 2.65
CA ILE A 63 13.00 8.98 3.73
C ILE A 63 13.53 8.55 5.08
N GLY A 64 14.03 7.31 5.17
CA GLY A 64 14.56 6.81 6.41
C GLY A 64 14.30 5.32 6.59
N ILE A 65 13.14 4.87 6.15
CA ILE A 65 12.78 3.46 6.26
C ILE A 65 13.85 2.56 5.67
N THR A 66 14.66 1.97 6.54
CA THR A 66 15.73 1.09 6.10
C THR A 66 15.61 -0.30 6.74
N LEU A 67 14.45 -0.56 7.32
CA LEU A 67 14.19 -1.85 7.97
C LEU A 67 13.80 -2.91 6.94
N ALA A 68 14.72 -3.83 6.69
CA ALA A 68 14.47 -4.90 5.73
C ALA A 68 13.19 -5.66 6.07
N GLY A 69 12.91 -5.77 7.37
CA GLY A 69 11.71 -6.48 7.80
C GLY A 69 10.46 -5.64 7.65
N HIS A 70 10.64 -4.33 7.55
CA HIS A 70 9.50 -3.42 7.40
C HIS A 70 9.19 -3.17 5.93
N GLN A 71 10.22 -2.92 5.14
CA GLN A 71 10.05 -2.67 3.72
C GLN A 71 9.25 -3.79 3.06
N LYS A 72 9.52 -5.03 3.49
CA LYS A 72 8.83 -6.19 2.94
C LYS A 72 7.32 -6.02 3.04
N LYS A 73 6.88 -5.24 4.03
CA LYS A 73 5.46 -5.00 4.24
C LYS A 73 4.97 -3.85 3.37
N ILE A 74 5.67 -2.73 3.43
CA ILE A 74 5.32 -1.55 2.64
C ILE A 74 5.20 -1.90 1.16
N LEU A 75 6.30 -2.35 0.57
CA LEU A 75 6.32 -2.72 -0.84
C LEU A 75 5.22 -3.72 -1.15
N ASN A 76 5.02 -4.68 -0.25
CA ASN A 76 3.99 -5.70 -0.43
C ASN A 76 2.62 -5.06 -0.59
N SER A 77 2.45 -3.87 -0.03
CA SER A 77 1.18 -3.15 -0.10
C SER A 77 1.16 -2.21 -1.30
N ILE A 78 2.29 -1.55 -1.55
CA ILE A 78 2.40 -0.62 -2.65
C ILE A 78 2.28 -1.34 -3.99
N HIS A 79 2.95 -2.48 -4.12
CA HIS A 79 2.91 -3.26 -5.35
C HIS A 79 1.48 -3.66 -5.68
N SER A 80 0.68 -3.93 -4.66
CA SER A 80 -0.71 -4.32 -4.86
C SER A 80 -1.61 -3.10 -4.98
N MET A 81 -1.18 -1.99 -4.38
CA MET A 81 -1.94 -0.76 -4.43
C MET A 81 -1.93 -0.15 -5.84
N ARG A 82 -0.74 -0.15 -6.45
CA ARG A 82 -0.59 0.41 -7.80
C ARG A 82 -1.38 -0.42 -8.81
N VAL A 83 -1.34 -1.73 -8.66
CA VAL A 83 -2.04 -2.63 -9.55
C VAL A 83 -3.56 -2.41 -9.48
N GLN A 84 -4.01 -1.93 -8.33
CA GLN A 84 -5.44 -1.68 -8.12
C GLN A 84 -5.80 -0.24 -8.46
N ILE A 85 -5.36 0.69 -7.62
CA ILE A 85 -5.63 2.11 -7.85
C ILE A 85 -4.54 2.75 -8.71
N SER A 86 -4.77 3.99 -9.12
CA SER A 86 -3.81 4.71 -9.95
C SER A 86 -3.62 4.00 -11.30
N GLN A 87 -4.68 3.99 -12.11
CA GLN A 87 -4.63 3.35 -13.41
C GLN A 87 -3.92 4.25 -14.43
N SER A 88 -2.97 3.67 -15.16
CA SER A 88 -2.22 4.43 -16.16
C SER A 88 -3.03 4.59 -17.44
N PRO A 89 -2.65 5.57 -18.26
CA PRO A 89 -3.33 5.85 -19.53
C PRO A 89 -3.10 4.76 -20.56
N THR A 90 -4.16 4.38 -21.26
CA THR A 90 -4.08 3.35 -22.28
C THR A 90 -4.45 3.90 -23.66
N ALA A 91 -3.95 3.25 -24.71
CA ALA A 91 -4.22 3.67 -26.07
C ALA A 91 -3.73 2.63 -27.08
N MET A 92 -4.52 1.58 -27.27
CA MET A 92 -4.16 0.53 -28.21
C MET A 92 -4.12 1.06 -29.64
N ALA A 93 -3.21 0.52 -30.44
CA ALA A 93 -3.07 0.93 -31.83
C ALA A 93 -2.17 -0.02 -32.61
N SER A 94 -0.99 -0.29 -32.05
CA SER A 94 -0.04 -1.19 -32.69
C SER A 94 0.23 -2.41 -31.82
N GLY A 95 0.63 -3.51 -32.46
CA GLY A 95 0.91 -4.72 -31.73
C GLY A 95 1.60 -5.77 -32.59
N PRO A 96 0.86 -6.35 -33.54
CA PRO A 96 1.39 -7.37 -34.45
C PRO A 96 2.38 -6.81 -35.44
N SER A 97 2.99 -7.69 -36.23
CA SER A 97 3.97 -7.27 -37.22
C SER A 97 5.15 -6.57 -36.56
N SER A 98 5.82 -7.27 -35.65
CA SER A 98 6.96 -6.71 -34.93
C SER A 98 7.82 -7.81 -34.35
N GLY A 99 7.19 -8.80 -33.72
CA GLY A 99 7.91 -9.91 -33.12
C GLY A 99 7.04 -11.13 -32.92
N GLY A 1 -13.32 -6.80 14.55
CA GLY A 1 -14.63 -7.08 15.11
C GLY A 1 -15.14 -8.46 14.74
N SER A 2 -16.38 -8.75 15.09
CA SER A 2 -16.98 -10.04 14.79
C SER A 2 -17.02 -10.30 13.29
N SER A 3 -17.90 -9.58 12.60
CA SER A 3 -18.04 -9.73 11.16
C SER A 3 -18.47 -11.15 10.80
N GLY A 4 -19.71 -11.50 11.16
CA GLY A 4 -20.22 -12.82 10.87
C GLY A 4 -21.02 -13.40 12.03
N SER A 5 -20.53 -13.18 13.24
CA SER A 5 -21.20 -13.70 14.43
C SER A 5 -21.37 -15.21 14.36
N SER A 6 -20.32 -15.94 14.73
CA SER A 6 -20.34 -17.39 14.70
C SER A 6 -19.45 -17.97 15.80
N GLY A 7 -20.05 -18.21 16.97
CA GLY A 7 -19.30 -18.76 18.09
C GLY A 7 -19.13 -17.76 19.21
N SER A 8 -17.91 -17.24 19.34
CA SER A 8 -17.62 -16.27 20.40
C SER A 8 -16.27 -15.59 20.15
N GLN A 9 -15.21 -16.39 20.14
CA GLN A 9 -13.86 -15.88 19.91
C GLN A 9 -13.27 -16.46 18.63
N PRO A 10 -13.79 -16.01 17.48
CA PRO A 10 -13.34 -16.47 16.17
C PRO A 10 -11.94 -15.96 15.83
N LEU A 11 -11.39 -16.41 14.72
CA LEU A 11 -10.07 -16.00 14.28
C LEU A 11 -9.91 -16.16 12.76
N LEU A 12 -9.20 -15.22 12.15
CA LEU A 12 -8.97 -15.25 10.72
C LEU A 12 -7.77 -16.13 10.37
N ASP A 13 -7.78 -16.70 9.17
CA ASP A 13 -6.70 -17.57 8.72
C ASP A 13 -5.90 -16.90 7.61
N ARG A 14 -6.55 -16.69 6.46
CA ARG A 14 -5.91 -16.06 5.32
C ARG A 14 -6.91 -15.25 4.50
N SER A 15 -6.70 -13.94 4.44
CA SER A 15 -7.58 -13.06 3.69
C SER A 15 -6.89 -11.74 3.36
N ILE A 16 -7.05 -11.29 2.12
CA ILE A 16 -6.44 -10.05 1.66
C ILE A 16 -7.38 -8.87 1.88
N PRO A 17 -6.84 -7.78 2.45
CA PRO A 17 -7.61 -6.57 2.72
C PRO A 17 -7.99 -5.82 1.44
N ASP A 18 -8.56 -4.63 1.59
CA ASP A 18 -8.97 -3.83 0.45
C ASP A 18 -8.01 -2.66 0.24
N PHE A 19 -7.27 -2.70 -0.86
CA PHE A 19 -6.31 -1.64 -1.18
C PHE A 19 -7.02 -0.42 -1.75
N THR A 20 -8.18 -0.65 -2.36
CA THR A 20 -8.96 0.43 -2.95
C THR A 20 -9.83 1.12 -1.90
N ALA A 21 -9.17 1.70 -0.89
CA ALA A 21 -9.88 2.40 0.17
C ALA A 21 -8.93 3.27 0.98
N PHE A 22 -7.84 3.72 0.35
CA PHE A 22 -6.86 4.56 1.02
C PHE A 22 -6.90 5.98 0.48
N THR A 23 -6.73 6.95 1.37
CA THR A 23 -6.75 8.36 0.99
C THR A 23 -5.52 9.09 1.52
N THR A 24 -5.15 8.79 2.76
CA THR A 24 -3.99 9.42 3.38
C THR A 24 -2.99 8.38 3.86
N VAL A 25 -1.71 8.63 3.62
CA VAL A 25 -0.66 7.72 4.04
C VAL A 25 -0.78 7.38 5.52
N ASP A 26 -1.32 8.31 6.29
CA ASP A 26 -1.50 8.11 7.73
C ASP A 26 -2.43 6.94 8.00
N ASP A 27 -3.42 6.76 7.13
CA ASP A 27 -4.39 5.69 7.28
C ASP A 27 -3.81 4.37 6.77
N TRP A 28 -3.24 4.39 5.58
CA TRP A 28 -2.65 3.20 4.98
C TRP A 28 -1.65 2.57 5.94
N LEU A 29 -0.65 3.34 6.34
CA LEU A 29 0.38 2.86 7.25
C LEU A 29 -0.25 2.29 8.53
N SER A 30 -1.32 2.93 8.99
CA SER A 30 -2.00 2.50 10.20
C SER A 30 -2.72 1.17 9.97
N ALA A 31 -2.93 0.83 8.71
CA ALA A 31 -3.60 -0.42 8.35
C ALA A 31 -2.60 -1.56 8.21
N ILE A 32 -1.31 -1.22 8.28
CA ILE A 32 -0.26 -2.23 8.15
C ILE A 32 0.65 -2.21 9.37
N LYS A 33 0.24 -1.50 10.41
CA LYS A 33 1.02 -1.39 11.64
C LYS A 33 2.32 -0.62 11.40
N MET A 34 2.40 0.03 10.25
CA MET A 34 3.58 0.81 9.90
C MET A 34 3.32 2.30 10.05
N VAL A 35 2.32 2.65 10.86
CA VAL A 35 1.97 4.04 11.09
C VAL A 35 3.16 4.83 11.63
N GLN A 36 4.11 4.12 12.22
CA GLN A 36 5.30 4.76 12.78
C GLN A 36 6.02 5.58 11.73
N TYR A 37 5.83 5.23 10.47
CA TYR A 37 6.46 5.94 9.37
C TYR A 37 5.48 6.90 8.70
N ARG A 38 4.50 7.37 9.47
CA ARG A 38 3.49 8.29 8.96
C ARG A 38 4.09 9.67 8.75
N ASP A 39 5.12 9.99 9.52
CA ASP A 39 5.79 11.29 9.41
C ASP A 39 6.89 11.26 8.36
N SER A 40 7.46 10.08 8.16
CA SER A 40 8.53 9.91 7.19
C SER A 40 8.05 10.23 5.77
N PHE A 41 6.86 9.74 5.45
CA PHE A 41 6.27 9.97 4.13
C PHE A 41 5.67 11.36 4.03
N LEU A 42 4.94 11.76 5.07
CA LEU A 42 4.31 13.07 5.11
C LEU A 42 5.32 14.18 4.81
N THR A 43 6.33 14.31 5.68
CA THR A 43 7.36 15.32 5.51
C THR A 43 8.05 15.18 4.16
N ALA A 44 8.13 13.95 3.67
CA ALA A 44 8.77 13.67 2.38
C ALA A 44 7.95 14.25 1.23
N GLY A 45 6.67 14.52 1.50
CA GLY A 45 5.80 15.07 0.47
C GLY A 45 4.73 14.10 0.03
N PHE A 46 4.93 12.82 0.34
CA PHE A 46 3.97 11.78 -0.03
C PHE A 46 2.77 11.80 0.91
N THR A 47 1.90 12.79 0.74
CA THR A 47 0.71 12.92 1.57
C THR A 47 -0.42 12.02 1.07
N SER A 48 -0.48 11.85 -0.24
CA SER A 48 -1.51 11.00 -0.84
C SER A 48 -0.92 9.69 -1.35
N LEU A 49 -1.65 8.60 -1.15
CA LEU A 49 -1.20 7.29 -1.58
C LEU A 49 -0.96 7.26 -3.09
N GLN A 50 -1.69 8.11 -3.81
CA GLN A 50 -1.56 8.17 -5.26
C GLN A 50 -0.11 8.44 -5.66
N LEU A 51 0.64 9.07 -4.77
CA LEU A 51 2.04 9.39 -5.03
C LEU A 51 2.96 8.26 -4.56
N VAL A 52 2.48 7.50 -3.57
CA VAL A 52 3.25 6.39 -3.03
C VAL A 52 3.11 5.15 -3.91
N THR A 53 1.97 5.02 -4.56
CA THR A 53 1.72 3.88 -5.43
C THR A 53 2.77 3.78 -6.53
N GLN A 54 3.38 4.91 -6.85
CA GLN A 54 4.41 4.96 -7.89
C GLN A 54 5.80 5.09 -7.27
N MET A 55 5.96 4.54 -6.08
CA MET A 55 7.24 4.58 -5.39
C MET A 55 7.88 3.20 -5.33
N THR A 56 9.03 3.10 -4.65
CA THR A 56 9.74 1.84 -4.53
C THR A 56 10.55 1.80 -3.23
N SER A 57 11.14 0.64 -2.96
CA SER A 57 11.95 0.46 -1.75
C SER A 57 13.00 1.56 -1.63
N GLU A 58 13.45 2.08 -2.78
CA GLU A 58 14.46 3.13 -2.79
C GLU A 58 13.94 4.39 -2.10
N ASP A 59 12.65 4.65 -2.26
CA ASP A 59 12.03 5.83 -1.65
C ASP A 59 11.92 5.65 -0.14
N LEU A 60 11.73 4.42 0.30
CA LEU A 60 11.61 4.12 1.72
C LEU A 60 12.92 4.39 2.45
N LEU A 61 14.02 4.02 1.82
CA LEU A 61 15.35 4.24 2.41
C LEU A 61 15.75 5.71 2.34
N ARG A 62 15.08 6.46 1.46
CA ARG A 62 15.37 7.87 1.30
C ARG A 62 14.80 8.68 2.45
N ILE A 63 13.58 8.33 2.85
CA ILE A 63 12.91 9.03 3.95
C ILE A 63 13.47 8.58 5.30
N GLY A 64 13.92 7.34 5.36
CA GLY A 64 14.47 6.81 6.60
C GLY A 64 14.24 5.32 6.75
N ILE A 65 13.07 4.85 6.29
CA ILE A 65 12.73 3.44 6.39
C ILE A 65 13.83 2.57 5.81
N THR A 66 14.61 1.95 6.68
CA THR A 66 15.71 1.09 6.26
C THR A 66 15.58 -0.30 6.87
N LEU A 67 14.42 -0.59 7.44
CA LEU A 67 14.16 -1.88 8.07
C LEU A 67 13.80 -2.93 7.02
N ALA A 68 14.73 -3.84 6.75
CA ALA A 68 14.50 -4.89 5.77
C ALA A 68 13.23 -5.68 6.10
N GLY A 69 12.92 -5.80 7.39
CA GLY A 69 11.74 -6.52 7.80
C GLY A 69 10.48 -5.69 7.66
N HIS A 70 10.64 -4.38 7.58
CA HIS A 70 9.51 -3.48 7.44
C HIS A 70 9.20 -3.21 5.96
N GLN A 71 10.24 -2.94 5.19
CA GLN A 71 10.08 -2.67 3.77
C GLN A 71 9.29 -3.79 3.09
N LYS A 72 9.57 -5.03 3.48
CA LYS A 72 8.89 -6.19 2.91
C LYS A 72 7.38 -6.04 3.01
N LYS A 73 6.93 -5.29 4.02
CA LYS A 73 5.51 -5.06 4.23
C LYS A 73 5.01 -3.90 3.38
N ILE A 74 5.76 -2.80 3.39
CA ILE A 74 5.39 -1.62 2.62
C ILE A 74 5.26 -1.96 1.14
N LEU A 75 6.36 -2.40 0.54
CA LEU A 75 6.37 -2.76 -0.88
C LEU A 75 5.25 -3.74 -1.20
N ASN A 76 5.08 -4.74 -0.35
CA ASN A 76 4.04 -5.76 -0.54
C ASN A 76 2.67 -5.10 -0.64
N SER A 77 2.53 -3.93 -0.03
CA SER A 77 1.27 -3.20 -0.05
C SER A 77 1.21 -2.24 -1.22
N ILE A 78 2.30 -1.52 -1.46
CA ILE A 78 2.37 -0.57 -2.55
C ILE A 78 2.20 -1.26 -3.90
N HIS A 79 2.88 -2.39 -4.07
CA HIS A 79 2.80 -3.15 -5.31
C HIS A 79 1.35 -3.55 -5.61
N SER A 80 0.60 -3.88 -4.56
CA SER A 80 -0.80 -4.27 -4.72
C SER A 80 -1.70 -3.04 -4.83
N MET A 81 -1.25 -1.93 -4.25
CA MET A 81 -2.02 -0.69 -4.28
C MET A 81 -2.09 -0.14 -5.70
N ARG A 82 -0.93 -0.03 -6.35
CA ARG A 82 -0.88 0.49 -7.71
C ARG A 82 -1.69 -0.39 -8.66
N VAL A 83 -1.57 -1.70 -8.51
CA VAL A 83 -2.30 -2.63 -9.35
C VAL A 83 -3.81 -2.48 -9.18
N GLN A 84 -4.22 -1.97 -8.02
CA GLN A 84 -5.64 -1.77 -7.73
C GLN A 84 -6.06 -0.34 -8.10
N ILE A 85 -5.66 0.62 -7.29
CA ILE A 85 -6.01 2.02 -7.53
C ILE A 85 -5.09 2.64 -8.56
N SER A 86 -5.28 3.92 -8.82
CA SER A 86 -4.47 4.64 -9.80
C SER A 86 -4.48 3.93 -11.15
N GLN A 87 -5.42 4.30 -12.00
CA GLN A 87 -5.55 3.69 -13.32
C GLN A 87 -4.25 3.85 -14.12
N SER A 88 -3.74 2.75 -14.63
CA SER A 88 -2.50 2.76 -15.41
C SER A 88 -2.27 1.42 -16.11
N PRO A 89 -1.42 1.44 -17.14
CA PRO A 89 -1.10 0.24 -17.92
C PRO A 89 -0.26 -0.76 -17.11
N THR A 90 -0.90 -1.83 -16.65
CA THR A 90 -0.22 -2.85 -15.87
C THR A 90 -0.87 -4.21 -16.05
N ALA A 91 -0.06 -5.23 -16.32
CA ALA A 91 -0.57 -6.58 -16.51
C ALA A 91 0.50 -7.62 -16.13
N MET A 92 0.05 -8.69 -15.48
CA MET A 92 0.95 -9.76 -15.06
C MET A 92 0.18 -11.04 -14.75
N ALA A 93 0.90 -12.15 -14.64
CA ALA A 93 0.29 -13.43 -14.36
C ALA A 93 0.55 -13.86 -12.92
N SER A 94 -0.28 -14.75 -12.40
CA SER A 94 -0.14 -15.24 -11.03
C SER A 94 0.29 -16.71 -11.02
N GLY A 95 0.81 -17.15 -9.88
CA GLY A 95 1.25 -18.53 -9.75
C GLY A 95 2.32 -18.89 -10.77
N PRO A 96 3.54 -18.38 -10.56
CA PRO A 96 4.67 -18.63 -11.46
C PRO A 96 5.16 -20.07 -11.37
N SER A 97 4.74 -20.89 -12.33
CA SER A 97 5.14 -22.30 -12.36
C SER A 97 4.79 -22.99 -11.04
N SER A 98 3.51 -23.25 -10.85
CA SER A 98 3.04 -23.91 -9.64
C SER A 98 3.63 -25.30 -9.51
N GLY A 99 4.40 -25.52 -8.46
CA GLY A 99 5.01 -26.82 -8.25
C GLY A 99 4.13 -27.77 -7.45
N GLY A 1 -34.12 -3.12 -12.98
CA GLY A 1 -33.04 -2.70 -13.85
C GLY A 1 -31.68 -3.18 -13.37
N SER A 2 -31.17 -4.23 -14.00
CA SER A 2 -29.88 -4.80 -13.63
C SER A 2 -29.87 -5.21 -12.16
N SER A 3 -30.46 -6.36 -11.87
CA SER A 3 -30.53 -6.87 -10.50
C SER A 3 -29.87 -8.25 -10.40
N GLY A 4 -28.85 -8.34 -9.56
CA GLY A 4 -28.16 -9.61 -9.38
C GLY A 4 -28.38 -10.21 -8.01
N SER A 5 -27.56 -9.81 -7.04
CA SER A 5 -27.68 -10.32 -5.68
C SER A 5 -27.50 -11.83 -5.65
N SER A 6 -26.29 -12.29 -5.97
CA SER A 6 -25.99 -13.72 -5.98
C SER A 6 -24.58 -13.98 -5.49
N GLY A 7 -24.25 -15.25 -5.27
CA GLY A 7 -22.93 -15.61 -4.79
C GLY A 7 -22.71 -17.11 -4.80
N SER A 8 -21.49 -17.52 -4.44
CA SER A 8 -21.14 -18.94 -4.43
C SER A 8 -20.96 -19.43 -2.99
N GLN A 9 -20.89 -20.75 -2.83
CA GLN A 9 -20.71 -21.34 -1.51
C GLN A 9 -19.51 -20.74 -0.79
N PRO A 10 -19.47 -20.90 0.54
CA PRO A 10 -18.39 -20.37 1.37
C PRO A 10 -17.07 -21.12 1.15
N LEU A 11 -16.36 -20.76 0.09
CA LEU A 11 -15.09 -21.40 -0.24
C LEU A 11 -13.97 -20.36 -0.35
N LEU A 12 -12.74 -20.83 -0.33
CA LEU A 12 -11.57 -19.95 -0.43
C LEU A 12 -11.56 -18.94 0.71
N ASP A 13 -11.03 -19.36 1.86
CA ASP A 13 -10.96 -18.49 3.02
C ASP A 13 -10.01 -17.32 2.77
N ARG A 14 -8.93 -17.58 2.04
CA ARG A 14 -7.95 -16.56 1.73
C ARG A 14 -7.42 -15.90 3.00
N SER A 15 -6.59 -14.88 2.83
CA SER A 15 -6.01 -14.18 3.97
C SER A 15 -5.40 -12.85 3.53
N ILE A 16 -6.02 -12.22 2.55
CA ILE A 16 -5.54 -10.93 2.03
C ILE A 16 -6.48 -9.80 2.41
N PRO A 17 -5.91 -8.70 2.91
CA PRO A 17 -6.68 -7.52 3.32
C PRO A 17 -7.29 -6.78 2.13
N ASP A 18 -7.86 -5.62 2.40
CA ASP A 18 -8.47 -4.81 1.35
C ASP A 18 -7.56 -3.66 0.94
N PHE A 19 -7.06 -3.72 -0.29
CA PHE A 19 -6.17 -2.69 -0.80
C PHE A 19 -6.95 -1.44 -1.21
N THR A 20 -8.22 -1.64 -1.55
CA THR A 20 -9.08 -0.53 -1.95
C THR A 20 -9.86 0.02 -0.76
N ALA A 21 -9.18 0.17 0.37
CA ALA A 21 -9.81 0.69 1.57
C ALA A 21 -8.93 1.76 2.23
N PHE A 22 -8.10 2.41 1.42
CA PHE A 22 -7.22 3.45 1.92
C PHE A 22 -7.62 4.82 1.36
N THR A 23 -6.84 5.84 1.71
CA THR A 23 -7.12 7.20 1.25
C THR A 23 -5.94 8.12 1.51
N THR A 24 -5.33 7.98 2.69
CA THR A 24 -4.18 8.80 3.06
C THR A 24 -3.07 7.95 3.65
N VAL A 25 -1.84 8.44 3.53
CA VAL A 25 -0.68 7.72 4.05
C VAL A 25 -0.88 7.33 5.52
N ASP A 26 -1.27 8.31 6.33
CA ASP A 26 -1.50 8.08 7.74
C ASP A 26 -2.46 6.91 7.96
N ASP A 27 -3.39 6.74 7.03
CA ASP A 27 -4.37 5.67 7.12
C ASP A 27 -3.77 4.36 6.62
N TRP A 28 -3.19 4.39 5.42
CA TRP A 28 -2.59 3.19 4.83
C TRP A 28 -1.59 2.57 5.80
N LEU A 29 -0.62 3.36 6.23
CA LEU A 29 0.40 2.88 7.17
C LEU A 29 -0.23 2.28 8.41
N SER A 30 -1.32 2.89 8.86
CA SER A 30 -2.03 2.42 10.06
C SER A 30 -2.72 1.08 9.79
N ALA A 31 -2.90 0.77 8.51
CA ALA A 31 -3.54 -0.48 8.12
C ALA A 31 -2.52 -1.60 7.97
N ILE A 32 -1.25 -1.25 8.09
CA ILE A 32 -0.17 -2.23 7.95
C ILE A 32 0.73 -2.22 9.19
N LYS A 33 0.29 -1.52 10.23
CA LYS A 33 1.05 -1.44 11.47
C LYS A 33 2.34 -0.65 11.27
N MET A 34 2.42 0.04 10.13
CA MET A 34 3.60 0.83 9.81
C MET A 34 3.31 2.32 9.99
N VAL A 35 2.30 2.64 10.79
CA VAL A 35 1.92 4.02 11.04
C VAL A 35 3.08 4.82 11.62
N GLN A 36 4.04 4.10 12.20
CA GLN A 36 5.21 4.75 12.80
C GLN A 36 5.93 5.63 11.78
N TYR A 37 5.76 5.29 10.51
CA TYR A 37 6.39 6.05 9.43
C TYR A 37 5.40 7.02 8.79
N ARG A 38 4.42 7.44 9.57
CA ARG A 38 3.40 8.37 9.08
C ARG A 38 3.99 9.77 8.90
N ASP A 39 5.04 10.07 9.66
CA ASP A 39 5.69 11.37 9.58
C ASP A 39 6.80 11.36 8.54
N SER A 40 7.38 10.18 8.31
CA SER A 40 8.47 10.04 7.34
C SER A 40 7.99 10.37 5.94
N PHE A 41 6.80 9.89 5.59
CA PHE A 41 6.23 10.13 4.28
C PHE A 41 5.67 11.56 4.18
N LEU A 42 4.96 11.98 5.22
CA LEU A 42 4.37 13.31 5.26
C LEU A 42 5.42 14.38 4.98
N THR A 43 6.43 14.45 5.84
CA THR A 43 7.50 15.42 5.68
C THR A 43 8.24 15.23 4.35
N ALA A 44 8.29 13.98 3.90
CA ALA A 44 8.97 13.65 2.65
C ALA A 44 8.22 14.26 1.45
N GLY A 45 6.95 14.58 1.66
CA GLY A 45 6.16 15.16 0.59
C GLY A 45 5.03 14.24 0.15
N PHE A 46 5.13 12.97 0.51
CA PHE A 46 4.12 11.98 0.13
C PHE A 46 2.93 12.05 1.08
N THR A 47 1.95 12.90 0.76
CA THR A 47 0.77 13.06 1.58
C THR A 47 -0.39 12.21 1.04
N SER A 48 -0.36 11.91 -0.25
CA SER A 48 -1.40 11.12 -0.88
C SER A 48 -0.86 9.76 -1.32
N LEU A 49 -1.71 8.74 -1.26
CA LEU A 49 -1.31 7.40 -1.65
C LEU A 49 -1.03 7.32 -3.15
N GLN A 50 -1.75 8.14 -3.92
CA GLN A 50 -1.58 8.17 -5.36
C GLN A 50 -0.11 8.40 -5.74
N LEU A 51 0.62 9.07 -4.87
CA LEU A 51 2.03 9.35 -5.11
C LEU A 51 2.90 8.22 -4.58
N VAL A 52 2.40 7.51 -3.57
CA VAL A 52 3.14 6.41 -2.97
C VAL A 52 3.00 5.14 -3.80
N THR A 53 1.91 5.05 -4.57
CA THR A 53 1.67 3.89 -5.41
C THR A 53 2.72 3.78 -6.51
N GLN A 54 3.33 4.91 -6.87
CA GLN A 54 4.36 4.92 -7.90
C GLN A 54 5.75 5.03 -7.28
N MET A 55 5.88 4.55 -6.06
CA MET A 55 7.16 4.59 -5.36
C MET A 55 7.85 3.23 -5.41
N THR A 56 8.99 3.12 -4.74
CA THR A 56 9.75 1.88 -4.71
C THR A 56 10.51 1.72 -3.40
N SER A 57 11.13 0.56 -3.22
CA SER A 57 11.89 0.28 -2.01
C SER A 57 12.88 1.40 -1.73
N GLU A 58 13.37 2.03 -2.79
CA GLU A 58 14.33 3.11 -2.65
C GLU A 58 13.74 4.29 -1.90
N ASP A 59 12.53 4.68 -2.29
CA ASP A 59 11.84 5.79 -1.65
C ASP A 59 11.78 5.61 -0.13
N LEU A 60 11.68 4.35 0.30
CA LEU A 60 11.62 4.04 1.72
C LEU A 60 12.95 4.33 2.40
N LEU A 61 14.04 3.94 1.74
CA LEU A 61 15.38 4.16 2.29
C LEU A 61 15.78 5.63 2.17
N ARG A 62 15.09 6.35 1.29
CA ARG A 62 15.38 7.76 1.07
C ARG A 62 14.84 8.60 2.23
N ILE A 63 13.65 8.26 2.71
CA ILE A 63 13.04 8.99 3.81
C ILE A 63 13.63 8.56 5.15
N GLY A 64 14.11 7.32 5.20
CA GLY A 64 14.70 6.81 6.43
C GLY A 64 14.44 5.33 6.63
N ILE A 65 13.26 4.88 6.22
CA ILE A 65 12.90 3.47 6.36
C ILE A 65 13.96 2.57 5.76
N THR A 66 14.77 1.96 6.62
CA THR A 66 15.84 1.07 6.17
C THR A 66 15.70 -0.31 6.82
N LEU A 67 14.53 -0.59 7.38
CA LEU A 67 14.27 -1.87 8.03
C LEU A 67 13.92 -2.94 7.00
N ALA A 68 14.78 -3.94 6.87
CA ALA A 68 14.54 -5.03 5.93
C ALA A 68 13.24 -5.75 6.24
N GLY A 69 12.88 -5.81 7.52
CA GLY A 69 11.66 -6.48 7.92
C GLY A 69 10.43 -5.62 7.73
N HIS A 70 10.64 -4.31 7.62
CA HIS A 70 9.54 -3.36 7.43
C HIS A 70 9.28 -3.13 5.95
N GLN A 71 10.35 -2.95 5.19
CA GLN A 71 10.24 -2.72 3.75
C GLN A 71 9.45 -3.84 3.07
N LYS A 72 9.68 -5.07 3.51
CA LYS A 72 8.99 -6.22 2.95
C LYS A 72 7.48 -6.05 3.04
N LYS A 73 7.04 -5.25 4.01
CA LYS A 73 5.61 -5.00 4.21
C LYS A 73 5.13 -3.86 3.31
N ILE A 74 5.84 -2.74 3.37
CA ILE A 74 5.48 -1.57 2.57
C ILE A 74 5.38 -1.94 1.09
N LEU A 75 6.48 -2.41 0.52
CA LEU A 75 6.50 -2.80 -0.89
C LEU A 75 5.38 -3.77 -1.19
N ASN A 76 5.22 -4.78 -0.35
CA ASN A 76 4.18 -5.78 -0.53
C ASN A 76 2.81 -5.12 -0.66
N SER A 77 2.67 -3.95 -0.06
CA SER A 77 1.40 -3.22 -0.10
C SER A 77 1.35 -2.30 -1.32
N ILE A 78 2.38 -1.49 -1.49
CA ILE A 78 2.45 -0.57 -2.61
C ILE A 78 2.22 -1.29 -3.93
N HIS A 79 2.85 -2.46 -4.09
CA HIS A 79 2.72 -3.25 -5.30
C HIS A 79 1.26 -3.63 -5.54
N SER A 80 0.53 -3.89 -4.46
CA SER A 80 -0.88 -4.26 -4.55
C SER A 80 -1.76 -3.03 -4.72
N MET A 81 -1.28 -1.89 -4.22
CA MET A 81 -2.02 -0.65 -4.32
C MET A 81 -2.08 -0.16 -5.78
N ARG A 82 -0.91 0.01 -6.39
CA ARG A 82 -0.83 0.46 -7.76
C ARG A 82 -1.71 -0.38 -8.68
N VAL A 83 -1.70 -1.69 -8.45
CA VAL A 83 -2.50 -2.61 -9.25
C VAL A 83 -3.99 -2.30 -9.11
N GLN A 84 -4.44 -2.17 -7.87
CA GLN A 84 -5.85 -1.89 -7.60
C GLN A 84 -6.20 -0.46 -8.00
N ILE A 85 -5.75 0.50 -7.21
CA ILE A 85 -6.01 1.92 -7.48
C ILE A 85 -4.99 2.48 -8.47
N SER A 86 -5.43 3.46 -9.26
CA SER A 86 -4.56 4.08 -10.25
C SER A 86 -5.17 5.37 -10.78
N GLN A 87 -5.84 6.10 -9.89
CA GLN A 87 -6.48 7.36 -10.26
C GLN A 87 -7.57 7.14 -11.31
N SER A 88 -8.24 8.20 -11.70
CA SER A 88 -9.31 8.12 -12.68
C SER A 88 -8.88 8.72 -14.02
N PRO A 89 -9.60 8.35 -15.09
CA PRO A 89 -9.30 8.84 -16.44
C PRO A 89 -9.63 10.32 -16.60
N THR A 90 -8.73 11.18 -16.14
CA THR A 90 -8.92 12.62 -16.24
C THR A 90 -7.73 13.30 -16.89
N ALA A 91 -7.93 14.53 -17.35
CA ALA A 91 -6.87 15.29 -18.00
C ALA A 91 -6.83 16.73 -17.48
N MET A 92 -5.66 17.35 -17.59
CA MET A 92 -5.49 18.74 -17.14
C MET A 92 -4.73 19.56 -18.17
N ALA A 93 -4.53 20.83 -17.88
CA ALA A 93 -3.81 21.72 -18.79
C ALA A 93 -2.57 22.28 -18.11
N SER A 94 -2.03 21.55 -17.14
CA SER A 94 -0.85 21.98 -16.41
C SER A 94 0.19 20.86 -16.35
N GLY A 95 1.21 20.96 -17.19
CA GLY A 95 2.25 19.95 -17.22
C GLY A 95 3.64 20.55 -17.34
N PRO A 96 4.10 21.18 -16.24
CA PRO A 96 5.42 21.81 -16.19
C PRO A 96 6.55 20.79 -16.20
N SER A 97 7.53 21.00 -17.07
CA SER A 97 8.67 20.09 -17.18
C SER A 97 9.43 20.02 -15.85
N SER A 98 9.52 18.81 -15.29
CA SER A 98 10.21 18.61 -14.03
C SER A 98 9.55 19.41 -12.91
N GLY A 99 10.13 19.34 -11.71
CA GLY A 99 9.58 20.06 -10.58
C GLY A 99 10.44 19.90 -9.34
N GLY A 1 -34.75 -9.45 -11.07
CA GLY A 1 -33.34 -9.16 -10.84
C GLY A 1 -32.43 -10.11 -11.60
N SER A 2 -31.13 -9.99 -11.34
CA SER A 2 -30.15 -10.84 -12.00
C SER A 2 -28.92 -11.06 -11.11
N SER A 3 -28.95 -12.12 -10.31
CA SER A 3 -27.85 -12.43 -9.42
C SER A 3 -26.76 -13.21 -10.14
N GLY A 4 -25.51 -12.94 -9.77
CA GLY A 4 -24.39 -13.61 -10.40
C GLY A 4 -23.22 -12.69 -10.66
N SER A 5 -22.75 -12.03 -9.61
CA SER A 5 -21.63 -11.10 -9.72
C SER A 5 -20.82 -11.07 -8.44
N SER A 6 -19.85 -11.98 -8.33
CA SER A 6 -19.00 -12.06 -7.15
C SER A 6 -17.66 -11.38 -7.39
N GLY A 7 -17.36 -10.36 -6.59
CA GLY A 7 -16.11 -9.65 -6.73
C GLY A 7 -15.67 -8.98 -5.45
N SER A 8 -14.67 -8.11 -5.54
CA SER A 8 -14.14 -7.41 -4.37
C SER A 8 -13.68 -8.41 -3.31
N GLN A 9 -12.73 -9.26 -3.69
CA GLN A 9 -12.19 -10.26 -2.77
C GLN A 9 -13.32 -11.13 -2.20
N PRO A 10 -13.93 -11.96 -3.08
CA PRO A 10 -15.01 -12.85 -2.68
C PRO A 10 -14.54 -13.99 -1.78
N LEU A 11 -15.13 -14.10 -0.61
CA LEU A 11 -14.77 -15.15 0.34
C LEU A 11 -13.28 -15.09 0.65
N LEU A 12 -12.80 -16.09 1.41
CA LEU A 12 -11.39 -16.16 1.78
C LEU A 12 -10.59 -16.94 0.75
N ASP A 13 -9.83 -16.23 -0.07
CA ASP A 13 -9.00 -16.87 -1.10
C ASP A 13 -7.59 -17.11 -0.59
N ARG A 14 -6.85 -16.04 -0.36
CA ARG A 14 -5.47 -16.15 0.12
C ARG A 14 -5.25 -15.24 1.33
N SER A 15 -6.32 -14.96 2.06
CA SER A 15 -6.25 -14.11 3.23
C SER A 15 -5.65 -12.75 2.87
N ILE A 16 -6.07 -12.20 1.73
CA ILE A 16 -5.58 -10.91 1.28
C ILE A 16 -6.43 -9.78 1.85
N PRO A 17 -5.75 -8.75 2.36
CA PRO A 17 -6.42 -7.57 2.95
C PRO A 17 -7.11 -6.72 1.89
N ASP A 18 -7.74 -5.64 2.34
CA ASP A 18 -8.45 -4.74 1.44
C ASP A 18 -7.54 -3.60 0.98
N PHE A 19 -7.19 -3.60 -0.30
CA PHE A 19 -6.32 -2.57 -0.86
C PHE A 19 -7.12 -1.32 -1.23
N THR A 20 -8.41 -1.52 -1.53
CA THR A 20 -9.28 -0.41 -1.90
C THR A 20 -10.02 0.14 -0.69
N ALA A 21 -9.32 0.24 0.44
CA ALA A 21 -9.91 0.75 1.66
C ALA A 21 -9.02 1.82 2.30
N PHE A 22 -8.20 2.47 1.48
CA PHE A 22 -7.31 3.51 1.97
C PHE A 22 -7.70 4.88 1.40
N THR A 23 -6.96 5.91 1.79
CA THR A 23 -7.22 7.26 1.33
C THR A 23 -6.02 8.17 1.56
N THR A 24 -5.40 8.04 2.73
CA THR A 24 -4.23 8.84 3.06
C THR A 24 -3.11 7.98 3.65
N VAL A 25 -1.88 8.48 3.54
CA VAL A 25 -0.73 7.76 4.06
C VAL A 25 -0.92 7.37 5.53
N ASP A 26 -1.30 8.35 6.34
CA ASP A 26 -1.53 8.12 7.76
C ASP A 26 -2.50 6.97 7.98
N ASP A 27 -3.42 6.79 7.04
CA ASP A 27 -4.41 5.73 7.14
C ASP A 27 -3.84 4.40 6.64
N TRP A 28 -3.25 4.43 5.45
CA TRP A 28 -2.65 3.23 4.87
C TRP A 28 -1.65 2.59 5.83
N LEU A 29 -0.67 3.38 6.26
CA LEU A 29 0.35 2.91 7.18
C LEU A 29 -0.29 2.32 8.44
N SER A 30 -1.37 2.93 8.89
CA SER A 30 -2.07 2.47 10.08
C SER A 30 -2.78 1.15 9.83
N ALA A 31 -2.96 0.82 8.55
CA ALA A 31 -3.61 -0.43 8.17
C ALA A 31 -2.60 -1.56 8.02
N ILE A 32 -1.32 -1.21 8.09
CA ILE A 32 -0.25 -2.19 7.97
C ILE A 32 0.65 -2.19 9.19
N LYS A 33 0.21 -1.51 10.24
CA LYS A 33 0.97 -1.42 11.48
C LYS A 33 2.26 -0.63 11.27
N MET A 34 2.36 0.05 10.13
CA MET A 34 3.53 0.84 9.82
C MET A 34 3.25 2.34 9.99
N VAL A 35 2.25 2.65 10.81
CA VAL A 35 1.87 4.03 11.06
C VAL A 35 3.05 4.82 11.62
N GLN A 36 4.00 4.11 12.21
CA GLN A 36 5.17 4.75 12.80
C GLN A 36 5.90 5.62 11.77
N TYR A 37 5.73 5.28 10.50
CA TYR A 37 6.35 6.03 9.42
C TYR A 37 5.37 7.00 8.77
N ARG A 38 4.39 7.44 9.56
CA ARG A 38 3.39 8.37 9.06
C ARG A 38 3.97 9.76 8.87
N ASP A 39 5.04 10.06 9.62
CA ASP A 39 5.70 11.36 9.52
C ASP A 39 6.78 11.34 8.45
N SER A 40 7.36 10.16 8.23
CA SER A 40 8.42 10.01 7.24
C SER A 40 7.89 10.34 5.83
N PHE A 41 6.71 9.83 5.52
CA PHE A 41 6.09 10.08 4.21
C PHE A 41 5.51 11.48 4.14
N LEU A 42 4.89 11.92 5.22
CA LEU A 42 4.28 13.25 5.28
C LEU A 42 5.33 14.32 5.01
N THR A 43 6.37 14.35 5.82
CA THR A 43 7.44 15.34 5.67
C THR A 43 8.16 15.17 4.32
N ALA A 44 8.20 13.93 3.84
CA ALA A 44 8.86 13.64 2.57
C ALA A 44 8.11 14.26 1.41
N GLY A 45 6.83 14.58 1.64
CA GLY A 45 6.02 15.18 0.60
C GLY A 45 4.89 14.27 0.14
N PHE A 46 5.00 12.99 0.46
CA PHE A 46 3.98 12.01 0.09
C PHE A 46 2.80 12.05 1.06
N THR A 47 1.85 12.93 0.78
CA THR A 47 0.67 13.07 1.62
C THR A 47 -0.49 12.24 1.09
N SER A 48 -0.47 11.98 -0.21
CA SER A 48 -1.54 11.20 -0.85
C SER A 48 -1.00 9.85 -1.33
N LEU A 49 -1.78 8.80 -1.11
CA LEU A 49 -1.38 7.46 -1.52
C LEU A 49 -1.13 7.40 -3.02
N GLN A 50 -1.82 8.25 -3.76
CA GLN A 50 -1.68 8.30 -5.22
C GLN A 50 -0.21 8.48 -5.60
N LEU A 51 0.56 9.11 -4.73
CA LEU A 51 1.97 9.35 -4.98
C LEU A 51 2.83 8.20 -4.44
N VAL A 52 2.30 7.52 -3.43
CA VAL A 52 3.01 6.39 -2.83
C VAL A 52 2.95 5.15 -3.73
N THR A 53 1.88 5.05 -4.50
CA THR A 53 1.70 3.92 -5.40
C THR A 53 2.80 3.86 -6.44
N GLN A 54 3.41 5.02 -6.72
CA GLN A 54 4.48 5.10 -7.71
C GLN A 54 5.84 5.15 -7.02
N MET A 55 5.91 4.61 -5.81
CA MET A 55 7.15 4.59 -5.05
C MET A 55 7.79 3.20 -5.05
N THR A 56 9.04 3.12 -4.63
CA THR A 56 9.75 1.85 -4.59
C THR A 56 10.54 1.70 -3.30
N SER A 57 11.12 0.52 -3.10
CA SER A 57 11.90 0.25 -1.90
C SER A 57 12.95 1.33 -1.68
N GLU A 58 13.57 1.79 -2.76
CA GLU A 58 14.59 2.82 -2.69
C GLU A 58 14.04 4.09 -2.05
N ASP A 59 12.81 4.44 -2.42
CA ASP A 59 12.17 5.64 -1.88
C ASP A 59 12.04 5.54 -0.36
N LEU A 60 11.82 4.34 0.13
CA LEU A 60 11.68 4.11 1.57
C LEU A 60 13.00 4.38 2.30
N LEU A 61 14.10 4.04 1.65
CA LEU A 61 15.43 4.24 2.22
C LEU A 61 15.84 5.71 2.14
N ARG A 62 15.18 6.46 1.28
CA ARG A 62 15.47 7.87 1.10
C ARG A 62 14.87 8.69 2.24
N ILE A 63 13.68 8.31 2.68
CA ILE A 63 13.00 9.00 3.77
C ILE A 63 13.55 8.58 5.13
N GLY A 64 14.07 7.36 5.19
CA GLY A 64 14.63 6.85 6.44
C GLY A 64 14.41 5.37 6.60
N ILE A 65 13.26 4.88 6.15
CA ILE A 65 12.93 3.46 6.26
C ILE A 65 14.01 2.60 5.63
N THR A 66 14.87 2.03 6.45
CA THR A 66 15.95 1.19 5.97
C THR A 66 15.86 -0.21 6.57
N LEU A 67 14.72 -0.53 7.17
CA LEU A 67 14.51 -1.83 7.79
C LEU A 67 14.12 -2.87 6.74
N ALA A 68 14.86 -3.97 6.72
CA ALA A 68 14.59 -5.05 5.77
C ALA A 68 13.29 -5.78 6.11
N GLY A 69 12.98 -5.85 7.40
CA GLY A 69 11.76 -6.51 7.84
C GLY A 69 10.54 -5.65 7.67
N HIS A 70 10.74 -4.34 7.56
CA HIS A 70 9.64 -3.40 7.40
C HIS A 70 9.34 -3.18 5.92
N GLN A 71 10.38 -2.97 5.13
CA GLN A 71 10.23 -2.74 3.69
C GLN A 71 9.42 -3.86 3.05
N LYS A 72 9.65 -5.09 3.51
CA LYS A 72 8.95 -6.25 2.98
C LYS A 72 7.44 -6.07 3.10
N LYS A 73 7.02 -5.26 4.07
CA LYS A 73 5.60 -5.00 4.29
C LYS A 73 5.11 -3.88 3.39
N ILE A 74 5.80 -2.74 3.43
CA ILE A 74 5.44 -1.59 2.63
C ILE A 74 5.32 -1.96 1.15
N LEU A 75 6.43 -2.43 0.57
CA LEU A 75 6.45 -2.83 -0.82
C LEU A 75 5.34 -3.83 -1.13
N ASN A 76 5.14 -4.78 -0.22
CA ASN A 76 4.10 -5.79 -0.38
C ASN A 76 2.73 -5.14 -0.52
N SER A 77 2.57 -3.95 0.04
CA SER A 77 1.31 -3.23 -0.02
C SER A 77 1.27 -2.31 -1.24
N ILE A 78 2.33 -1.53 -1.42
CA ILE A 78 2.41 -0.61 -2.55
C ILE A 78 2.21 -1.33 -3.88
N HIS A 79 2.90 -2.46 -4.04
CA HIS A 79 2.78 -3.26 -5.25
C HIS A 79 1.34 -3.63 -5.53
N SER A 80 0.59 -3.90 -4.46
CA SER A 80 -0.82 -4.28 -4.59
C SER A 80 -1.70 -3.05 -4.76
N MET A 81 -1.23 -1.92 -4.25
CA MET A 81 -1.98 -0.67 -4.35
C MET A 81 -2.00 -0.16 -5.78
N ARG A 82 -0.82 0.01 -6.37
CA ARG A 82 -0.71 0.49 -7.73
C ARG A 82 -1.57 -0.35 -8.68
N VAL A 83 -1.57 -1.65 -8.48
CA VAL A 83 -2.35 -2.56 -9.31
C VAL A 83 -3.83 -2.26 -9.21
N GLN A 84 -4.31 -2.02 -7.98
CA GLN A 84 -5.71 -1.71 -7.75
C GLN A 84 -6.02 -0.27 -8.15
N ILE A 85 -5.59 0.66 -7.33
CA ILE A 85 -5.82 2.08 -7.59
C ILE A 85 -4.78 2.64 -8.56
N SER A 86 -5.18 3.63 -9.35
CA SER A 86 -4.29 4.24 -10.32
C SER A 86 -4.98 5.41 -11.03
N GLN A 87 -4.28 6.54 -11.10
CA GLN A 87 -4.82 7.72 -11.75
C GLN A 87 -3.99 8.12 -12.97
N SER A 88 -4.59 7.99 -14.15
CA SER A 88 -3.89 8.32 -15.40
C SER A 88 -4.81 8.15 -16.59
N PRO A 89 -4.45 8.79 -17.72
CA PRO A 89 -5.23 8.72 -18.95
C PRO A 89 -5.18 7.34 -19.60
N THR A 90 -4.01 6.71 -19.53
CA THR A 90 -3.82 5.39 -20.12
C THR A 90 -4.55 4.32 -19.30
N ALA A 91 -5.07 3.31 -20.00
CA ALA A 91 -5.79 2.22 -19.34
C ALA A 91 -5.23 0.87 -19.76
N MET A 92 -4.28 0.36 -18.97
CA MET A 92 -3.66 -0.94 -19.25
C MET A 92 -4.65 -2.08 -19.00
N ALA A 93 -5.07 -2.22 -17.76
CA ALA A 93 -6.02 -3.27 -17.38
C ALA A 93 -5.46 -4.65 -17.72
N SER A 94 -4.13 -4.75 -17.74
CA SER A 94 -3.47 -6.02 -18.05
C SER A 94 -3.92 -6.55 -19.42
N GLY A 95 -3.61 -5.78 -20.47
CA GLY A 95 -3.97 -6.19 -21.80
C GLY A 95 -3.06 -7.26 -22.37
N PRO A 96 -1.83 -6.86 -22.74
CA PRO A 96 -0.84 -7.78 -23.30
C PRO A 96 -0.31 -8.75 -22.25
N SER A 97 -0.92 -9.94 -22.19
CA SER A 97 -0.51 -10.95 -21.23
C SER A 97 0.35 -12.01 -21.91
N SER A 98 -0.14 -12.56 -23.01
CA SER A 98 0.58 -13.59 -23.75
C SER A 98 0.34 -13.44 -25.25
N GLY A 99 1.42 -13.24 -25.99
CA GLY A 99 1.31 -13.09 -27.44
C GLY A 99 0.36 -11.97 -27.83
#